data_8SX6
# 
_entry.id   8SX6 
# 
_audit_conform.dict_name       mmcif_pdbx.dic 
_audit_conform.dict_version    5.397 
_audit_conform.dict_location   http://mmcif.pdb.org/dictionaries/ascii/mmcif_pdbx.dic 
# 
loop_
_database_2.database_id 
_database_2.database_code 
_database_2.pdbx_database_accession 
_database_2.pdbx_DOI 
PDB   8SX6         pdb_00008sx6 10.2210/pdb8sx6/pdb 
WWPDB D_1000274632 ?            ?                   
# 
loop_
_pdbx_audit_revision_history.ordinal 
_pdbx_audit_revision_history.data_content_type 
_pdbx_audit_revision_history.major_revision 
_pdbx_audit_revision_history.minor_revision 
_pdbx_audit_revision_history.revision_date 
1 'Structure model' 1 0 2023-05-31 
2 'Structure model' 1 1 2023-10-25 
3 'Structure model' 1 2 2023-12-13 
4 'Structure model' 2 0 2024-10-16 
# 
_pdbx_audit_revision_details.ordinal             1 
_pdbx_audit_revision_details.revision_ordinal    1 
_pdbx_audit_revision_details.data_content_type   'Structure model' 
_pdbx_audit_revision_details.provider            repository 
_pdbx_audit_revision_details.type                'Initial release' 
_pdbx_audit_revision_details.description         ? 
_pdbx_audit_revision_details.details             ? 
# 
loop_
_pdbx_audit_revision_group.ordinal 
_pdbx_audit_revision_group.revision_ordinal 
_pdbx_audit_revision_group.data_content_type 
_pdbx_audit_revision_group.group 
1 2 'Structure model' 'Data collection'         
2 2 'Structure model' 'Refinement description'  
3 3 'Structure model' 'Database references'     
4 4 'Structure model' 'Atomic model'            
5 4 'Structure model' 'Data collection'         
6 4 'Structure model' 'Derived calculations'    
7 4 'Structure model' 'Non-polymer description' 
8 4 'Structure model' 'Structure summary'       
# 
loop_
_pdbx_audit_revision_category.ordinal 
_pdbx_audit_revision_category.revision_ordinal 
_pdbx_audit_revision_category.data_content_type 
_pdbx_audit_revision_category.category 
1  2 'Structure model' chem_comp_atom                
2  2 'Structure model' chem_comp_bond                
3  2 'Structure model' pdbx_initial_refinement_model 
4  3 'Structure model' citation                      
5  3 'Structure model' citation_author               
6  4 'Structure model' atom_site                     
7  4 'Structure model' chem_comp                     
8  4 'Structure model' chem_comp_atom                
9  4 'Structure model' chem_comp_bond                
10 4 'Structure model' pdbx_entity_nonpoly           
11 4 'Structure model' pdbx_entry_details            
12 4 'Structure model' pdbx_nonpoly_scheme           
# 
loop_
_pdbx_audit_revision_item.ordinal 
_pdbx_audit_revision_item.revision_ordinal 
_pdbx_audit_revision_item.data_content_type 
_pdbx_audit_revision_item.item 
1  2 'Structure model' '_pdbx_initial_refinement_model.details'       
2  3 'Structure model' '_citation.country'                            
3  3 'Structure model' '_citation.journal_abbrev'                     
4  3 'Structure model' '_citation.journal_id_CSD'                     
5  3 'Structure model' '_citation.journal_id_ISSN'                    
6  3 'Structure model' '_citation.journal_volume'                     
7  3 'Structure model' '_citation.page_first'                         
8  3 'Structure model' '_citation.page_last'                          
9  3 'Structure model' '_citation.pdbx_database_id_DOI'               
10 3 'Structure model' '_citation.pdbx_database_id_PubMed'            
11 3 'Structure model' '_citation.title'                              
12 3 'Structure model' '_citation.year'                               
13 4 'Structure model' '_atom_site.B_iso_or_equiv'                    
14 4 'Structure model' '_atom_site.Cartn_x'                           
15 4 'Structure model' '_atom_site.Cartn_y'                           
16 4 'Structure model' '_atom_site.Cartn_z'                           
17 4 'Structure model' '_atom_site.auth_atom_id'                      
18 4 'Structure model' '_atom_site.auth_comp_id'                      
19 4 'Structure model' '_atom_site.label_atom_id'                     
20 4 'Structure model' '_atom_site.label_comp_id'                     
21 4 'Structure model' '_atom_site.type_symbol'                       
22 4 'Structure model' '_chem_comp.formula'                           
23 4 'Structure model' '_chem_comp.formula_weight'                    
24 4 'Structure model' '_chem_comp.id'                                
25 4 'Structure model' '_chem_comp.mon_nstd_flag'                     
26 4 'Structure model' '_chem_comp.name'                              
27 4 'Structure model' '_chem_comp.type'                              
28 4 'Structure model' '_pdbx_entity_nonpoly.comp_id'                 
29 4 'Structure model' '_pdbx_entry_details.has_protein_modification' 
30 4 'Structure model' '_pdbx_nonpoly_scheme.auth_seq_num'            
31 4 'Structure model' '_pdbx_nonpoly_scheme.mon_id'                  
32 4 'Structure model' '_pdbx_nonpoly_scheme.pdb_mon_id'              
# 
_pdbx_database_status.status_code                     REL 
_pdbx_database_status.status_code_sf                  REL 
_pdbx_database_status.status_code_mr                  ? 
_pdbx_database_status.entry_id                        8SX6 
_pdbx_database_status.recvd_initial_deposition_date   2023-05-19 
_pdbx_database_status.SG_entry                        N 
_pdbx_database_status.deposit_site                    RCSB 
_pdbx_database_status.process_site                    RCSB 
_pdbx_database_status.status_code_cs                  ? 
_pdbx_database_status.status_code_nmr_data            ? 
_pdbx_database_status.methods_development_category    ? 
_pdbx_database_status.pdb_format_compatible           Y 
# 
_pdbx_contact_author.id                 2 
_pdbx_contact_author.email              wz15@iu.edu 
_pdbx_contact_author.name_first         Wen 
_pdbx_contact_author.name_last          Zhang 
_pdbx_contact_author.name_mi            ? 
_pdbx_contact_author.role               'principal investigator/group leader' 
_pdbx_contact_author.identifier_ORCID   0000-0003-4811-4384 
# 
loop_
_audit_author.name 
_audit_author.pdbx_ordinal 
_audit_author.identifier_ORCID 
'Zhang, W.'  1 0000-0003-4811-4384 
'Dantsu, Y.' 2 0000-0001-6774-8724 
# 
_citation.abstract                  ? 
_citation.abstract_id_CAS           ? 
_citation.book_id_ISBN              ? 
_citation.book_publisher            ? 
_citation.book_publisher_city       ? 
_citation.book_title                ? 
_citation.coordinate_linkage        ? 
_citation.country                   UK 
_citation.database_id_Medline       ? 
_citation.details                   ? 
_citation.id                        primary 
_citation.journal_abbrev            'Rsc Chem Biol' 
_citation.journal_id_ASTM           ? 
_citation.journal_id_CSD            ? 
_citation.journal_id_ISSN           2633-0679 
_citation.journal_full              ? 
_citation.journal_issue             ? 
_citation.journal_volume            4 
_citation.language                  ? 
_citation.page_first                942 
_citation.page_last                 951 
_citation.title                     
'Insight into the structures of unusual base pairs in RNA complexes containing a primer/template/adenosine ligand.' 
_citation.year                      2023 
_citation.database_id_CSD           ? 
_citation.pdbx_database_id_DOI      10.1039/d3cb00137g 
_citation.pdbx_database_id_PubMed   37920395 
_citation.pdbx_database_id_patent   ? 
_citation.unpublished_flag          ? 
# 
loop_
_citation_author.citation_id 
_citation_author.name 
_citation_author.ordinal 
_citation_author.identifier_ORCID 
primary 'Dantsu, Y.' 1 0000-0001-6774-8724 
primary 'Zhang, Y.'  2 ?                   
primary 'Zhang, W.'  3 0000-0003-4811-4384 
# 
loop_
_entity.id 
_entity.type 
_entity.src_method 
_entity.pdbx_description 
_entity.formula_weight 
_entity.pdbx_number_of_molecules 
_entity.pdbx_ec 
_entity.pdbx_mutation 
_entity.pdbx_fragment 
_entity.details 
1 polymer     syn 
;RNA (5'-R(*(TLN)P*(LCC)P*(LCC)P*(LCG)P*AP*CP*UP*UP*AP*AP*GP*UP*CP*GP*G)-3')
;
4513.789 2  ? ? ? ? 
2 non-polymer syn 'MAGNESIUM ION'                                                               24.305   2  ? ? ? ? 
3 non-polymer syn "GUANOSINE-5'-MONOPHOSPHATE"                                                  363.221  2  ? ? ? ? 
4 non-polymer syn 'ADENOSINE MONOPHOSPHATE'                                                     347.221  1  ? ? ? ? 
5 water       nat water                                                                         18.015   69 ? ? ? ? 
# 
_entity_poly.entity_id                      1 
_entity_poly.type                           polyribonucleotide 
_entity_poly.nstd_linkage                   no 
_entity_poly.nstd_monomer                   yes 
_entity_poly.pdbx_seq_one_letter_code       '(TLN)(LCC)(LCC)(LCG)ACUUAAGUCG' 
_entity_poly.pdbx_seq_one_letter_code_can   UNNGACUUAAGUCG 
_entity_poly.pdbx_strand_id                 A,B 
_entity_poly.pdbx_target_identifier         ? 
# 
loop_
_pdbx_entity_nonpoly.entity_id 
_pdbx_entity_nonpoly.name 
_pdbx_entity_nonpoly.comp_id 
2 'MAGNESIUM ION'              MG  
3 "GUANOSINE-5'-MONOPHOSPHATE" 5GP 
4 'ADENOSINE MONOPHOSPHATE'    AMP 
5 water                        HOH 
# 
loop_
_entity_poly_seq.entity_id 
_entity_poly_seq.num 
_entity_poly_seq.mon_id 
_entity_poly_seq.hetero 
1 1  TLN n 
1 2  LCC n 
1 3  LCC n 
1 4  LCG n 
1 5  A   n 
1 6  C   n 
1 7  U   n 
1 8  U   n 
1 9  A   n 
1 10 A   n 
1 11 G   n 
1 12 U   n 
1 13 C   n 
1 14 G   n 
# 
_pdbx_entity_src_syn.entity_id              1 
_pdbx_entity_src_syn.pdbx_src_id            1 
_pdbx_entity_src_syn.pdbx_alt_source_flag   sample 
_pdbx_entity_src_syn.pdbx_beg_seq_num       1 
_pdbx_entity_src_syn.pdbx_end_seq_num       14 
_pdbx_entity_src_syn.organism_scientific    'synthetic construct' 
_pdbx_entity_src_syn.organism_common_name   ? 
_pdbx_entity_src_syn.ncbi_taxonomy_id       32630 
_pdbx_entity_src_syn.details                ? 
# 
loop_
_chem_comp.id 
_chem_comp.type 
_chem_comp.mon_nstd_flag 
_chem_comp.name 
_chem_comp.pdbx_synonyms 
_chem_comp.formula 
_chem_comp.formula_weight 
5GP non-polymer   . "GUANOSINE-5'-MONOPHOSPHATE" ? 'C10 H14 N5 O8 P' 363.221 
A   'RNA linking' y "ADENOSINE-5'-MONOPHOSPHATE" ? 'C10 H14 N5 O7 P' 347.221 
AMP non-polymer   . 'ADENOSINE MONOPHOSPHATE' ? 'C10 H14 N5 O7 P' 347.221 
C   'RNA linking' y "CYTIDINE-5'-MONOPHOSPHATE" ? 'C9 H14 N3 O8 P'  323.197 
G   'RNA linking' y "GUANOSINE-5'-MONOPHOSPHATE" ? 'C10 H14 N5 O8 P' 363.221 
HOH non-polymer   . WATER ? 'H2 O'            18.015  
LCC 'RNA linking' . 
'[(1R,3R,4R,7S)-7-HYDROXY-3-(5-METHYLCYTOSIN-1-YL)-2,5-DIOXABICYCLO[2.2.1]HEPT-1-YL]METHYL DIHYDROGEN PHOSPHATE' ? 
'C11 H16 N3 O8 P' 349.234 
LCG 'RNA linking' n '[(1R,3R,4R,7S)-7-HYDROXY-3-(GUANIN-9-YL)-2,5-DIOXABICYCLO[2.2.1]HEPT-1-YL]METHYL DIHYDROGEN PHOSPHATE' ? 
'C11 H14 N5 O8 P' 375.231 
MG  non-polymer   . 'MAGNESIUM ION' ? 'Mg 2'            24.305  
TLN 'RNA linking' n '[(1R,3R,4R,7S)-7-HYDROXY-3-(THYMIN-1-YL)-2,5-DIOXABICYCLO[2.2.1]HEPT-1-YL]METHYL DIHYDROGEN PHOSPHATE' ? 
'C11 H15 N2 O9 P' 350.219 
U   'RNA linking' y "URIDINE-5'-MONOPHOSPHATE" ? 'C9 H13 N2 O9 P'  324.181 
# 
loop_
_pdbx_poly_seq_scheme.asym_id 
_pdbx_poly_seq_scheme.entity_id 
_pdbx_poly_seq_scheme.seq_id 
_pdbx_poly_seq_scheme.mon_id 
_pdbx_poly_seq_scheme.ndb_seq_num 
_pdbx_poly_seq_scheme.pdb_seq_num 
_pdbx_poly_seq_scheme.auth_seq_num 
_pdbx_poly_seq_scheme.pdb_mon_id 
_pdbx_poly_seq_scheme.auth_mon_id 
_pdbx_poly_seq_scheme.pdb_strand_id 
_pdbx_poly_seq_scheme.pdb_ins_code 
_pdbx_poly_seq_scheme.hetero 
A 1 1  TLN 1  1  1  TLN TLN A . n 
A 1 2  LCC 2  2  2  LCC LCC A . n 
A 1 3  LCC 3  3  3  LCC LCC A . n 
A 1 4  LCG 4  4  4  LCG LCG A . n 
A 1 5  A   5  5  5  A   A   A . n 
A 1 6  C   6  6  6  C   C   A . n 
A 1 7  U   7  7  7  U   U   A . n 
A 1 8  U   8  8  8  U   U   A . n 
A 1 9  A   9  9  9  A   A   A . n 
A 1 10 A   10 10 10 A   A   A . n 
A 1 11 G   11 11 11 G   G   A . n 
A 1 12 U   12 12 12 U   U   A . n 
A 1 13 C   13 13 13 C   C   A . n 
A 1 14 G   14 14 14 G   G   A . n 
B 1 1  TLN 1  1  1  TLN TLN B . n 
B 1 2  LCC 2  2  2  LCC LCC B . n 
B 1 3  LCC 3  3  3  LCC LCC B . n 
B 1 4  LCG 4  4  4  LCG LCG B . n 
B 1 5  A   5  5  5  A   A   B . n 
B 1 6  C   6  6  6  C   C   B . n 
B 1 7  U   7  7  7  U   U   B . n 
B 1 8  U   8  8  8  U   U   B . n 
B 1 9  A   9  9  9  A   A   B . n 
B 1 10 A   10 10 10 A   A   B . n 
B 1 11 G   11 11 11 G   G   B . n 
B 1 12 U   12 12 12 U   U   B . n 
B 1 13 C   13 13 13 C   C   B . n 
B 1 14 G   14 14 14 G   G   B . n 
# 
loop_
_pdbx_entity_instance_feature.ordinal 
_pdbx_entity_instance_feature.comp_id 
_pdbx_entity_instance_feature.asym_id 
_pdbx_entity_instance_feature.seq_num 
_pdbx_entity_instance_feature.auth_comp_id 
_pdbx_entity_instance_feature.auth_asym_id 
_pdbx_entity_instance_feature.auth_seq_num 
_pdbx_entity_instance_feature.feature_type 
_pdbx_entity_instance_feature.details 
1 LCC ? ? LCC ? ? 'SUBJECT OF INVESTIGATION' ? 
2 LCG ? ? LCG ? ? 'SUBJECT OF INVESTIGATION' ? 
3 TLN ? ? TLN ? ? 'SUBJECT OF INVESTIGATION' ? 
# 
loop_
_pdbx_nonpoly_scheme.asym_id 
_pdbx_nonpoly_scheme.entity_id 
_pdbx_nonpoly_scheme.mon_id 
_pdbx_nonpoly_scheme.ndb_seq_num 
_pdbx_nonpoly_scheme.pdb_seq_num 
_pdbx_nonpoly_scheme.auth_seq_num 
_pdbx_nonpoly_scheme.pdb_mon_id 
_pdbx_nonpoly_scheme.auth_mon_id 
_pdbx_nonpoly_scheme.pdb_strand_id 
_pdbx_nonpoly_scheme.pdb_ins_code 
C 2 MG  1  101 2   MG  MG  A . 
D 3 5GP 1  101 101 5GP G   B . 
E 4 AMP 1  102 101 AMP A   B . 
F 3 5GP 1  103 102 5GP G   B . 
G 2 MG  1  104 1   MG  MG  B . 
H 5 HOH 1  201 14  HOH HOH A . 
H 5 HOH 2  202 69  HOH HOH A . 
H 5 HOH 3  203 27  HOH HOH A . 
H 5 HOH 4  204 58  HOH HOH A . 
H 5 HOH 5  205 72  HOH HOH A . 
H 5 HOH 6  206 73  HOH HOH A . 
H 5 HOH 7  207 10  HOH HOH A . 
H 5 HOH 8  208 40  HOH HOH A . 
H 5 HOH 9  209 24  HOH HOH A . 
H 5 HOH 10 210 45  HOH HOH A . 
H 5 HOH 11 211 37  HOH HOH A . 
H 5 HOH 12 212 2   HOH HOH A . 
H 5 HOH 13 213 50  HOH HOH A . 
H 5 HOH 14 214 36  HOH HOH A . 
H 5 HOH 15 215 61  HOH HOH A . 
H 5 HOH 16 216 18  HOH HOH A . 
H 5 HOH 17 217 51  HOH HOH A . 
H 5 HOH 18 218 7   HOH HOH A . 
H 5 HOH 19 219 52  HOH HOH A . 
H 5 HOH 20 220 19  HOH HOH A . 
H 5 HOH 21 221 15  HOH HOH A . 
H 5 HOH 22 222 26  HOH HOH A . 
H 5 HOH 23 223 25  HOH HOH A . 
H 5 HOH 24 224 39  HOH HOH A . 
H 5 HOH 25 225 11  HOH HOH A . 
H 5 HOH 26 226 1   HOH HOH A . 
H 5 HOH 27 227 68  HOH HOH A . 
H 5 HOH 28 228 17  HOH HOH A . 
H 5 HOH 29 229 53  HOH HOH A . 
H 5 HOH 30 230 23  HOH HOH A . 
H 5 HOH 31 231 9   HOH HOH A . 
H 5 HOH 32 232 33  HOH HOH A . 
H 5 HOH 33 233 38  HOH HOH A . 
H 5 HOH 34 234 6   HOH HOH A . 
H 5 HOH 35 235 22  HOH HOH A . 
H 5 HOH 36 236 56  HOH HOH A . 
I 5 HOH 1  201 28  HOH HOH B . 
I 5 HOH 2  202 48  HOH HOH B . 
I 5 HOH 3  203 20  HOH HOH B . 
I 5 HOH 4  204 29  HOH HOH B . 
I 5 HOH 5  205 35  HOH HOH B . 
I 5 HOH 6  206 43  HOH HOH B . 
I 5 HOH 7  207 57  HOH HOH B . 
I 5 HOH 8  208 21  HOH HOH B . 
I 5 HOH 9  209 60  HOH HOH B . 
I 5 HOH 10 210 62  HOH HOH B . 
I 5 HOH 11 211 31  HOH HOH B . 
I 5 HOH 12 212 49  HOH HOH B . 
I 5 HOH 13 213 42  HOH HOH B . 
I 5 HOH 14 214 5   HOH HOH B . 
I 5 HOH 15 215 66  HOH HOH B . 
I 5 HOH 16 216 30  HOH HOH B . 
I 5 HOH 17 217 71  HOH HOH B . 
I 5 HOH 18 218 16  HOH HOH B . 
I 5 HOH 19 219 44  HOH HOH B . 
I 5 HOH 20 220 4   HOH HOH B . 
I 5 HOH 21 221 13  HOH HOH B . 
I 5 HOH 22 222 47  HOH HOH B . 
I 5 HOH 23 223 67  HOH HOH B . 
I 5 HOH 24 224 41  HOH HOH B . 
I 5 HOH 25 225 64  HOH HOH B . 
I 5 HOH 26 226 34  HOH HOH B . 
I 5 HOH 27 227 63  HOH HOH B . 
I 5 HOH 28 228 8   HOH HOH B . 
I 5 HOH 29 229 3   HOH HOH B . 
I 5 HOH 30 230 54  HOH HOH B . 
I 5 HOH 31 231 59  HOH HOH B . 
I 5 HOH 32 232 12  HOH HOH B . 
I 5 HOH 33 233 32  HOH HOH B . 
# 
loop_
_software.citation_id 
_software.classification 
_software.compiler_name 
_software.compiler_version 
_software.contact_author 
_software.contact_author_email 
_software.date 
_software.description 
_software.dependencies 
_software.hardware 
_software.language 
_software.location 
_software.mods 
_software.name 
_software.os 
_software.os_version 
_software.type 
_software.version 
_software.pdbx_ordinal 
? refinement       ? ? ? ? ? ? ? ? ? ? ? REFMAC   ? ? ? 5.8.0267 1 
? 'data reduction' ? ? ? ? ? ? ? ? ? ? ? HKL-2000 ? ? ? .        2 
? 'data scaling'   ? ? ? ? ? ? ? ? ? ? ? HKL-2000 ? ? ? .        3 
? phasing          ? ? ? ? ? ? ? ? ? ? ? PHASER   ? ? ? .        4 
# 
_cell.angle_alpha                  90.00 
_cell.angle_alpha_esd              ? 
_cell.angle_beta                   90.00 
_cell.angle_beta_esd               ? 
_cell.angle_gamma                  120.00 
_cell.angle_gamma_esd              ? 
_cell.entry_id                     8SX6 
_cell.details                      ? 
_cell.formula_units_Z              ? 
_cell.length_a                     43.526 
_cell.length_a_esd                 ? 
_cell.length_b                     43.526 
_cell.length_b_esd                 ? 
_cell.length_c                     80.139 
_cell.length_c_esd                 ? 
_cell.volume                       ? 
_cell.volume_esd                   ? 
_cell.Z_PDB                        12 
_cell.reciprocal_angle_alpha       ? 
_cell.reciprocal_angle_beta        ? 
_cell.reciprocal_angle_gamma       ? 
_cell.reciprocal_angle_alpha_esd   ? 
_cell.reciprocal_angle_beta_esd    ? 
_cell.reciprocal_angle_gamma_esd   ? 
_cell.reciprocal_length_a          ? 
_cell.reciprocal_length_b          ? 
_cell.reciprocal_length_c          ? 
_cell.reciprocal_length_a_esd      ? 
_cell.reciprocal_length_b_esd      ? 
_cell.reciprocal_length_c_esd      ? 
_cell.pdbx_unique_axis             ? 
_cell.pdbx_esd_method              ? 
# 
_symmetry.entry_id                         8SX6 
_symmetry.cell_setting                     ? 
_symmetry.Int_Tables_number                150 
_symmetry.space_group_name_Hall            ? 
_symmetry.space_group_name_H-M             'P 3 2 1' 
_symmetry.pdbx_full_space_group_name_H-M   ? 
# 
_exptl.absorpt_coefficient_mu     ? 
_exptl.absorpt_correction_T_max   ? 
_exptl.absorpt_correction_T_min   ? 
_exptl.absorpt_correction_type    ? 
_exptl.absorpt_process_details    ? 
_exptl.entry_id                   8SX6 
_exptl.crystals_number            1 
_exptl.details                    ? 
_exptl.method                     'X-RAY DIFFRACTION' 
_exptl.method_details             ? 
# 
_exptl_crystal.colour                       ? 
_exptl_crystal.density_diffrn               ? 
_exptl_crystal.density_Matthews             2.26 
_exptl_crystal.density_method               ? 
_exptl_crystal.density_percent_sol          45.5 
_exptl_crystal.description                  ? 
_exptl_crystal.F_000                        ? 
_exptl_crystal.id                           1 
_exptl_crystal.preparation                  ? 
_exptl_crystal.size_max                     ? 
_exptl_crystal.size_mid                     ? 
_exptl_crystal.size_min                     ? 
_exptl_crystal.size_rad                     ? 
_exptl_crystal.colour_lustre                ? 
_exptl_crystal.colour_modifier              ? 
_exptl_crystal.colour_primary               ? 
_exptl_crystal.density_meas                 ? 
_exptl_crystal.density_meas_esd             ? 
_exptl_crystal.density_meas_gt              ? 
_exptl_crystal.density_meas_lt              ? 
_exptl_crystal.density_meas_temp            ? 
_exptl_crystal.density_meas_temp_esd        ? 
_exptl_crystal.density_meas_temp_gt         ? 
_exptl_crystal.density_meas_temp_lt         ? 
_exptl_crystal.pdbx_crystal_image_url       ? 
_exptl_crystal.pdbx_crystal_image_format    ? 
_exptl_crystal.pdbx_mosaicity               ? 
_exptl_crystal.pdbx_mosaicity_esd           ? 
_exptl_crystal.pdbx_mosaic_method           ? 
_exptl_crystal.pdbx_mosaic_block_size       ? 
_exptl_crystal.pdbx_mosaic_block_size_esd   ? 
# 
_exptl_crystal_grow.apparatus       ? 
_exptl_crystal_grow.atmosphere      ? 
_exptl_crystal_grow.crystal_id      1 
_exptl_crystal_grow.details         ? 
_exptl_crystal_grow.method          'VAPOR DIFFUSION, SITTING DROP' 
_exptl_crystal_grow.method_ref      ? 
_exptl_crystal_grow.pH              7.0 
_exptl_crystal_grow.pressure        ? 
_exptl_crystal_grow.pressure_esd    ? 
_exptl_crystal_grow.seeding         ? 
_exptl_crystal_grow.seeding_ref     ? 
_exptl_crystal_grow.temp_details    ? 
_exptl_crystal_grow.temp_esd        ? 
_exptl_crystal_grow.time            ? 
_exptl_crystal_grow.pdbx_details    
;10% v/v MPD, 0.040 M sodium cacodylate trihydrate, pH 7.0, 0.012 M Spermine tetrahydrochloride, 0.08 M sodium chloride, 0.012 M potassium chloride, 0.02 M magnesium chloride hexahydrate
;
_exptl_crystal_grow.pdbx_pH_range   ? 
_exptl_crystal_grow.temp            291 
# 
_diffrn.ambient_environment              ? 
_diffrn.ambient_temp                     99 
_diffrn.ambient_temp_details             ? 
_diffrn.ambient_temp_esd                 ? 
_diffrn.crystal_id                       1 
_diffrn.crystal_support                  ? 
_diffrn.crystal_treatment                ? 
_diffrn.details                          ? 
_diffrn.id                               1 
_diffrn.ambient_pressure                 ? 
_diffrn.ambient_pressure_esd             ? 
_diffrn.ambient_pressure_gt              ? 
_diffrn.ambient_pressure_lt              ? 
_diffrn.ambient_temp_gt                  ? 
_diffrn.ambient_temp_lt                  ? 
_diffrn.pdbx_serial_crystal_experiment   N 
# 
_diffrn_detector.details                      ? 
_diffrn_detector.detector                     CCD 
_diffrn_detector.diffrn_id                    1 
_diffrn_detector.type                         'MAR CCD 130 mm' 
_diffrn_detector.area_resol_mean              ? 
_diffrn_detector.dtime                        ? 
_diffrn_detector.pdbx_frames_total            ? 
_diffrn_detector.pdbx_collection_time_total   ? 
_diffrn_detector.pdbx_collection_date         2021-03-14 
_diffrn_detector.pdbx_frequency               ? 
_diffrn_detector.id                           ? 
_diffrn_detector.number_of_axes               ? 
# 
_diffrn_radiation.collimation                      ? 
_diffrn_radiation.diffrn_id                        1 
_diffrn_radiation.filter_edge                      ? 
_diffrn_radiation.inhomogeneity                    ? 
_diffrn_radiation.monochromator                    ? 
_diffrn_radiation.polarisn_norm                    ? 
_diffrn_radiation.polarisn_ratio                   ? 
_diffrn_radiation.probe                            ? 
_diffrn_radiation.type                             ? 
_diffrn_radiation.xray_symbol                      ? 
_diffrn_radiation.wavelength_id                    1 
_diffrn_radiation.pdbx_monochromatic_or_laue_m_l   M 
_diffrn_radiation.pdbx_wavelength_list             ? 
_diffrn_radiation.pdbx_wavelength                  ? 
_diffrn_radiation.pdbx_diffrn_protocol             'SINGLE WAVELENGTH' 
_diffrn_radiation.pdbx_analyzer                    ? 
_diffrn_radiation.pdbx_scattering_type             x-ray 
# 
_diffrn_radiation_wavelength.id           1 
_diffrn_radiation_wavelength.wavelength   0.987 
_diffrn_radiation_wavelength.wt           1.0 
# 
_diffrn_source.current                     ? 
_diffrn_source.details                     ? 
_diffrn_source.diffrn_id                   1 
_diffrn_source.power                       ? 
_diffrn_source.size                        ? 
_diffrn_source.source                      SYNCHROTRON 
_diffrn_source.target                      ? 
_diffrn_source.type                        'APS BEAMLINE 21-ID-F' 
_diffrn_source.voltage                     ? 
_diffrn_source.take-off_angle              ? 
_diffrn_source.pdbx_wavelength_list        0.987 
_diffrn_source.pdbx_wavelength             ? 
_diffrn_source.pdbx_synchrotron_beamline   21-ID-F 
_diffrn_source.pdbx_synchrotron_site       APS 
# 
_reflns.B_iso_Wilson_estimate                          ? 
_reflns.entry_id                                       8SX6 
_reflns.data_reduction_details                         ? 
_reflns.data_reduction_method                          ? 
_reflns.d_resolution_high                              1.45 
_reflns.d_resolution_low                               50 
_reflns.details                                        ? 
_reflns.limit_h_max                                    ? 
_reflns.limit_h_min                                    ? 
_reflns.limit_k_max                                    ? 
_reflns.limit_k_min                                    ? 
_reflns.limit_l_max                                    ? 
_reflns.limit_l_min                                    ? 
_reflns.number_all                                     ? 
_reflns.number_obs                                     15931 
_reflns.observed_criterion                             ? 
_reflns.observed_criterion_F_max                       ? 
_reflns.observed_criterion_F_min                       ? 
_reflns.observed_criterion_I_max                       ? 
_reflns.observed_criterion_I_min                       ? 
_reflns.observed_criterion_sigma_F                     ? 
_reflns.observed_criterion_sigma_I                     ? 
_reflns.percent_possible_obs                           98.5 
_reflns.R_free_details                                 ? 
_reflns.Rmerge_F_all                                   ? 
_reflns.Rmerge_F_obs                                   ? 
_reflns.Friedel_coverage                               ? 
_reflns.number_gt                                      ? 
_reflns.threshold_expression                           ? 
_reflns.pdbx_redundancy                                10.7 
_reflns.pdbx_netI_over_av_sigmaI                       ? 
_reflns.pdbx_netI_over_sigmaI                          121.5 
_reflns.pdbx_res_netI_over_av_sigmaI_2                 ? 
_reflns.pdbx_res_netI_over_sigmaI_2                    ? 
_reflns.pdbx_chi_squared                               0.965 
_reflns.pdbx_scaling_rejects                           ? 
_reflns.pdbx_d_res_high_opt                            ? 
_reflns.pdbx_d_res_low_opt                             ? 
_reflns.pdbx_d_res_opt_method                          ? 
_reflns.phase_calculation_details                      ? 
_reflns.pdbx_Rrim_I_all                                0.129 
_reflns.pdbx_Rpim_I_all                                0.042 
_reflns.pdbx_d_opt                                     ? 
_reflns.pdbx_number_measured_all                       ? 
_reflns.pdbx_diffrn_id                                 1 
_reflns.pdbx_ordinal                                   1 
_reflns.pdbx_CC_half                                   0.978 
_reflns.pdbx_CC_star                                   0.994 
_reflns.pdbx_R_split                                   ? 
_reflns.pdbx_Rmerge_I_obs                              0.122 
_reflns.pdbx_Rmerge_I_all                              ? 
_reflns.pdbx_Rsym_value                                ? 
_reflns.pdbx_CC_split_method                           ? 
_reflns.pdbx_aniso_diffraction_limit_axis_1_ortho[1]   ? 
_reflns.pdbx_aniso_diffraction_limit_axis_1_ortho[2]   ? 
_reflns.pdbx_aniso_diffraction_limit_axis_1_ortho[3]   ? 
_reflns.pdbx_aniso_diffraction_limit_axis_2_ortho[1]   ? 
_reflns.pdbx_aniso_diffraction_limit_axis_2_ortho[2]   ? 
_reflns.pdbx_aniso_diffraction_limit_axis_2_ortho[3]   ? 
_reflns.pdbx_aniso_diffraction_limit_axis_3_ortho[1]   ? 
_reflns.pdbx_aniso_diffraction_limit_axis_3_ortho[2]   ? 
_reflns.pdbx_aniso_diffraction_limit_axis_3_ortho[3]   ? 
_reflns.pdbx_aniso_diffraction_limit_1                 ? 
_reflns.pdbx_aniso_diffraction_limit_2                 ? 
_reflns.pdbx_aniso_diffraction_limit_3                 ? 
_reflns.pdbx_aniso_B_tensor_eigenvector_1_ortho[1]     ? 
_reflns.pdbx_aniso_B_tensor_eigenvector_1_ortho[2]     ? 
_reflns.pdbx_aniso_B_tensor_eigenvector_1_ortho[3]     ? 
_reflns.pdbx_aniso_B_tensor_eigenvector_2_ortho[1]     ? 
_reflns.pdbx_aniso_B_tensor_eigenvector_2_ortho[2]     ? 
_reflns.pdbx_aniso_B_tensor_eigenvector_2_ortho[3]     ? 
_reflns.pdbx_aniso_B_tensor_eigenvector_3_ortho[1]     ? 
_reflns.pdbx_aniso_B_tensor_eigenvector_3_ortho[2]     ? 
_reflns.pdbx_aniso_B_tensor_eigenvector_3_ortho[3]     ? 
_reflns.pdbx_aniso_B_tensor_eigenvalue_1               ? 
_reflns.pdbx_aniso_B_tensor_eigenvalue_2               ? 
_reflns.pdbx_aniso_B_tensor_eigenvalue_3               ? 
_reflns.pdbx_orthogonalization_convention              ? 
_reflns.pdbx_percent_possible_ellipsoidal              ? 
_reflns.pdbx_percent_possible_spherical                ? 
_reflns.pdbx_percent_possible_ellipsoidal_anomalous    ? 
_reflns.pdbx_percent_possible_spherical_anomalous      ? 
_reflns.pdbx_redundancy_anomalous                      ? 
_reflns.pdbx_CC_half_anomalous                         ? 
_reflns.pdbx_absDiff_over_sigma_anomalous              ? 
_reflns.pdbx_percent_possible_anomalous                ? 
_reflns.pdbx_observed_signal_threshold                 ? 
_reflns.pdbx_signal_type                               ? 
_reflns.pdbx_signal_details                            ? 
_reflns.pdbx_signal_software_id                        ? 
# 
_reflns_shell.d_res_high                                    1.45 
_reflns_shell.d_res_low                                     1.5 
_reflns_shell.meanI_over_sigI_all                           ? 
_reflns_shell.meanI_over_sigI_obs                           7.9 
_reflns_shell.number_measured_all                           ? 
_reflns_shell.number_measured_obs                           ? 
_reflns_shell.number_possible                               ? 
_reflns_shell.number_unique_all                             ? 
_reflns_shell.number_unique_obs                             1584 
_reflns_shell.percent_possible_obs                          ? 
_reflns_shell.Rmerge_F_all                                  ? 
_reflns_shell.Rmerge_F_obs                                  ? 
_reflns_shell.meanI_over_sigI_gt                            ? 
_reflns_shell.meanI_over_uI_all                             ? 
_reflns_shell.meanI_over_uI_gt                              ? 
_reflns_shell.number_measured_gt                            ? 
_reflns_shell.number_unique_gt                              ? 
_reflns_shell.percent_possible_gt                           ? 
_reflns_shell.Rmerge_F_gt                                   ? 
_reflns_shell.Rmerge_I_gt                                   ? 
_reflns_shell.pdbx_redundancy                               10.8 
_reflns_shell.pdbx_chi_squared                              0.978 
_reflns_shell.pdbx_netI_over_sigmaI_all                     ? 
_reflns_shell.pdbx_netI_over_sigmaI_obs                     ? 
_reflns_shell.pdbx_Rrim_I_all                               0.558 
_reflns_shell.pdbx_Rpim_I_all                               0.169 
_reflns_shell.pdbx_rejects                                  ? 
_reflns_shell.pdbx_ordinal                                  1 
_reflns_shell.pdbx_diffrn_id                                1 
_reflns_shell.pdbx_CC_half                                  0.972 
_reflns_shell.pdbx_CC_star                                  0.993 
_reflns_shell.pdbx_R_split                                  ? 
_reflns_shell.percent_possible_all                          100 
_reflns_shell.Rmerge_I_all                                  ? 
_reflns_shell.Rmerge_I_obs                                  0.531 
_reflns_shell.pdbx_Rsym_value                               ? 
_reflns_shell.pdbx_percent_possible_ellipsoidal             ? 
_reflns_shell.pdbx_percent_possible_spherical               ? 
_reflns_shell.pdbx_percent_possible_ellipsoidal_anomalous   ? 
_reflns_shell.pdbx_percent_possible_spherical_anomalous     ? 
_reflns_shell.pdbx_redundancy_anomalous                     ? 
_reflns_shell.pdbx_CC_half_anomalous                        ? 
_reflns_shell.pdbx_absDiff_over_sigma_anomalous             ? 
_reflns_shell.pdbx_percent_possible_anomalous               ? 
# 
_refine.aniso_B[1][1]                            0.00 
_refine.aniso_B[1][2]                            0.00 
_refine.aniso_B[1][3]                            0.00 
_refine.aniso_B[2][2]                            0.00 
_refine.aniso_B[2][3]                            -0.00 
_refine.aniso_B[3][3]                            -0.00 
_refine.B_iso_max                                ? 
_refine.B_iso_mean                               27.869 
_refine.B_iso_min                                ? 
_refine.correlation_coeff_Fo_to_Fc               0.955 
_refine.correlation_coeff_Fo_to_Fc_free          0.940 
_refine.details                                  'HYDROGENS HAVE BEEN ADDED IN THE RIDING POSITIONS' 
_refine.diff_density_max                         ? 
_refine.diff_density_max_esd                     ? 
_refine.diff_density_min                         ? 
_refine.diff_density_min_esd                     ? 
_refine.diff_density_rms                         ? 
_refine.diff_density_rms_esd                     ? 
_refine.entry_id                                 8SX6 
_refine.pdbx_refine_id                           'X-RAY DIFFRACTION' 
_refine.ls_abs_structure_details                 ? 
_refine.ls_abs_structure_Flack                   ? 
_refine.ls_abs_structure_Flack_esd               ? 
_refine.ls_abs_structure_Rogers                  ? 
_refine.ls_abs_structure_Rogers_esd              ? 
_refine.ls_d_res_high                            1.45 
_refine.ls_d_res_low                             26.73 
_refine.ls_extinction_coef                       ? 
_refine.ls_extinction_coef_esd                   ? 
_refine.ls_extinction_expression                 ? 
_refine.ls_extinction_method                     ? 
_refine.ls_goodness_of_fit_all                   ? 
_refine.ls_goodness_of_fit_all_esd               ? 
_refine.ls_goodness_of_fit_obs                   ? 
_refine.ls_goodness_of_fit_obs_esd               ? 
_refine.ls_hydrogen_treatment                    ? 
_refine.ls_matrix_type                           ? 
_refine.ls_number_constraints                    ? 
_refine.ls_number_parameters                     ? 
_refine.ls_number_reflns_all                     ? 
_refine.ls_number_reflns_obs                     15101 
_refine.ls_number_reflns_R_free                  789 
_refine.ls_number_reflns_R_work                  ? 
_refine.ls_number_restraints                     ? 
_refine.ls_percent_reflns_obs                    98.21 
_refine.ls_percent_reflns_R_free                 5.0 
_refine.ls_R_factor_all                          ? 
_refine.ls_R_factor_obs                          0.22118 
_refine.ls_R_factor_R_free                       0.24181 
_refine.ls_R_factor_R_free_error                 ? 
_refine.ls_R_factor_R_free_error_details         ? 
_refine.ls_R_factor_R_work                       0.22012 
_refine.ls_R_Fsqd_factor_obs                     ? 
_refine.ls_R_I_factor_obs                        ? 
_refine.ls_redundancy_reflns_all                 ? 
_refine.ls_redundancy_reflns_obs                 ? 
_refine.ls_restrained_S_all                      ? 
_refine.ls_restrained_S_obs                      ? 
_refine.ls_shift_over_esd_max                    ? 
_refine.ls_shift_over_esd_mean                   ? 
_refine.ls_structure_factor_coef                 ? 
_refine.ls_weighting_details                     ? 
_refine.ls_weighting_scheme                      ? 
_refine.ls_wR_factor_all                         ? 
_refine.ls_wR_factor_obs                         ? 
_refine.ls_wR_factor_R_free                      ? 
_refine.ls_wR_factor_R_work                      ? 
_refine.occupancy_max                            ? 
_refine.occupancy_min                            ? 
_refine.solvent_model_details                    MASK 
_refine.solvent_model_param_bsol                 ? 
_refine.solvent_model_param_ksol                 ? 
_refine.pdbx_R_complete                          ? 
_refine.ls_R_factor_gt                           ? 
_refine.ls_goodness_of_fit_gt                    ? 
_refine.ls_goodness_of_fit_ref                   ? 
_refine.ls_shift_over_su_max                     ? 
_refine.ls_shift_over_su_max_lt                  ? 
_refine.ls_shift_over_su_mean                    ? 
_refine.ls_shift_over_su_mean_lt                 ? 
_refine.pdbx_ls_sigma_I                          ? 
_refine.pdbx_ls_sigma_F                          ? 
_refine.pdbx_ls_sigma_Fsqd                       ? 
_refine.pdbx_data_cutoff_high_absF               ? 
_refine.pdbx_data_cutoff_high_rms_absF           ? 
_refine.pdbx_data_cutoff_low_absF                ? 
_refine.pdbx_isotropic_thermal_model             ? 
_refine.pdbx_ls_cross_valid_method               THROUGHOUT 
_refine.pdbx_method_to_determine_struct          'MOLECULAR REPLACEMENT' 
_refine.pdbx_starting_model                      'PDB entry 6C8N' 
_refine.pdbx_stereochemistry_target_values       'MAXIMUM LIKELIHOOD' 
_refine.pdbx_R_Free_selection_details            RANDOM 
_refine.pdbx_stereochem_target_val_spec_case     ? 
_refine.pdbx_overall_ESU_R                       0.081 
_refine.pdbx_overall_ESU_R_Free                  0.079 
_refine.pdbx_solvent_vdw_probe_radii             1.20 
_refine.pdbx_solvent_ion_probe_radii             0.80 
_refine.pdbx_solvent_shrinkage_radii             0.80 
_refine.pdbx_real_space_R                        ? 
_refine.pdbx_density_correlation                 ? 
_refine.pdbx_pd_number_of_powder_patterns        ? 
_refine.pdbx_pd_number_of_points                 ? 
_refine.pdbx_pd_meas_number_of_points            ? 
_refine.pdbx_pd_proc_ls_prof_R_factor            ? 
_refine.pdbx_pd_proc_ls_prof_wR_factor           ? 
_refine.pdbx_pd_Marquardt_correlation_coeff      ? 
_refine.pdbx_pd_Fsqrd_R_factor                   ? 
_refine.pdbx_pd_ls_matrix_band_width             ? 
_refine.pdbx_overall_phase_error                 ? 
_refine.pdbx_overall_SU_R_free_Cruickshank_DPI   ? 
_refine.pdbx_overall_SU_R_free_Blow_DPI          ? 
_refine.pdbx_overall_SU_R_Blow_DPI               ? 
_refine.pdbx_TLS_residual_ADP_flag               ? 
_refine.pdbx_diffrn_id                           1 
_refine.overall_SU_B                             1.235 
_refine.overall_SU_ML                            0.048 
_refine.overall_SU_R_Cruickshank_DPI             ? 
_refine.overall_SU_R_free                        ? 
_refine.overall_FOM_free_R_set                   ? 
_refine.overall_FOM_work_R_set                   ? 
_refine.pdbx_average_fsc_overall                 ? 
_refine.pdbx_average_fsc_work                    ? 
_refine.pdbx_average_fsc_free                    ? 
# 
_refine_hist.pdbx_refine_id                   'X-RAY DIFFRACTION' 
_refine_hist.cycle_id                         1 
_refine_hist.details                          ? 
_refine_hist.d_res_high                       1.45 
_refine_hist.d_res_low                        26.73 
_refine_hist.number_atoms_solvent             69 
_refine_hist.number_atoms_total               740 
_refine_hist.number_reflns_all                ? 
_refine_hist.number_reflns_obs                ? 
_refine_hist.number_reflns_R_free             ? 
_refine_hist.number_reflns_R_work             ? 
_refine_hist.R_factor_all                     ? 
_refine_hist.R_factor_obs                     ? 
_refine_hist.R_factor_R_free                  ? 
_refine_hist.R_factor_R_work                  ? 
_refine_hist.pdbx_number_residues_total       ? 
_refine_hist.pdbx_B_iso_mean_ligand           ? 
_refine_hist.pdbx_B_iso_mean_solvent          ? 
_refine_hist.pdbx_number_atoms_protein        0 
_refine_hist.pdbx_number_atoms_nucleic_acid   598 
_refine_hist.pdbx_number_atoms_ligand         73 
_refine_hist.pdbx_number_atoms_lipid          ? 
_refine_hist.pdbx_number_atoms_carb           ? 
_refine_hist.pdbx_pseudo_atom_details         ? 
# 
loop_
_refine_ls_restr.pdbx_refine_id 
_refine_ls_restr.criterion 
_refine_ls_restr.dev_ideal 
_refine_ls_restr.dev_ideal_target 
_refine_ls_restr.number 
_refine_ls_restr.rejects 
_refine_ls_restr.type 
_refine_ls_restr.weight 
_refine_ls_restr.pdbx_restraint_function 
'X-RAY DIFFRACTION' ? 0.028 0.022  745  ? r_bond_refined_d             ? ? 
'X-RAY DIFFRACTION' ? 0.026 0.026  348  ? r_bond_other_d               ? ? 
'X-RAY DIFFRACTION' ? 3.611 2.499  1154 ? r_angle_refined_deg          ? ? 
'X-RAY DIFFRACTION' ? 4.045 3.445  810  ? r_angle_other_deg            ? ? 
'X-RAY DIFFRACTION' ? ?     ?      ?    ? r_dihedral_angle_1_deg       ? ? 
'X-RAY DIFFRACTION' ? ?     ?      ?    ? r_dihedral_angle_2_deg       ? ? 
'X-RAY DIFFRACTION' ? ?     ?      ?    ? r_dihedral_angle_3_deg       ? ? 
'X-RAY DIFFRACTION' ? ?     ?      ?    ? r_dihedral_angle_4_deg       ? ? 
'X-RAY DIFFRACTION' ? 0.172 0.200  137  ? r_chiral_restr               ? ? 
'X-RAY DIFFRACTION' ? 0.020 0.021  369  ? r_gen_planes_refined         ? ? 
'X-RAY DIFFRACTION' ? 0.002 0.023  118  ? r_gen_planes_other           ? ? 
'X-RAY DIFFRACTION' ? ?     ?      ?    ? r_nbd_refined                ? ? 
'X-RAY DIFFRACTION' ? ?     ?      ?    ? r_nbd_other                  ? ? 
'X-RAY DIFFRACTION' ? ?     ?      ?    ? r_nbtor_refined              ? ? 
'X-RAY DIFFRACTION' ? ?     ?      ?    ? r_nbtor_other                ? ? 
'X-RAY DIFFRACTION' ? ?     ?      ?    ? r_xyhbond_nbd_refined        ? ? 
'X-RAY DIFFRACTION' ? ?     ?      ?    ? r_xyhbond_nbd_other          ? ? 
'X-RAY DIFFRACTION' ? ?     ?      ?    ? r_metal_ion_refined          ? ? 
'X-RAY DIFFRACTION' ? ?     ?      ?    ? r_metal_ion_other            ? ? 
'X-RAY DIFFRACTION' ? ?     ?      ?    ? r_symmetry_vdw_refined       ? ? 
'X-RAY DIFFRACTION' ? ?     ?      ?    ? r_symmetry_vdw_other         ? ? 
'X-RAY DIFFRACTION' ? ?     ?      ?    ? r_symmetry_hbond_refined     ? ? 
'X-RAY DIFFRACTION' ? ?     ?      ?    ? r_symmetry_hbond_other       ? ? 
'X-RAY DIFFRACTION' ? ?     ?      ?    ? r_symmetry_metal_ion_refined ? ? 
'X-RAY DIFFRACTION' ? ?     ?      ?    ? r_symmetry_metal_ion_other   ? ? 
'X-RAY DIFFRACTION' ? ?     ?      ?    ? r_mcbond_it                  ? ? 
'X-RAY DIFFRACTION' ? ?     ?      ?    ? r_mcbond_other               ? ? 
'X-RAY DIFFRACTION' ? ?     ?      ?    ? r_mcangle_it                 ? ? 
'X-RAY DIFFRACTION' ? ?     ?      ?    ? r_mcangle_other              ? ? 
'X-RAY DIFFRACTION' ? 2.663 2.836  741  ? r_scbond_it                  ? ? 
'X-RAY DIFFRACTION' ? 2.577 2.816  737  ? r_scbond_other               ? ? 
'X-RAY DIFFRACTION' ? ?     ?      ?    ? r_scangle_it                 ? ? 
'X-RAY DIFFRACTION' ? 3.860 4.243  1149 ? r_scangle_other              ? ? 
'X-RAY DIFFRACTION' ? 4.820 28.358 1079 ? r_long_range_B_refined       ? ? 
'X-RAY DIFFRACTION' ? 4.857 28.257 1069 ? r_long_range_B_other         ? ? 
'X-RAY DIFFRACTION' ? ?     ?      ?    ? r_rigid_bond_restr           ? ? 
'X-RAY DIFFRACTION' ? ?     ?      ?    ? r_sphericity_free            ? ? 
'X-RAY DIFFRACTION' ? ?     ?      ?    ? r_sphericity_bonded          ? ? 
# 
_refine_ls_shell.pdbx_refine_id                   'X-RAY DIFFRACTION' 
_refine_ls_shell.d_res_high                       1.451 
_refine_ls_shell.d_res_low                        1.488 
_refine_ls_shell.number_reflns_all                ? 
_refine_ls_shell.number_reflns_obs                ? 
_refine_ls_shell.number_reflns_R_free             59 
_refine_ls_shell.number_reflns_R_work             1093 
_refine_ls_shell.percent_reflns_obs               99.65 
_refine_ls_shell.percent_reflns_R_free            ? 
_refine_ls_shell.R_factor_all                     ? 
_refine_ls_shell.R_factor_obs                     ? 
_refine_ls_shell.R_factor_R_free_error            ? 
_refine_ls_shell.R_factor_R_work                  0.235 
_refine_ls_shell.redundancy_reflns_all            ? 
_refine_ls_shell.redundancy_reflns_obs            ? 
_refine_ls_shell.wR_factor_all                    ? 
_refine_ls_shell.wR_factor_obs                    ? 
_refine_ls_shell.wR_factor_R_free                 ? 
_refine_ls_shell.wR_factor_R_work                 ? 
_refine_ls_shell.pdbx_R_complete                  ? 
_refine_ls_shell.pdbx_total_number_of_bins_used   20 
_refine_ls_shell.pdbx_phase_error                 ? 
_refine_ls_shell.pdbx_fsc_work                    ? 
_refine_ls_shell.pdbx_fsc_free                    ? 
_refine_ls_shell.R_factor_R_free                  0.253 
# 
_struct.entry_id                     8SX6 
_struct.title                        'RNA duplex bound with GMP and AMP monomers' 
_struct.pdbx_model_details           ? 
_struct.pdbx_formula_weight          ? 
_struct.pdbx_formula_weight_method   ? 
_struct.pdbx_model_type_details      ? 
_struct.pdbx_CASP_flag               N 
# 
_struct_keywords.entry_id        8SX6 
_struct_keywords.text            'RNA, GMP, AMP' 
_struct_keywords.pdbx_keywords   RNA 
# 
loop_
_struct_asym.id 
_struct_asym.pdbx_blank_PDB_chainid_flag 
_struct_asym.pdbx_modified 
_struct_asym.entity_id 
_struct_asym.details 
A N N 1 ? 
B N N 1 ? 
C N N 2 ? 
D N N 3 ? 
E N N 4 ? 
F N N 3 ? 
G N N 2 ? 
H N N 5 ? 
I N N 5 ? 
# 
_struct_ref.id                         1 
_struct_ref.db_name                    PDB 
_struct_ref.db_code                    8SX6 
_struct_ref.pdbx_db_accession          8SX6 
_struct_ref.pdbx_db_isoform            ? 
_struct_ref.entity_id                  1 
_struct_ref.pdbx_seq_one_letter_code   ? 
_struct_ref.pdbx_align_begin           1 
# 
loop_
_struct_ref_seq.align_id 
_struct_ref_seq.ref_id 
_struct_ref_seq.pdbx_PDB_id_code 
_struct_ref_seq.pdbx_strand_id 
_struct_ref_seq.seq_align_beg 
_struct_ref_seq.pdbx_seq_align_beg_ins_code 
_struct_ref_seq.seq_align_end 
_struct_ref_seq.pdbx_seq_align_end_ins_code 
_struct_ref_seq.pdbx_db_accession 
_struct_ref_seq.db_align_beg 
_struct_ref_seq.pdbx_db_align_beg_ins_code 
_struct_ref_seq.db_align_end 
_struct_ref_seq.pdbx_db_align_end_ins_code 
_struct_ref_seq.pdbx_auth_seq_align_beg 
_struct_ref_seq.pdbx_auth_seq_align_end 
1 1 8SX6 A 1 ? 14 ? 8SX6 1 ? 14 ? 1 14 
2 1 8SX6 B 1 ? 14 ? 8SX6 1 ? 14 ? 1 14 
# 
_pdbx_struct_assembly.id                   1 
_pdbx_struct_assembly.details              author_defined_assembly 
_pdbx_struct_assembly.method_details       ? 
_pdbx_struct_assembly.oligomeric_details   dimeric 
_pdbx_struct_assembly.oligomeric_count     2 
# 
loop_
_pdbx_struct_assembly_prop.biol_id 
_pdbx_struct_assembly_prop.type 
_pdbx_struct_assembly_prop.value 
_pdbx_struct_assembly_prop.details 
1 'ABSA (A^2)' 3520 ? 
1 MORE         4    ? 
1 'SSA (A^2)'  5720 ? 
# 
_pdbx_struct_assembly_gen.assembly_id       1 
_pdbx_struct_assembly_gen.oper_expression   1 
_pdbx_struct_assembly_gen.asym_id_list      A,B,C,D,E,F,G,H,I 
# 
_pdbx_struct_assembly_auth_evidence.id                     1 
_pdbx_struct_assembly_auth_evidence.assembly_id            1 
_pdbx_struct_assembly_auth_evidence.experimental_support   none 
_pdbx_struct_assembly_auth_evidence.details                ? 
# 
_pdbx_struct_oper_list.id                   1 
_pdbx_struct_oper_list.type                 'identity operation' 
_pdbx_struct_oper_list.name                 1_555 
_pdbx_struct_oper_list.symmetry_operation   x,y,z 
_pdbx_struct_oper_list.matrix[1][1]         1.0000000000 
_pdbx_struct_oper_list.matrix[1][2]         0.0000000000 
_pdbx_struct_oper_list.matrix[1][3]         0.0000000000 
_pdbx_struct_oper_list.vector[1]            0.0000000000 
_pdbx_struct_oper_list.matrix[2][1]         0.0000000000 
_pdbx_struct_oper_list.matrix[2][2]         1.0000000000 
_pdbx_struct_oper_list.matrix[2][3]         0.0000000000 
_pdbx_struct_oper_list.vector[2]            0.0000000000 
_pdbx_struct_oper_list.matrix[3][1]         0.0000000000 
_pdbx_struct_oper_list.matrix[3][2]         0.0000000000 
_pdbx_struct_oper_list.matrix[3][3]         1.0000000000 
_pdbx_struct_oper_list.vector[3]            0.0000000000 
# 
loop_
_struct_conn.id 
_struct_conn.conn_type_id 
_struct_conn.pdbx_leaving_atom_flag 
_struct_conn.pdbx_PDB_id 
_struct_conn.ptnr1_label_asym_id 
_struct_conn.ptnr1_label_comp_id 
_struct_conn.ptnr1_label_seq_id 
_struct_conn.ptnr1_label_atom_id 
_struct_conn.pdbx_ptnr1_label_alt_id 
_struct_conn.pdbx_ptnr1_PDB_ins_code 
_struct_conn.pdbx_ptnr1_standard_comp_id 
_struct_conn.ptnr1_symmetry 
_struct_conn.ptnr2_label_asym_id 
_struct_conn.ptnr2_label_comp_id 
_struct_conn.ptnr2_label_seq_id 
_struct_conn.ptnr2_label_atom_id 
_struct_conn.pdbx_ptnr2_label_alt_id 
_struct_conn.pdbx_ptnr2_PDB_ins_code 
_struct_conn.ptnr1_auth_asym_id 
_struct_conn.ptnr1_auth_comp_id 
_struct_conn.ptnr1_auth_seq_id 
_struct_conn.ptnr2_auth_asym_id 
_struct_conn.ptnr2_auth_comp_id 
_struct_conn.ptnr2_auth_seq_id 
_struct_conn.ptnr2_symmetry 
_struct_conn.pdbx_ptnr3_label_atom_id 
_struct_conn.pdbx_ptnr3_label_seq_id 
_struct_conn.pdbx_ptnr3_label_comp_id 
_struct_conn.pdbx_ptnr3_label_asym_id 
_struct_conn.pdbx_ptnr3_label_alt_id 
_struct_conn.pdbx_ptnr3_PDB_ins_code 
_struct_conn.details 
_struct_conn.pdbx_dist_value 
_struct_conn.pdbx_value_order 
_struct_conn.pdbx_role 
covale1  covale both ? A TLN 1  "O3'" ? ? ? 1_555 A LCC 2  P  ? ? A TLN 1   A LCC 2   1_555 ? ? ? ? ? ? ?            1.674 ? ? 
covale2  covale both ? A LCC 2  "O3'" ? ? ? 1_555 A LCC 3  P  ? ? A LCC 2   A LCC 3   1_555 ? ? ? ? ? ? ?            1.570 ? ? 
covale3  covale both ? A LCC 3  "O3'" ? ? ? 1_555 A LCG 4  P  ? ? A LCC 3   A LCG 4   1_555 ? ? ? ? ? ? ?            1.547 ? ? 
covale4  covale both ? A LCG 4  "O3'" ? ? ? 1_555 A A   5  P  ? ? A LCG 4   A A   5   1_555 ? ? ? ? ? ? ?            1.605 ? ? 
covale5  covale both ? B TLN 1  "O3'" ? ? ? 1_555 B LCC 2  P  ? ? B TLN 1   B LCC 2   1_555 ? ? ? ? ? ? ?            1.606 ? ? 
covale6  covale both ? B LCC 2  "O3'" ? ? ? 1_555 B LCC 3  P  ? ? B LCC 2   B LCC 3   1_555 ? ? ? ? ? ? ?            1.626 ? ? 
covale7  covale both ? B LCC 3  "O3'" ? ? ? 1_555 B LCG 4  P  ? ? B LCC 3   B LCG 4   1_555 ? ? ? ? ? ? ?            1.582 ? ? 
covale8  covale both ? B LCG 4  "O3'" ? ? ? 1_555 B A   5  P  ? ? B LCG 4   B A   5   1_555 ? ? ? ? ? ? ?            1.618 ? ? 
metalc1  metalc ?    ? C MG  .  MG    ? ? ? 1_555 H HOH .  O  ? ? A MG  101 A HOH 201 3_685 ? ? ? ? ? ? ?            2.107 ? ? 
metalc2  metalc ?    ? C MG  .  MG    ? ? ? 1_555 H HOH .  O  ? ? A MG  101 A HOH 221 3_685 ? ? ? ? ? ? ?            2.035 ? ? 
metalc3  metalc ?    ? C MG  .  MG    ? ? ? 1_555 H HOH .  O  ? ? A MG  101 A HOH 225 3_685 ? ? ? ? ? ? ?            2.047 ? ? 
metalc4  metalc ?    ? C MG  .  MG    ? ? ? 1_555 I HOH .  O  ? ? A MG  101 B HOH 218 3_685 ? ? ? ? ? ? ?            2.019 ? ? 
metalc5  metalc ?    ? C MG  .  MG    ? ? ? 1_555 I HOH .  O  ? ? A MG  101 B HOH 221 3_685 ? ? ? ? ? ? ?            2.071 ? ? 
metalc6  metalc ?    ? C MG  .  MG    ? ? ? 1_555 I HOH .  O  ? ? A MG  101 B HOH 232 3_685 ? ? ? ? ? ? ?            1.916 ? ? 
metalc7  metalc ?    ? H HOH .  O     ? ? ? 1_555 G MG  .  MG ? ? A HOH 218 B MG  104 1_555 ? ? ? ? ? ? ?            2.071 ? ? 
metalc8  metalc ?    ? H HOH .  O     ? ? ? 1_555 G MG  .  MG ? ? A HOH 231 B MG  104 1_555 ? ? ? ? ? ? ?            2.030 ? ? 
metalc9  metalc ?    ? H HOH .  O     ? ? ? 1_555 G MG  .  MG ? ? A HOH 234 B MG  104 1_555 ? ? ? ? ? ? ?            1.985 ? ? 
metalc10 metalc ?    ? G MG  .  MG    ? ? ? 1_555 I HOH .  O  ? ? B MG  104 B HOH 203 1_555 ? ? ? ? ? ? ?            2.023 ? ? 
metalc11 metalc ?    ? G MG  .  MG    ? ? ? 1_555 I HOH .  O  ? ? B MG  104 B HOH 214 1_555 ? ? ? ? ? ? ?            2.116 ? ? 
metalc12 metalc ?    ? G MG  .  MG    ? ? ? 1_555 I HOH .  O  ? ? B MG  104 B HOH 228 1_555 ? ? ? ? ? ? ?            2.075 ? ? 
hydrog1  hydrog ?    ? A LCG 4  N1    ? ? ? 1_555 B C   13 N3 ? ? A LCG 4   B C   13  1_555 ? ? ? ? ? ? WATSON-CRICK ?     ? ? 
hydrog2  hydrog ?    ? A LCG 4  N2    ? ? ? 1_555 B C   13 O2 ? ? A LCG 4   B C   13  1_555 ? ? ? ? ? ? WATSON-CRICK ?     ? ? 
hydrog3  hydrog ?    ? A LCG 4  O6    ? ? ? 1_555 B C   13 N4 ? ? A LCG 4   B C   13  1_555 ? ? ? ? ? ? WATSON-CRICK ?     ? ? 
hydrog4  hydrog ?    ? A A   5  N1    ? ? ? 1_555 B U   12 N3 ? ? A A   5   B U   12  1_555 ? ? ? ? ? ? WATSON-CRICK ?     ? ? 
hydrog5  hydrog ?    ? A A   5  N6    ? ? ? 1_555 B U   12 O4 ? ? A A   5   B U   12  1_555 ? ? ? ? ? ? WATSON-CRICK ?     ? ? 
hydrog6  hydrog ?    ? A C   6  N3    ? ? ? 1_555 B G   11 N1 ? ? A C   6   B G   11  1_555 ? ? ? ? ? ? WATSON-CRICK ?     ? ? 
hydrog7  hydrog ?    ? A C   6  N4    ? ? ? 1_555 B G   11 O6 ? ? A C   6   B G   11  1_555 ? ? ? ? ? ? WATSON-CRICK ?     ? ? 
hydrog8  hydrog ?    ? A C   6  O2    ? ? ? 1_555 B G   11 N2 ? ? A C   6   B G   11  1_555 ? ? ? ? ? ? WATSON-CRICK ?     ? ? 
hydrog9  hydrog ?    ? A U   7  N3    ? ? ? 1_555 B A   10 N1 ? ? A U   7   B A   10  1_555 ? ? ? ? ? ? WATSON-CRICK ?     ? ? 
hydrog10 hydrog ?    ? A U   7  O4    ? ? ? 1_555 B A   10 N6 ? ? A U   7   B A   10  1_555 ? ? ? ? ? ? WATSON-CRICK ?     ? ? 
hydrog11 hydrog ?    ? A U   8  N3    ? ? ? 1_555 B A   9  N1 ? ? A U   8   B A   9   1_555 ? ? ? ? ? ? WATSON-CRICK ?     ? ? 
hydrog12 hydrog ?    ? A U   8  O4    ? ? ? 1_555 B A   9  N6 ? ? A U   8   B A   9   1_555 ? ? ? ? ? ? WATSON-CRICK ?     ? ? 
hydrog13 hydrog ?    ? A A   9  N1    ? ? ? 1_555 B U   8  N3 ? ? A A   9   B U   8   1_555 ? ? ? ? ? ? WATSON-CRICK ?     ? ? 
hydrog14 hydrog ?    ? A A   9  N6    ? ? ? 1_555 B U   8  O4 ? ? A A   9   B U   8   1_555 ? ? ? ? ? ? WATSON-CRICK ?     ? ? 
hydrog15 hydrog ?    ? A A   10 N1    ? ? ? 1_555 B U   7  N3 ? ? A A   10  B U   7   1_555 ? ? ? ? ? ? WATSON-CRICK ?     ? ? 
hydrog16 hydrog ?    ? A A   10 N6    ? ? ? 1_555 B U   7  O4 ? ? A A   10  B U   7   1_555 ? ? ? ? ? ? WATSON-CRICK ?     ? ? 
hydrog17 hydrog ?    ? A G   11 N1    ? ? ? 1_555 B C   6  N3 ? ? A G   11  B C   6   1_555 ? ? ? ? ? ? WATSON-CRICK ?     ? ? 
hydrog18 hydrog ?    ? A G   11 N2    ? ? ? 1_555 B C   6  O2 ? ? A G   11  B C   6   1_555 ? ? ? ? ? ? WATSON-CRICK ?     ? ? 
hydrog19 hydrog ?    ? A G   11 O6    ? ? ? 1_555 B C   6  N4 ? ? A G   11  B C   6   1_555 ? ? ? ? ? ? WATSON-CRICK ?     ? ? 
hydrog20 hydrog ?    ? A U   12 N3    ? ? ? 1_555 B A   5  N1 ? ? A U   12  B A   5   1_555 ? ? ? ? ? ? WATSON-CRICK ?     ? ? 
hydrog21 hydrog ?    ? A U   12 O4    ? ? ? 1_555 B A   5  N6 ? ? A U   12  B A   5   1_555 ? ? ? ? ? ? WATSON-CRICK ?     ? ? 
hydrog22 hydrog ?    ? A C   13 N3    ? ? ? 1_555 B LCG 4  N1 ? ? A C   13  B LCG 4   1_555 ? ? ? ? ? ? WATSON-CRICK ?     ? ? 
hydrog23 hydrog ?    ? A C   13 N4    ? ? ? 1_555 B LCG 4  O6 ? ? A C   13  B LCG 4   1_555 ? ? ? ? ? ? WATSON-CRICK ?     ? ? 
hydrog24 hydrog ?    ? A C   13 O2    ? ? ? 1_555 B LCG 4  N2 ? ? A C   13  B LCG 4   1_555 ? ? ? ? ? ? WATSON-CRICK ?     ? ? 
# 
loop_
_struct_conn_type.id 
_struct_conn_type.criteria 
_struct_conn_type.reference 
covale ? ? 
metalc ? ? 
hydrog ? ? 
# 
loop_
_pdbx_struct_conn_angle.id 
_pdbx_struct_conn_angle.ptnr1_label_atom_id 
_pdbx_struct_conn_angle.ptnr1_label_alt_id 
_pdbx_struct_conn_angle.ptnr1_label_asym_id 
_pdbx_struct_conn_angle.ptnr1_label_comp_id 
_pdbx_struct_conn_angle.ptnr1_label_seq_id 
_pdbx_struct_conn_angle.ptnr1_auth_atom_id 
_pdbx_struct_conn_angle.ptnr1_auth_asym_id 
_pdbx_struct_conn_angle.ptnr1_auth_comp_id 
_pdbx_struct_conn_angle.ptnr1_auth_seq_id 
_pdbx_struct_conn_angle.ptnr1_PDB_ins_code 
_pdbx_struct_conn_angle.ptnr1_symmetry 
_pdbx_struct_conn_angle.ptnr2_label_atom_id 
_pdbx_struct_conn_angle.ptnr2_label_alt_id 
_pdbx_struct_conn_angle.ptnr2_label_asym_id 
_pdbx_struct_conn_angle.ptnr2_label_comp_id 
_pdbx_struct_conn_angle.ptnr2_label_seq_id 
_pdbx_struct_conn_angle.ptnr2_auth_atom_id 
_pdbx_struct_conn_angle.ptnr2_auth_asym_id 
_pdbx_struct_conn_angle.ptnr2_auth_comp_id 
_pdbx_struct_conn_angle.ptnr2_auth_seq_id 
_pdbx_struct_conn_angle.ptnr2_PDB_ins_code 
_pdbx_struct_conn_angle.ptnr2_symmetry 
_pdbx_struct_conn_angle.ptnr3_label_atom_id 
_pdbx_struct_conn_angle.ptnr3_label_alt_id 
_pdbx_struct_conn_angle.ptnr3_label_asym_id 
_pdbx_struct_conn_angle.ptnr3_label_comp_id 
_pdbx_struct_conn_angle.ptnr3_label_seq_id 
_pdbx_struct_conn_angle.ptnr3_auth_atom_id 
_pdbx_struct_conn_angle.ptnr3_auth_asym_id 
_pdbx_struct_conn_angle.ptnr3_auth_comp_id 
_pdbx_struct_conn_angle.ptnr3_auth_seq_id 
_pdbx_struct_conn_angle.ptnr3_PDB_ins_code 
_pdbx_struct_conn_angle.ptnr3_symmetry 
_pdbx_struct_conn_angle.value 
_pdbx_struct_conn_angle.value_esd 
1  O ? H HOH . ? A HOH 201 ? 3_685 MG ? C MG . ? A MG 101 ? 1_555 O ? H HOH . ? A HOH 221 ? 3_685 92.0  ? 
2  O ? H HOH . ? A HOH 201 ? 3_685 MG ? C MG . ? A MG 101 ? 1_555 O ? H HOH . ? A HOH 225 ? 3_685 92.2  ? 
3  O ? H HOH . ? A HOH 221 ? 3_685 MG ? C MG . ? A MG 101 ? 1_555 O ? H HOH . ? A HOH 225 ? 3_685 87.0  ? 
4  O ? H HOH . ? A HOH 201 ? 3_685 MG ? C MG . ? A MG 101 ? 1_555 O ? I HOH . ? B HOH 218 ? 3_685 88.9  ? 
5  O ? H HOH . ? A HOH 221 ? 3_685 MG ? C MG . ? A MG 101 ? 1_555 O ? I HOH . ? B HOH 218 ? 3_685 178.2 ? 
6  O ? H HOH . ? A HOH 225 ? 3_685 MG ? C MG . ? A MG 101 ? 1_555 O ? I HOH . ? B HOH 218 ? 3_685 91.4  ? 
7  O ? H HOH . ? A HOH 201 ? 3_685 MG ? C MG . ? A MG 101 ? 1_555 O ? I HOH . ? B HOH 221 ? 3_685 84.2  ? 
8  O ? H HOH . ? A HOH 221 ? 3_685 MG ? C MG . ? A MG 101 ? 1_555 O ? I HOH . ? B HOH 221 ? 3_685 88.3  ? 
9  O ? H HOH . ? A HOH 225 ? 3_685 MG ? C MG . ? A MG 101 ? 1_555 O ? I HOH . ? B HOH 221 ? 3_685 173.9 ? 
10 O ? I HOH . ? B HOH 218 ? 3_685 MG ? C MG . ? A MG 101 ? 1_555 O ? I HOH . ? B HOH 221 ? 3_685 93.4  ? 
11 O ? H HOH . ? A HOH 201 ? 3_685 MG ? C MG . ? A MG 101 ? 1_555 O ? I HOH . ? B HOH 232 ? 3_685 173.9 ? 
12 O ? H HOH . ? A HOH 221 ? 3_685 MG ? C MG . ? A MG 101 ? 1_555 O ? I HOH . ? B HOH 232 ? 3_685 88.8  ? 
13 O ? H HOH . ? A HOH 225 ? 3_685 MG ? C MG . ? A MG 101 ? 1_555 O ? I HOH . ? B HOH 232 ? 3_685 93.9  ? 
14 O ? I HOH . ? B HOH 218 ? 3_685 MG ? C MG . ? A MG 101 ? 1_555 O ? I HOH . ? B HOH 232 ? 3_685 90.5  ? 
15 O ? I HOH . ? B HOH 221 ? 3_685 MG ? C MG . ? A MG 101 ? 1_555 O ? I HOH . ? B HOH 232 ? 3_685 89.8  ? 
16 O ? H HOH . ? A HOH 218 ? 1_555 MG ? G MG . ? B MG 104 ? 1_555 O ? H HOH . ? A HOH 231 ? 1_555 91.9  ? 
17 O ? H HOH . ? A HOH 218 ? 1_555 MG ? G MG . ? B MG 104 ? 1_555 O ? H HOH . ? A HOH 234 ? 1_555 90.8  ? 
18 O ? H HOH . ? A HOH 231 ? 1_555 MG ? G MG . ? B MG 104 ? 1_555 O ? H HOH . ? A HOH 234 ? 1_555 92.0  ? 
19 O ? H HOH . ? A HOH 218 ? 1_555 MG ? G MG . ? B MG 104 ? 1_555 O ? I HOH . ? B HOH 203 ? 1_555 84.2  ? 
20 O ? H HOH . ? A HOH 231 ? 1_555 MG ? G MG . ? B MG 104 ? 1_555 O ? I HOH . ? B HOH 203 ? 1_555 84.0  ? 
21 O ? H HOH . ? A HOH 234 ? 1_555 MG ? G MG . ? B MG 104 ? 1_555 O ? I HOH . ? B HOH 203 ? 1_555 173.5 ? 
22 O ? H HOH . ? A HOH 218 ? 1_555 MG ? G MG . ? B MG 104 ? 1_555 O ? I HOH . ? B HOH 214 ? 1_555 89.1  ? 
23 O ? H HOH . ? A HOH 231 ? 1_555 MG ? G MG . ? B MG 104 ? 1_555 O ? I HOH . ? B HOH 214 ? 1_555 178.6 ? 
24 O ? H HOH . ? A HOH 234 ? 1_555 MG ? G MG . ? B MG 104 ? 1_555 O ? I HOH . ? B HOH 214 ? 1_555 88.9  ? 
25 O ? I HOH . ? B HOH 203 ? 1_555 MG ? G MG . ? B MG 104 ? 1_555 O ? I HOH . ? B HOH 214 ? 1_555 95.2  ? 
26 O ? H HOH . ? A HOH 218 ? 1_555 MG ? G MG . ? B MG 104 ? 1_555 O ? I HOH . ? B HOH 228 ? 1_555 175.8 ? 
27 O ? H HOH . ? A HOH 231 ? 1_555 MG ? G MG . ? B MG 104 ? 1_555 O ? I HOH . ? B HOH 228 ? 1_555 90.5  ? 
28 O ? H HOH . ? A HOH 234 ? 1_555 MG ? G MG . ? B MG 104 ? 1_555 O ? I HOH . ? B HOH 228 ? 1_555 92.5  ? 
29 O ? I HOH . ? B HOH 203 ? 1_555 MG ? G MG . ? B MG 104 ? 1_555 O ? I HOH . ? B HOH 228 ? 1_555 92.6  ? 
30 O ? I HOH . ? B HOH 214 ? 1_555 MG ? G MG . ? B MG 104 ? 1_555 O ? I HOH . ? B HOH 228 ? 1_555 88.4  ? 
# 
_pdbx_entry_details.entry_id                   8SX6 
_pdbx_entry_details.has_ligand_of_interest     Y 
_pdbx_entry_details.compound_details           ? 
_pdbx_entry_details.source_details             ? 
_pdbx_entry_details.nonpolymer_details         ? 
_pdbx_entry_details.sequence_details           ? 
_pdbx_entry_details.has_protein_modification   N 
# 
loop_
_pdbx_struct_special_symmetry.id 
_pdbx_struct_special_symmetry.PDB_model_num 
_pdbx_struct_special_symmetry.auth_asym_id 
_pdbx_struct_special_symmetry.auth_comp_id 
_pdbx_struct_special_symmetry.auth_seq_id 
_pdbx_struct_special_symmetry.PDB_ins_code 
_pdbx_struct_special_symmetry.label_asym_id 
_pdbx_struct_special_symmetry.label_comp_id 
_pdbx_struct_special_symmetry.label_seq_id 
1 1 A HOH 217 ? H HOH . 
2 1 A HOH 219 ? H HOH . 
3 1 A HOH 236 ? H HOH . 
4 1 B HOH 205 ? I HOH . 
5 1 B HOH 212 ? I HOH . 
6 1 B HOH 230 ? I HOH . 
# 
_pdbx_distant_solvent_atoms.id                                1 
_pdbx_distant_solvent_atoms.PDB_model_num                     1 
_pdbx_distant_solvent_atoms.auth_atom_id                      O 
_pdbx_distant_solvent_atoms.label_alt_id                      ? 
_pdbx_distant_solvent_atoms.auth_asym_id                      A 
_pdbx_distant_solvent_atoms.auth_comp_id                      HOH 
_pdbx_distant_solvent_atoms.auth_seq_id                       236 
_pdbx_distant_solvent_atoms.PDB_ins_code                      ? 
_pdbx_distant_solvent_atoms.neighbor_macromolecule_distance   10.16 
_pdbx_distant_solvent_atoms.neighbor_ligand_distance          . 
# 
loop_
_chem_comp_atom.comp_id 
_chem_comp_atom.atom_id 
_chem_comp_atom.type_symbol 
_chem_comp_atom.pdbx_aromatic_flag 
_chem_comp_atom.pdbx_stereo_config 
_chem_comp_atom.pdbx_ordinal 
5GP P      P  N N 1   
5GP O1P    O  N N 2   
5GP O2P    O  N N 3   
5GP O3P    O  N N 4   
5GP "O5'"  O  N N 5   
5GP "C5'"  C  N N 6   
5GP "C4'"  C  N R 7   
5GP "O4'"  O  N N 8   
5GP "C3'"  C  N S 9   
5GP "O3'"  O  N N 10  
5GP "C2'"  C  N R 11  
5GP "O2'"  O  N N 12  
5GP "C1'"  C  N R 13  
5GP N9     N  Y N 14  
5GP C8     C  Y N 15  
5GP N7     N  Y N 16  
5GP C5     C  Y N 17  
5GP C6     C  N N 18  
5GP O6     O  N N 19  
5GP N1     N  N N 20  
5GP C2     C  N N 21  
5GP N2     N  N N 22  
5GP N3     N  N N 23  
5GP C4     C  Y N 24  
5GP HOP2   H  N N 25  
5GP HOP3   H  N N 26  
5GP "H5'1" H  N N 27  
5GP "H5'2" H  N N 28  
5GP "H4'"  H  N N 29  
5GP "H3'"  H  N N 30  
5GP "HO3'" H  N N 31  
5GP "H2'"  H  N N 32  
5GP "HO2'" H  N N 33  
5GP "H1'"  H  N N 34  
5GP H8     H  N N 35  
5GP HN1    H  N N 36  
5GP HN21   H  N N 37  
5GP HN22   H  N N 38  
A   OP3    O  N N 39  
A   P      P  N N 40  
A   OP1    O  N N 41  
A   OP2    O  N N 42  
A   "O5'"  O  N N 43  
A   "C5'"  C  N N 44  
A   "C4'"  C  N R 45  
A   "O4'"  O  N N 46  
A   "C3'"  C  N S 47  
A   "O3'"  O  N N 48  
A   "C2'"  C  N R 49  
A   "O2'"  O  N N 50  
A   "C1'"  C  N R 51  
A   N9     N  Y N 52  
A   C8     C  Y N 53  
A   N7     N  Y N 54  
A   C5     C  Y N 55  
A   C6     C  Y N 56  
A   N6     N  N N 57  
A   N1     N  Y N 58  
A   C2     C  Y N 59  
A   N3     N  Y N 60  
A   C4     C  Y N 61  
A   HOP3   H  N N 62  
A   HOP2   H  N N 63  
A   "H5'"  H  N N 64  
A   "H5''" H  N N 65  
A   "H4'"  H  N N 66  
A   "H3'"  H  N N 67  
A   "HO3'" H  N N 68  
A   "H2'"  H  N N 69  
A   "HO2'" H  N N 70  
A   "H1'"  H  N N 71  
A   H8     H  N N 72  
A   H61    H  N N 73  
A   H62    H  N N 74  
A   H2     H  N N 75  
AMP P      P  N N 76  
AMP O1P    O  N N 77  
AMP O2P    O  N N 78  
AMP O3P    O  N N 79  
AMP "O5'"  O  N N 80  
AMP "C5'"  C  N N 81  
AMP "C4'"  C  N R 82  
AMP "O4'"  O  N N 83  
AMP "C3'"  C  N S 84  
AMP "O3'"  O  N N 85  
AMP "C2'"  C  N R 86  
AMP "O2'"  O  N N 87  
AMP "C1'"  C  N R 88  
AMP N9     N  Y N 89  
AMP C8     C  Y N 90  
AMP N7     N  Y N 91  
AMP C5     C  Y N 92  
AMP C6     C  Y N 93  
AMP N6     N  N N 94  
AMP N1     N  Y N 95  
AMP C2     C  Y N 96  
AMP N3     N  Y N 97  
AMP C4     C  Y N 98  
AMP HOP2   H  N N 99  
AMP HOP3   H  N N 100 
AMP "H5'1" H  N N 101 
AMP "H5'2" H  N N 102 
AMP "H4'"  H  N N 103 
AMP "H3'"  H  N N 104 
AMP "HO3'" H  N N 105 
AMP "H2'"  H  N N 106 
AMP "HO2'" H  N N 107 
AMP "H1'"  H  N N 108 
AMP H8     H  N N 109 
AMP HN61   H  N N 110 
AMP HN62   H  N N 111 
AMP H2     H  N N 112 
C   OP3    O  N N 113 
C   P      P  N N 114 
C   OP1    O  N N 115 
C   OP2    O  N N 116 
C   "O5'"  O  N N 117 
C   "C5'"  C  N N 118 
C   "C4'"  C  N R 119 
C   "O4'"  O  N N 120 
C   "C3'"  C  N S 121 
C   "O3'"  O  N N 122 
C   "C2'"  C  N R 123 
C   "O2'"  O  N N 124 
C   "C1'"  C  N R 125 
C   N1     N  N N 126 
C   C2     C  N N 127 
C   O2     O  N N 128 
C   N3     N  N N 129 
C   C4     C  N N 130 
C   N4     N  N N 131 
C   C5     C  N N 132 
C   C6     C  N N 133 
C   HOP3   H  N N 134 
C   HOP2   H  N N 135 
C   "H5'"  H  N N 136 
C   "H5''" H  N N 137 
C   "H4'"  H  N N 138 
C   "H3'"  H  N N 139 
C   "HO3'" H  N N 140 
C   "H2'"  H  N N 141 
C   "HO2'" H  N N 142 
C   "H1'"  H  N N 143 
C   H41    H  N N 144 
C   H42    H  N N 145 
C   H5     H  N N 146 
C   H6     H  N N 147 
G   OP3    O  N N 148 
G   P      P  N N 149 
G   OP1    O  N N 150 
G   OP2    O  N N 151 
G   "O5'"  O  N N 152 
G   "C5'"  C  N N 153 
G   "C4'"  C  N R 154 
G   "O4'"  O  N N 155 
G   "C3'"  C  N S 156 
G   "O3'"  O  N N 157 
G   "C2'"  C  N R 158 
G   "O2'"  O  N N 159 
G   "C1'"  C  N R 160 
G   N9     N  Y N 161 
G   C8     C  Y N 162 
G   N7     N  Y N 163 
G   C5     C  Y N 164 
G   C6     C  N N 165 
G   O6     O  N N 166 
G   N1     N  N N 167 
G   C2     C  N N 168 
G   N2     N  N N 169 
G   N3     N  N N 170 
G   C4     C  Y N 171 
G   HOP3   H  N N 172 
G   HOP2   H  N N 173 
G   "H5'"  H  N N 174 
G   "H5''" H  N N 175 
G   "H4'"  H  N N 176 
G   "H3'"  H  N N 177 
G   "HO3'" H  N N 178 
G   "H2'"  H  N N 179 
G   "HO2'" H  N N 180 
G   "H1'"  H  N N 181 
G   H8     H  N N 182 
G   H1     H  N N 183 
G   H21    H  N N 184 
G   H22    H  N N 185 
HOH O      O  N N 186 
HOH H1     H  N N 187 
HOH H2     H  N N 188 
LCC "O5'"  O  N N 189 
LCC "C5'"  C  N N 190 
LCC "C4'"  C  N R 191 
LCC "O4'"  O  N N 192 
LCC "C1'"  C  N R 193 
LCC N1     N  N N 194 
LCC C6     C  N N 195 
LCC C5     C  N N 196 
LCC C5M    C  N N 197 
LCC C4     C  N N 198 
LCC N4     N  N N 199 
LCC N3     N  N N 200 
LCC C2     C  N N 201 
LCC O2     O  N N 202 
LCC "C3'"  C  N S 203 
LCC "C2'"  C  N R 204 
LCC "O2'"  O  N N 205 
LCC "O3'"  O  N N 206 
LCC "C6'"  C  N N 207 
LCC P      P  N N 208 
LCC O1P    O  N N 209 
LCC O2P    O  N N 210 
LCC OXT    O  N N 211 
LCC "H5'1" H  N N 212 
LCC "H5'2" H  N N 213 
LCC "H1'"  H  N N 214 
LCC H6     H  N N 215 
LCC H5M1   H  N N 216 
LCC H5M2   H  N N 217 
LCC H5M3   H  N N 218 
LCC H41    H  N N 219 
LCC H42    H  N N 220 
LCC "H3'"  H  N N 221 
LCC "H2'1" H  N N 222 
LCC H3T    H  N N 223 
LCC "H6'1" H  N N 224 
LCC "H6'2" H  N N 225 
LCC H1P    H  N N 226 
LCC HXT    H  N N 227 
LCG P      P  N N 228 
LCG OP1    O  N N 229 
LCG "O5'"  O  N N 230 
LCG "C5'"  C  N N 231 
LCG "C3'"  C  N S 232 
LCG "C6'"  C  N N 233 
LCG N9     N  Y N 234 
LCG C8     C  Y N 235 
LCG C4     C  Y N 236 
LCG N7     N  Y N 237 
LCG C5     C  Y N 238 
LCG C6     C  N N 239 
LCG "C2'"  C  N R 240 
LCG O6     O  N N 241 
LCG "C4'"  C  N R 242 
LCG "C1'"  C  N R 243 
LCG C2     C  N N 244 
LCG N1     N  N N 245 
LCG "O4'"  O  N N 246 
LCG OP2    O  N N 247 
LCG N2     N  N N 248 
LCG N3     N  N N 249 
LCG "O2'"  O  N N 250 
LCG "O3'"  O  N N 251 
LCG OP3    O  N N 252 
LCG "H5'"  H  N N 253 
LCG "H5''" H  N N 254 
LCG "H3'"  H  N N 255 
LCG "H6'1" H  N N 256 
LCG "H6'2" H  N N 257 
LCG H8     H  N N 258 
LCG "H2'"  H  N N 259 
LCG "H1'"  H  N N 260 
LCG H1     H  N N 261 
LCG HOP2   H  N N 262 
LCG H21    H  N N 263 
LCG H22    H  N N 264 
LCG "HO3'" H  N N 265 
LCG HOP3   H  N N 266 
MG  MG     MG N N 267 
TLN P      P  N N 268 
TLN OP1    O  N N 269 
TLN OP2    O  N N 270 
TLN OP3    O  N N 271 
TLN "O5'"  O  N N 272 
TLN "C5'"  C  N N 273 
TLN "C4'"  C  N R 274 
TLN "O4'"  O  N N 275 
TLN "C1'"  C  N R 276 
TLN N1     N  N N 277 
TLN C6     C  N N 278 
TLN C5     C  N N 279 
TLN C5M    C  N N 280 
TLN C4     C  N N 281 
TLN O4     O  N N 282 
TLN N3     N  N N 283 
TLN C2     C  N N 284 
TLN O2     O  N N 285 
TLN "C3'"  C  N S 286 
TLN "C2'"  C  N R 287 
TLN "O2'"  O  N N 288 
TLN "O3'"  O  N N 289 
TLN "C6'"  C  N N 290 
TLN HOP2   H  N N 291 
TLN HOP3   H  N N 292 
TLN "H5'"  H  N N 293 
TLN "H5''" H  N N 294 
TLN "H1'"  H  N N 295 
TLN H6     H  N N 296 
TLN H71    H  N N 297 
TLN H72    H  N N 298 
TLN H73    H  N N 299 
TLN H3     H  N N 300 
TLN "H3'"  H  N N 301 
TLN "H2'"  H  N N 302 
TLN "HO3'" H  N N 303 
TLN "H6'1" H  N N 304 
TLN "H6'2" H  N N 305 
U   OP3    O  N N 306 
U   P      P  N N 307 
U   OP1    O  N N 308 
U   OP2    O  N N 309 
U   "O5'"  O  N N 310 
U   "C5'"  C  N N 311 
U   "C4'"  C  N R 312 
U   "O4'"  O  N N 313 
U   "C3'"  C  N S 314 
U   "O3'"  O  N N 315 
U   "C2'"  C  N R 316 
U   "O2'"  O  N N 317 
U   "C1'"  C  N R 318 
U   N1     N  N N 319 
U   C2     C  N N 320 
U   O2     O  N N 321 
U   N3     N  N N 322 
U   C4     C  N N 323 
U   O4     O  N N 324 
U   C5     C  N N 325 
U   C6     C  N N 326 
U   HOP3   H  N N 327 
U   HOP2   H  N N 328 
U   "H5'"  H  N N 329 
U   "H5''" H  N N 330 
U   "H4'"  H  N N 331 
U   "H3'"  H  N N 332 
U   "HO3'" H  N N 333 
U   "H2'"  H  N N 334 
U   "HO2'" H  N N 335 
U   "H1'"  H  N N 336 
U   H3     H  N N 337 
U   H5     H  N N 338 
U   H6     H  N N 339 
# 
loop_
_chem_comp_bond.comp_id 
_chem_comp_bond.atom_id_1 
_chem_comp_bond.atom_id_2 
_chem_comp_bond.value_order 
_chem_comp_bond.pdbx_aromatic_flag 
_chem_comp_bond.pdbx_stereo_config 
_chem_comp_bond.pdbx_ordinal 
5GP P     O1P    doub N N 1   
5GP P     O2P    sing N N 2   
5GP P     O3P    sing N N 3   
5GP P     "O5'"  sing N N 4   
5GP O2P   HOP2   sing N N 5   
5GP O3P   HOP3   sing N N 6   
5GP "O5'" "C5'"  sing N N 7   
5GP "C5'" "C4'"  sing N N 8   
5GP "C5'" "H5'1" sing N N 9   
5GP "C5'" "H5'2" sing N N 10  
5GP "C4'" "O4'"  sing N N 11  
5GP "C4'" "C3'"  sing N N 12  
5GP "C4'" "H4'"  sing N N 13  
5GP "O4'" "C1'"  sing N N 14  
5GP "C3'" "O3'"  sing N N 15  
5GP "C3'" "C2'"  sing N N 16  
5GP "C3'" "H3'"  sing N N 17  
5GP "O3'" "HO3'" sing N N 18  
5GP "C2'" "O2'"  sing N N 19  
5GP "C2'" "C1'"  sing N N 20  
5GP "C2'" "H2'"  sing N N 21  
5GP "O2'" "HO2'" sing N N 22  
5GP "C1'" N9     sing N N 23  
5GP "C1'" "H1'"  sing N N 24  
5GP N9    C8     sing Y N 25  
5GP N9    C4     sing Y N 26  
5GP C8    N7     doub Y N 27  
5GP C8    H8     sing N N 28  
5GP N7    C5     sing Y N 29  
5GP C5    C6     sing N N 30  
5GP C5    C4     doub Y N 31  
5GP C6    O6     doub N N 32  
5GP C6    N1     sing N N 33  
5GP N1    C2     sing N N 34  
5GP N1    HN1    sing N N 35  
5GP C2    N2     sing N N 36  
5GP C2    N3     doub N N 37  
5GP N2    HN21   sing N N 38  
5GP N2    HN22   sing N N 39  
5GP N3    C4     sing N N 40  
A   OP3   P      sing N N 41  
A   OP3   HOP3   sing N N 42  
A   P     OP1    doub N N 43  
A   P     OP2    sing N N 44  
A   P     "O5'"  sing N N 45  
A   OP2   HOP2   sing N N 46  
A   "O5'" "C5'"  sing N N 47  
A   "C5'" "C4'"  sing N N 48  
A   "C5'" "H5'"  sing N N 49  
A   "C5'" "H5''" sing N N 50  
A   "C4'" "O4'"  sing N N 51  
A   "C4'" "C3'"  sing N N 52  
A   "C4'" "H4'"  sing N N 53  
A   "O4'" "C1'"  sing N N 54  
A   "C3'" "O3'"  sing N N 55  
A   "C3'" "C2'"  sing N N 56  
A   "C3'" "H3'"  sing N N 57  
A   "O3'" "HO3'" sing N N 58  
A   "C2'" "O2'"  sing N N 59  
A   "C2'" "C1'"  sing N N 60  
A   "C2'" "H2'"  sing N N 61  
A   "O2'" "HO2'" sing N N 62  
A   "C1'" N9     sing N N 63  
A   "C1'" "H1'"  sing N N 64  
A   N9    C8     sing Y N 65  
A   N9    C4     sing Y N 66  
A   C8    N7     doub Y N 67  
A   C8    H8     sing N N 68  
A   N7    C5     sing Y N 69  
A   C5    C6     sing Y N 70  
A   C5    C4     doub Y N 71  
A   C6    N6     sing N N 72  
A   C6    N1     doub Y N 73  
A   N6    H61    sing N N 74  
A   N6    H62    sing N N 75  
A   N1    C2     sing Y N 76  
A   C2    N3     doub Y N 77  
A   C2    H2     sing N N 78  
A   N3    C4     sing Y N 79  
AMP P     O1P    doub N N 80  
AMP P     O2P    sing N N 81  
AMP P     O3P    sing N N 82  
AMP P     "O5'"  sing N N 83  
AMP O2P   HOP2   sing N N 84  
AMP O3P   HOP3   sing N N 85  
AMP "O5'" "C5'"  sing N N 86  
AMP "C5'" "C4'"  sing N N 87  
AMP "C5'" "H5'1" sing N N 88  
AMP "C5'" "H5'2" sing N N 89  
AMP "C4'" "O4'"  sing N N 90  
AMP "C4'" "C3'"  sing N N 91  
AMP "C4'" "H4'"  sing N N 92  
AMP "O4'" "C1'"  sing N N 93  
AMP "C3'" "O3'"  sing N N 94  
AMP "C3'" "C2'"  sing N N 95  
AMP "C3'" "H3'"  sing N N 96  
AMP "O3'" "HO3'" sing N N 97  
AMP "C2'" "O2'"  sing N N 98  
AMP "C2'" "C1'"  sing N N 99  
AMP "C2'" "H2'"  sing N N 100 
AMP "O2'" "HO2'" sing N N 101 
AMP "C1'" N9     sing N N 102 
AMP "C1'" "H1'"  sing N N 103 
AMP N9    C8     sing Y N 104 
AMP N9    C4     sing Y N 105 
AMP C8    N7     doub Y N 106 
AMP C8    H8     sing N N 107 
AMP N7    C5     sing Y N 108 
AMP C5    C6     sing Y N 109 
AMP C5    C4     doub Y N 110 
AMP C6    N6     sing N N 111 
AMP C6    N1     doub Y N 112 
AMP N6    HN61   sing N N 113 
AMP N6    HN62   sing N N 114 
AMP N1    C2     sing Y N 115 
AMP C2    N3     doub Y N 116 
AMP C2    H2     sing N N 117 
AMP N3    C4     sing Y N 118 
C   OP3   P      sing N N 119 
C   OP3   HOP3   sing N N 120 
C   P     OP1    doub N N 121 
C   P     OP2    sing N N 122 
C   P     "O5'"  sing N N 123 
C   OP2   HOP2   sing N N 124 
C   "O5'" "C5'"  sing N N 125 
C   "C5'" "C4'"  sing N N 126 
C   "C5'" "H5'"  sing N N 127 
C   "C5'" "H5''" sing N N 128 
C   "C4'" "O4'"  sing N N 129 
C   "C4'" "C3'"  sing N N 130 
C   "C4'" "H4'"  sing N N 131 
C   "O4'" "C1'"  sing N N 132 
C   "C3'" "O3'"  sing N N 133 
C   "C3'" "C2'"  sing N N 134 
C   "C3'" "H3'"  sing N N 135 
C   "O3'" "HO3'" sing N N 136 
C   "C2'" "O2'"  sing N N 137 
C   "C2'" "C1'"  sing N N 138 
C   "C2'" "H2'"  sing N N 139 
C   "O2'" "HO2'" sing N N 140 
C   "C1'" N1     sing N N 141 
C   "C1'" "H1'"  sing N N 142 
C   N1    C2     sing N N 143 
C   N1    C6     sing N N 144 
C   C2    O2     doub N N 145 
C   C2    N3     sing N N 146 
C   N3    C4     doub N N 147 
C   C4    N4     sing N N 148 
C   C4    C5     sing N N 149 
C   N4    H41    sing N N 150 
C   N4    H42    sing N N 151 
C   C5    C6     doub N N 152 
C   C5    H5     sing N N 153 
C   C6    H6     sing N N 154 
G   OP3   P      sing N N 155 
G   OP3   HOP3   sing N N 156 
G   P     OP1    doub N N 157 
G   P     OP2    sing N N 158 
G   P     "O5'"  sing N N 159 
G   OP2   HOP2   sing N N 160 
G   "O5'" "C5'"  sing N N 161 
G   "C5'" "C4'"  sing N N 162 
G   "C5'" "H5'"  sing N N 163 
G   "C5'" "H5''" sing N N 164 
G   "C4'" "O4'"  sing N N 165 
G   "C4'" "C3'"  sing N N 166 
G   "C4'" "H4'"  sing N N 167 
G   "O4'" "C1'"  sing N N 168 
G   "C3'" "O3'"  sing N N 169 
G   "C3'" "C2'"  sing N N 170 
G   "C3'" "H3'"  sing N N 171 
G   "O3'" "HO3'" sing N N 172 
G   "C2'" "O2'"  sing N N 173 
G   "C2'" "C1'"  sing N N 174 
G   "C2'" "H2'"  sing N N 175 
G   "O2'" "HO2'" sing N N 176 
G   "C1'" N9     sing N N 177 
G   "C1'" "H1'"  sing N N 178 
G   N9    C8     sing Y N 179 
G   N9    C4     sing Y N 180 
G   C8    N7     doub Y N 181 
G   C8    H8     sing N N 182 
G   N7    C5     sing Y N 183 
G   C5    C6     sing N N 184 
G   C5    C4     doub Y N 185 
G   C6    O6     doub N N 186 
G   C6    N1     sing N N 187 
G   N1    C2     sing N N 188 
G   N1    H1     sing N N 189 
G   C2    N2     sing N N 190 
G   C2    N3     doub N N 191 
G   N2    H21    sing N N 192 
G   N2    H22    sing N N 193 
G   N3    C4     sing N N 194 
HOH O     H1     sing N N 195 
HOH O     H2     sing N N 196 
LCC "O5'" "C5'"  sing N N 197 
LCC "O5'" P      sing N N 198 
LCC "C5'" "C4'"  sing N N 199 
LCC "C5'" "H5'1" sing N N 200 
LCC "C5'" "H5'2" sing N N 201 
LCC "C4'" "O4'"  sing N N 202 
LCC "C4'" "C3'"  sing N N 203 
LCC "C4'" "C6'"  sing N N 204 
LCC "O4'" "C1'"  sing N N 205 
LCC "C1'" N1     sing N N 206 
LCC "C1'" "C2'"  sing N N 207 
LCC "C1'" "H1'"  sing N N 208 
LCC N1    C6     sing N N 209 
LCC N1    C2     sing N N 210 
LCC C6    C5     doub N N 211 
LCC C6    H6     sing N N 212 
LCC C5    C5M    sing N N 213 
LCC C5    C4     sing N N 214 
LCC C5M   H5M1   sing N N 215 
LCC C5M   H5M2   sing N N 216 
LCC C5M   H5M3   sing N N 217 
LCC C4    N4     sing N N 218 
LCC C4    N3     doub N N 219 
LCC N4    H41    sing N N 220 
LCC N4    H42    sing N N 221 
LCC N3    C2     sing N N 222 
LCC C2    O2     doub N N 223 
LCC "C3'" "C2'"  sing N N 224 
LCC "C3'" "O3'"  sing N N 225 
LCC "C3'" "H3'"  sing N N 226 
LCC "C2'" "O2'"  sing N N 227 
LCC "C2'" "H2'1" sing N N 228 
LCC "O2'" "C6'"  sing N N 229 
LCC "O3'" H3T    sing N N 230 
LCC "C6'" "H6'1" sing N N 231 
LCC "C6'" "H6'2" sing N N 232 
LCC P     O1P    sing N N 233 
LCC P     O2P    doub N N 234 
LCC P     OXT    sing N N 235 
LCC O1P   H1P    sing N N 236 
LCC OXT   HXT    sing N N 237 
LCG P     OP1    doub N N 238 
LCG P     "O5'"  sing N N 239 
LCG P     OP2    sing N N 240 
LCG P     OP3    sing N N 241 
LCG "O5'" "C5'"  sing N N 242 
LCG "C5'" "C4'"  sing N N 243 
LCG "C5'" "H5'"  sing N N 244 
LCG "C5'" "H5''" sing N N 245 
LCG "C3'" "C2'"  sing N N 246 
LCG "C3'" "C4'"  sing N N 247 
LCG "C3'" "O3'"  sing N N 248 
LCG "C3'" "H3'"  sing N N 249 
LCG "C6'" "C4'"  sing N N 250 
LCG "C6'" "O2'"  sing N N 251 
LCG "C6'" "H6'1" sing N N 252 
LCG "C6'" "H6'2" sing N N 253 
LCG N9    C8     sing Y N 254 
LCG N9    C4     sing Y N 255 
LCG N9    "C1'"  sing N N 256 
LCG C8    N7     doub Y N 257 
LCG C8    H8     sing N N 258 
LCG C4    C5     doub Y N 259 
LCG C4    N3     sing N N 260 
LCG N7    C5     sing Y N 261 
LCG C5    C6     sing N N 262 
LCG C6    O6     doub N N 263 
LCG C6    N1     sing N N 264 
LCG "C2'" "C1'"  sing N N 265 
LCG "C2'" "O2'"  sing N N 266 
LCG "C2'" "H2'"  sing N N 267 
LCG "C4'" "O4'"  sing N N 268 
LCG "C1'" "O4'"  sing N N 269 
LCG "C1'" "H1'"  sing N N 270 
LCG C2    N1     sing N N 271 
LCG C2    N2     sing N N 272 
LCG C2    N3     doub N N 273 
LCG N1    H1     sing N N 274 
LCG OP2   HOP2   sing N N 275 
LCG N2    H21    sing N N 276 
LCG N2    H22    sing N N 277 
LCG "O3'" "HO3'" sing N N 278 
LCG OP3   HOP3   sing N N 279 
TLN P     OP1    doub N N 280 
TLN P     OP2    sing N N 281 
TLN P     OP3    sing N N 282 
TLN P     "O5'"  sing N N 283 
TLN OP2   HOP2   sing N N 284 
TLN OP3   HOP3   sing N N 285 
TLN "O5'" "C5'"  sing N N 286 
TLN "C5'" "C4'"  sing N N 287 
TLN "C5'" "H5'"  sing N N 288 
TLN "C5'" "H5''" sing N N 289 
TLN "C4'" "O4'"  sing N N 290 
TLN "C4'" "C3'"  sing N N 291 
TLN "C4'" "C6'"  sing N N 292 
TLN "O4'" "C1'"  sing N N 293 
TLN "C1'" N1     sing N N 294 
TLN "C1'" "C2'"  sing N N 295 
TLN "C1'" "H1'"  sing N N 296 
TLN N1    C6     sing N N 297 
TLN N1    C2     sing N N 298 
TLN C6    C5     doub N N 299 
TLN C6    H6     sing N N 300 
TLN C5    C5M    sing N N 301 
TLN C5    C4     sing N N 302 
TLN C5M   H71    sing N N 303 
TLN C5M   H72    sing N N 304 
TLN C5M   H73    sing N N 305 
TLN C4    O4     doub N N 306 
TLN C4    N3     sing N N 307 
TLN N3    C2     sing N N 308 
TLN N3    H3     sing N N 309 
TLN C2    O2     doub N N 310 
TLN "C3'" "C2'"  sing N N 311 
TLN "C3'" "O3'"  sing N N 312 
TLN "C3'" "H3'"  sing N N 313 
TLN "C2'" "O2'"  sing N N 314 
TLN "C2'" "H2'"  sing N N 315 
TLN "O2'" "C6'"  sing N N 316 
TLN "O3'" "HO3'" sing N N 317 
TLN "C6'" "H6'1" sing N N 318 
TLN "C6'" "H6'2" sing N N 319 
U   OP3   P      sing N N 320 
U   OP3   HOP3   sing N N 321 
U   P     OP1    doub N N 322 
U   P     OP2    sing N N 323 
U   P     "O5'"  sing N N 324 
U   OP2   HOP2   sing N N 325 
U   "O5'" "C5'"  sing N N 326 
U   "C5'" "C4'"  sing N N 327 
U   "C5'" "H5'"  sing N N 328 
U   "C5'" "H5''" sing N N 329 
U   "C4'" "O4'"  sing N N 330 
U   "C4'" "C3'"  sing N N 331 
U   "C4'" "H4'"  sing N N 332 
U   "O4'" "C1'"  sing N N 333 
U   "C3'" "O3'"  sing N N 334 
U   "C3'" "C2'"  sing N N 335 
U   "C3'" "H3'"  sing N N 336 
U   "O3'" "HO3'" sing N N 337 
U   "C2'" "O2'"  sing N N 338 
U   "C2'" "C1'"  sing N N 339 
U   "C2'" "H2'"  sing N N 340 
U   "O2'" "HO2'" sing N N 341 
U   "C1'" N1     sing N N 342 
U   "C1'" "H1'"  sing N N 343 
U   N1    C2     sing N N 344 
U   N1    C6     sing N N 345 
U   C2    O2     doub N N 346 
U   C2    N3     sing N N 347 
U   N3    C4     sing N N 348 
U   N3    H3     sing N N 349 
U   C4    O4     doub N N 350 
U   C4    C5     sing N N 351 
U   C5    C6     doub N N 352 
U   C5    H5     sing N N 353 
U   C6    H6     sing N N 354 
# 
_ndb_struct_conf_na.entry_id   8SX6 
_ndb_struct_conf_na.feature    'a-form double helix' 
# 
loop_
_ndb_struct_na_base_pair.model_number 
_ndb_struct_na_base_pair.i_label_asym_id 
_ndb_struct_na_base_pair.i_label_comp_id 
_ndb_struct_na_base_pair.i_label_seq_id 
_ndb_struct_na_base_pair.i_symmetry 
_ndb_struct_na_base_pair.j_label_asym_id 
_ndb_struct_na_base_pair.j_label_comp_id 
_ndb_struct_na_base_pair.j_label_seq_id 
_ndb_struct_na_base_pair.j_symmetry 
_ndb_struct_na_base_pair.shear 
_ndb_struct_na_base_pair.stretch 
_ndb_struct_na_base_pair.stagger 
_ndb_struct_na_base_pair.buckle 
_ndb_struct_na_base_pair.propeller 
_ndb_struct_na_base_pair.opening 
_ndb_struct_na_base_pair.pair_number 
_ndb_struct_na_base_pair.pair_name 
_ndb_struct_na_base_pair.i_auth_asym_id 
_ndb_struct_na_base_pair.i_auth_seq_id 
_ndb_struct_na_base_pair.i_PDB_ins_code 
_ndb_struct_na_base_pair.j_auth_asym_id 
_ndb_struct_na_base_pair.j_auth_seq_id 
_ndb_struct_na_base_pair.j_PDB_ins_code 
_ndb_struct_na_base_pair.hbond_type_28 
_ndb_struct_na_base_pair.hbond_type_12 
1 A LCG 4  1_555 B C   13 1_555 -0.165 -0.183 -0.019 -4.260  -16.113 0.615  1  A_LCG4:C13_B A 4  ? B 13 ? 19 1 
1 A A   5  1_555 B U   12 1_555 0.023  -0.147 0.136  2.672   -8.709  -5.350 2  A_A5:U12_B   A 5  ? B 12 ? 20 1 
1 A C   6  1_555 B G   11 1_555 0.266  -0.178 -0.022 8.209   -15.096 -1.600 3  A_C6:G11_B   A 6  ? B 11 ? 19 1 
1 A U   7  1_555 B A   10 1_555 -0.152 -0.097 0.019  3.739   -16.485 2.204  4  A_U7:A10_B   A 7  ? B 10 ? 20 1 
1 A U   8  1_555 B A   9  1_555 0.006  -0.117 -0.050 7.230   -11.562 3.007  5  A_U8:A9_B    A 8  ? B 9  ? 20 1 
1 A A   9  1_555 B U   8  1_555 -0.052 -0.073 0.077  -4.184  -18.101 6.828  6  A_A9:U8_B    A 9  ? B 8  ? 20 1 
1 A A   10 1_555 B U   7  1_555 0.112  -0.147 0.055  -4.964  -13.018 0.037  7  A_A10:U7_B   A 10 ? B 7  ? 20 1 
1 A G   11 1_555 B C   6  1_555 -0.227 -0.188 -0.047 -10.139 -18.862 -1.692 8  A_G11:C6_B   A 11 ? B 6  ? 19 1 
1 A U   12 1_555 B A   5  1_555 0.025  -0.136 0.150  -3.527  -11.288 -4.256 9  A_U12:A5_B   A 12 ? B 5  ? 20 1 
1 A C   13 1_555 B LCG 4  1_555 0.241  -0.217 0.014  3.393   -13.499 0.387  10 A_C13:LCG4_B A 13 ? B 4  ? 19 1 
# 
loop_
_ndb_struct_na_base_pair_step.model_number 
_ndb_struct_na_base_pair_step.i_label_asym_id_1 
_ndb_struct_na_base_pair_step.i_label_comp_id_1 
_ndb_struct_na_base_pair_step.i_label_seq_id_1 
_ndb_struct_na_base_pair_step.i_symmetry_1 
_ndb_struct_na_base_pair_step.j_label_asym_id_1 
_ndb_struct_na_base_pair_step.j_label_comp_id_1 
_ndb_struct_na_base_pair_step.j_label_seq_id_1 
_ndb_struct_na_base_pair_step.j_symmetry_1 
_ndb_struct_na_base_pair_step.i_label_asym_id_2 
_ndb_struct_na_base_pair_step.i_label_comp_id_2 
_ndb_struct_na_base_pair_step.i_label_seq_id_2 
_ndb_struct_na_base_pair_step.i_symmetry_2 
_ndb_struct_na_base_pair_step.j_label_asym_id_2 
_ndb_struct_na_base_pair_step.j_label_comp_id_2 
_ndb_struct_na_base_pair_step.j_label_seq_id_2 
_ndb_struct_na_base_pair_step.j_symmetry_2 
_ndb_struct_na_base_pair_step.shift 
_ndb_struct_na_base_pair_step.slide 
_ndb_struct_na_base_pair_step.rise 
_ndb_struct_na_base_pair_step.tilt 
_ndb_struct_na_base_pair_step.roll 
_ndb_struct_na_base_pair_step.twist 
_ndb_struct_na_base_pair_step.x_displacement 
_ndb_struct_na_base_pair_step.y_displacement 
_ndb_struct_na_base_pair_step.helical_rise 
_ndb_struct_na_base_pair_step.inclination 
_ndb_struct_na_base_pair_step.tip 
_ndb_struct_na_base_pair_step.helical_twist 
_ndb_struct_na_base_pair_step.step_number 
_ndb_struct_na_base_pair_step.step_name 
_ndb_struct_na_base_pair_step.i_auth_asym_id_1 
_ndb_struct_na_base_pair_step.i_auth_seq_id_1 
_ndb_struct_na_base_pair_step.i_PDB_ins_code_1 
_ndb_struct_na_base_pair_step.j_auth_asym_id_1 
_ndb_struct_na_base_pair_step.j_auth_seq_id_1 
_ndb_struct_na_base_pair_step.j_PDB_ins_code_1 
_ndb_struct_na_base_pair_step.i_auth_asym_id_2 
_ndb_struct_na_base_pair_step.i_auth_seq_id_2 
_ndb_struct_na_base_pair_step.i_PDB_ins_code_2 
_ndb_struct_na_base_pair_step.j_auth_asym_id_2 
_ndb_struct_na_base_pair_step.j_auth_seq_id_2 
_ndb_struct_na_base_pair_step.j_PDB_ins_code_2 
1 A LCG 4  1_555 B C 13 1_555 A A 5  1_555 B U   12 1_555 -0.557 -1.330 3.054 -2.960 2.949  32.387 -2.839 0.517  2.963 5.259  
5.280  32.648 1 AA_LCG4A5:U12C13_BB A 4  ? B 13 ? A 5  ? B 12 ? 
1 A A   5  1_555 B U 12 1_555 A C 6  1_555 B G   11 1_555 0.540  -1.676 3.116 2.074  3.143  32.802 -3.448 -0.622 2.974 5.543  
-3.657 33.012 2 AA_A5C6:G11U12_BB   A 5  ? B 12 ? A 6  ? B 11 ? 
1 A C   6  1_555 B G 11 1_555 A U 7  1_555 B A   10 1_555 -0.360 -1.841 3.281 -2.654 10.574 28.315 -5.465 0.200  2.472 20.672 
5.188  30.301 3 AA_C6U7:A10G11_BB   A 6  ? B 11 ? A 7  ? B 10 ? 
1 A U   7  1_555 B A 10 1_555 A U 8  1_555 B A   9  1_555 -0.161 -1.144 3.162 -2.402 9.614  31.983 -3.449 -0.085 2.718 16.946 
4.234  33.444 4 AA_U7U8:A9A10_BB    A 7  ? B 10 ? A 8  ? B 9  ? 
1 A U   8  1_555 B A 9  1_555 A A 9  1_555 B U   8  1_555 0.409  -1.493 3.278 0.835  18.728 31.300 -4.710 -0.553 2.093 31.432 
-1.402 36.364 5 AA_U8A9:U8A9_BB     A 8  ? B 9  ? A 9  ? B 8  ? 
1 A A   9  1_555 B U 8  1_555 A A 10 1_555 B U   7  1_555 -0.564 -1.446 3.203 -0.573 7.194  32.704 -3.620 0.891  2.839 12.586 
1.002  33.470 6 AA_A9A10:U7U8_BB    A 9  ? B 8  ? A 10 ? B 7  ? 
1 A A   10 1_555 B U 7  1_555 A G 11 1_555 B C   6  1_555 0.130  -1.635 3.312 2.485  9.389  30.317 -4.602 0.191  2.700 17.401 
-4.605 31.800 7 AA_A10G11:C6U7_BB   A 10 ? B 7  ? A 11 ? B 6  ? 
1 A G   11 1_555 B C 6  1_555 A U 12 1_555 B A   5  1_555 -0.449 -1.407 3.098 -2.150 4.200  33.603 -3.035 0.451  2.928 7.220  
3.696  33.923 8 AA_G11U12:A5C6_BB   A 11 ? B 6  ? A 12 ? B 5  ? 
1 A U   12 1_555 B A 5  1_555 A C 13 1_555 B LCG 4  1_555 0.623  -1.225 3.028 2.919  4.612  32.068 -2.921 -0.649 2.873 8.274  
-5.237 32.517 9 AA_U12C13:LCG4A5_BB A 12 ? B 5  ? A 13 ? B 4  ? 
# 
_pdbx_audit_support.funding_organization   'Not funded' 
_pdbx_audit_support.country                ? 
_pdbx_audit_support.grant_number           ? 
_pdbx_audit_support.ordinal                1 
# 
_pdbx_initial_refinement_model.id               1 
_pdbx_initial_refinement_model.entity_id_list   ? 
_pdbx_initial_refinement_model.type             'experimental model' 
_pdbx_initial_refinement_model.source_name      PDB 
_pdbx_initial_refinement_model.accession_code   6C8N 
_pdbx_initial_refinement_model.details          'PDB entry 6C8N' 
# 
_atom_sites.entry_id                    8SX6 
_atom_sites.Cartn_transf_matrix[1][1]   ? 
_atom_sites.Cartn_transf_matrix[1][2]   ? 
_atom_sites.Cartn_transf_matrix[1][3]   ? 
_atom_sites.Cartn_transf_matrix[2][1]   ? 
_atom_sites.Cartn_transf_matrix[2][2]   ? 
_atom_sites.Cartn_transf_matrix[2][3]   ? 
_atom_sites.Cartn_transf_matrix[3][1]   ? 
_atom_sites.Cartn_transf_matrix[3][2]   ? 
_atom_sites.Cartn_transf_matrix[3][3]   ? 
_atom_sites.Cartn_transf_vector[1]      ? 
_atom_sites.Cartn_transf_vector[2]      ? 
_atom_sites.Cartn_transf_vector[3]      ? 
_atom_sites.fract_transf_matrix[1][1]   0.01647365 
_atom_sites.fract_transf_matrix[1][2]   -0.01500431 
_atom_sites.fract_transf_matrix[1][3]   0.01439702 
_atom_sites.fract_transf_matrix[2][1]   0.02583916 
_atom_sites.fract_transf_matrix[2][2]   -0.00079850 
_atom_sites.fract_transf_matrix[2][3]   -0.00595717 
_atom_sites.fract_transf_matrix[3][1]   0.00206524 
_atom_sites.fract_transf_matrix[3][2]   0.00962496 
_atom_sites.fract_transf_matrix[3][3]   0.00766782 
_atom_sites.fract_transf_vector[1]      1.147796 
_atom_sites.fract_transf_vector[2]      1.783099 
_atom_sites.fract_transf_vector[3]      0.248642 
_atom_sites.solution_primary            ? 
_atom_sites.solution_secondary          ? 
_atom_sites.solution_hydrogens          ? 
_atom_sites.special_details             ? 
# 
loop_
_atom_type.symbol 
C  
MG 
N  
O  
P  
# 
loop_
_atom_site.group_PDB 
_atom_site.id 
_atom_site.type_symbol 
_atom_site.label_atom_id 
_atom_site.label_alt_id 
_atom_site.label_comp_id 
_atom_site.label_asym_id 
_atom_site.label_entity_id 
_atom_site.label_seq_id 
_atom_site.pdbx_PDB_ins_code 
_atom_site.Cartn_x 
_atom_site.Cartn_y 
_atom_site.Cartn_z 
_atom_site.occupancy 
_atom_site.B_iso_or_equiv 
_atom_site.pdbx_formal_charge 
_atom_site.auth_seq_id 
_atom_site.auth_comp_id 
_atom_site.auth_asym_id 
_atom_site.auth_atom_id 
_atom_site.pdbx_PDB_model_num 
HETATM 1   O  "O5'" . TLN A 1 1  ? -14.142 -8.452  -15.040 1.00 50.22  ? 1   TLN A "O5'" 1 
HETATM 2   C  "C5'" . TLN A 1 1  ? -15.554 -8.434  -14.722 1.00 49.33  ? 1   TLN A "C5'" 1 
HETATM 3   C  "C4'" . TLN A 1 1  ? -15.694 -9.466  -13.601 1.00 44.49  ? 1   TLN A "C4'" 1 
HETATM 4   O  "O4'" . TLN A 1 1  ? -14.991 -10.554 -14.146 1.00 48.32  ? 1   TLN A "O4'" 1 
HETATM 5   C  "C1'" . TLN A 1 1  ? -14.699 -11.443 -13.114 1.00 47.82  ? 1   TLN A "C1'" 1 
HETATM 6   N  N1    . TLN A 1 1  ? -13.255 -11.621 -13.417 1.00 43.78  ? 1   TLN A N1    1 
HETATM 7   C  C6    . TLN A 1 1  ? -12.724 -10.751 -14.382 1.00 45.52  ? 1   TLN A C6    1 
HETATM 8   C  C5    . TLN A 1 1  ? -11.417 -10.773 -14.817 1.00 50.13  ? 1   TLN A C5    1 
HETATM 9   C  C5M   . TLN A 1 1  ? -10.983 -9.824  -15.754 1.00 49.01  ? 1   TLN A C5M   1 
HETATM 10  C  C4    . TLN A 1 1  ? -10.597 -11.754 -14.278 1.00 53.21  ? 1   TLN A C4    1 
HETATM 11  O  O4    . TLN A 1 1  ? -9.407  -11.864 -14.591 1.00 53.52  ? 1   TLN A O4    1 
HETATM 12  N  N3    . TLN A 1 1  ? -11.149 -12.643 -13.332 1.00 56.80  ? 1   TLN A N3    1 
HETATM 13  C  C2    . TLN A 1 1  ? -12.500 -12.600 -12.899 1.00 44.42  ? 1   TLN A C2    1 
HETATM 14  O  O2    . TLN A 1 1  ? -12.934 -13.424 -12.053 1.00 43.42  ? 1   TLN A O2    1 
HETATM 15  C  "C3'" . TLN A 1 1  ? -14.897 -9.198  -12.342 1.00 46.56  ? 1   TLN A "C3'" 1 
HETATM 16  C  "C2'" . TLN A 1 1  ? -15.149 -10.608 -11.901 1.00 43.67  ? 1   TLN A "C2'" 1 
HETATM 17  O  "O2'" . TLN A 1 1  ? -16.611 -10.700 -11.862 1.00 46.34  ? 1   TLN A "O2'" 1 
HETATM 18  O  "O3'" . TLN A 1 1  ? -15.461 -8.246  -11.400 1.00 43.54  ? 1   TLN A "O3'" 1 
HETATM 19  C  "C6'" . TLN A 1 1  ? -17.048 -9.895  -13.135 1.00 44.01  ? 1   TLN A "C6'" 1 
HETATM 20  O  "O5'" . LCC A 1 2  ? -14.019 -8.852  -9.261  1.00 32.84  ? 2   LCC A "O5'" 1 
HETATM 21  C  "C5'" . LCC A 1 2  ? -15.025 -9.339  -8.396  1.00 30.86  ? 2   LCC A "C5'" 1 
HETATM 22  C  "C4'" . LCC A 1 2  ? -14.316 -10.425 -7.648  1.00 27.39  ? 2   LCC A "C4'" 1 
HETATM 23  O  "O4'" . LCC A 1 2  ? -13.899 -11.384 -8.590  1.00 28.39  ? 2   LCC A "O4'" 1 
HETATM 24  C  "C1'" . LCC A 1 2  ? -12.849 -12.195 -7.922  1.00 25.09  ? 2   LCC A "C1'" 1 
HETATM 25  N  N1    . LCC A 1 2  ? -11.565 -12.136 -8.633  1.00 26.15  ? 2   LCC A N1    1 
HETATM 26  C  C6    . LCC A 1 2  ? -11.315 -11.121 -9.617  1.00 26.79  ? 2   LCC A C6    1 
HETATM 27  C  C5    . LCC A 1 2  ? -10.087 -11.086 -10.224 1.00 27.37  ? 2   LCC A C5    1 
HETATM 28  C  C5M   . LCC A 1 2  ? -9.752  -10.139 -11.205 1.00 32.31  ? 2   LCC A C5M   1 
HETATM 29  C  C4    . LCC A 1 2  ? -9.110  -11.998 -9.824  1.00 28.36  ? 2   LCC A C4    1 
HETATM 30  N  N4    . LCC A 1 2  ? -7.934  -11.958 -10.413 1.00 29.54  ? 2   LCC A N4    1 
HETATM 31  N  N3    . LCC A 1 2  ? -9.349  -12.913 -8.887  1.00 28.16  ? 2   LCC A N3    1 
HETATM 32  C  C2    . LCC A 1 2  ? -10.547 -12.976 -8.284  1.00 27.56  ? 2   LCC A C2    1 
HETATM 33  O  O2    . LCC A 1 2  ? -10.780 -13.786 -7.394  1.00 29.22  ? 2   LCC A O2    1 
HETATM 34  C  "C3'" . LCC A 1 2  ? -12.991 -10.047 -6.963  1.00 25.85  ? 2   LCC A "C3'" 1 
HETATM 35  C  "C2'" . LCC A 1 2  ? -12.794 -11.495 -6.623  1.00 26.55  ? 2   LCC A "C2'" 1 
HETATM 36  O  "O2'" . LCC A 1 2  ? -14.017 -11.816 -5.875  1.00 27.56  ? 2   LCC A "O2'" 1 
HETATM 37  O  "O3'" . LCC A 1 2  ? -13.282 -9.217  -5.818  1.00 29.05  ? 2   LCC A "O3'" 1 
HETATM 38  C  "C6'" . LCC A 1 2  ? -15.169 -11.142 -6.575  1.00 27.48  ? 2   LCC A "C6'" 1 
HETATM 39  P  P     . LCC A 1 2  ? -14.422 -7.600  -10.259 1.00 38.19  ? 2   LCC A P     1 
HETATM 40  O  O1P   . LCC A 1 2  ? -13.170 -7.364  -10.940 1.00 31.76  ? 2   LCC A O1P   1 
HETATM 41  O  O2P   . LCC A 1 2  ? -15.175 -6.654  -9.439  1.00 42.35  ? 2   LCC A O2P   1 
HETATM 42  O  "O5'" . LCC A 1 3  ? -11.333 -9.541  -4.298  1.00 24.56  ? 3   LCC A "O5'" 1 
HETATM 43  C  "C5'" . LCC A 1 3  ? -12.046 -10.222 -3.262  1.00 24.53  ? 3   LCC A "C5'" 1 
HETATM 44  C  "C4'" . LCC A 1 3  ? -11.051 -11.282 -2.800  1.00 22.49  ? 3   LCC A "C4'" 1 
HETATM 45  O  "O4'" . LCC A 1 3  ? -10.695 -12.076 -3.884  1.00 23.72  ? 3   LCC A "O4'" 1 
HETATM 46  C  "C1'" . LCC A 1 3  ? -9.378  -12.633 -3.522  1.00 24.12  ? 3   LCC A "C1'" 1 
HETATM 47  N  N1    . LCC A 1 3  ? -8.358  -12.254 -4.482  1.00 23.69  ? 3   LCC A N1    1 
HETATM 48  C  C6    . LCC A 1 3  ? -8.614  -11.294 -5.453  1.00 22.09  ? 3   LCC A C6    1 
HETATM 49  C  C5    . LCC A 1 3  ? -7.708  -10.982 -6.370  1.00 21.64  ? 3   LCC A C5    1 
HETATM 50  C  C5M   . LCC A 1 3  ? -8.054  -9.957  -7.326  1.00 23.58  ? 3   LCC A C5M   1 
HETATM 51  C  C4    . LCC A 1 3  ? -6.474  -11.676 -6.321  1.00 22.27  ? 3   LCC A C4    1 
HETATM 52  N  N4    . LCC A 1 3  ? -5.567  -11.498 -7.248  1.00 23.28  ? 3   LCC A N4    1 
HETATM 53  N  N3    . LCC A 1 3  ? -6.257  -12.658 -5.411  1.00 22.38  ? 3   LCC A N3    1 
HETATM 54  C  C2    . LCC A 1 3  ? -7.188  -12.932 -4.489  1.00 23.35  ? 3   LCC A C2    1 
HETATM 55  O  O2    . LCC A 1 3  ? -6.964  -13.784 -3.609  1.00 22.61  ? 3   LCC A O2    1 
HETATM 56  C  "C3'" . LCC A 1 3  ? -9.700  -10.767 -2.305  1.00 22.79  ? 3   LCC A "C3'" 1 
HETATM 57  C  "C2'" . LCC A 1 3  ? -9.191  -12.100 -2.115  1.00 22.81  ? 3   LCC A "C2'" 1 
HETATM 58  O  "O2'" . LCC A 1 3  ? -10.236 -12.782 -1.300  1.00 23.23  ? 3   LCC A "O2'" 1 
HETATM 59  O  "O3'" . LCC A 1 3  ? -9.886  -10.020 -1.104  1.00 23.42  ? 3   LCC A "O3'" 1 
HETATM 60  C  "C6'" . LCC A 1 3  ? -11.550 -12.136 -1.647  1.00 23.74  ? 3   LCC A "C6'" 1 
HETATM 61  P  P     . LCC A 1 3  ? -12.099 -8.425  -5.155  1.00 27.99  ? 3   LCC A P     1 
HETATM 62  O  O1P   . LCC A 1 3  ? -11.119 -7.968  -6.179  1.00 28.43  ? 3   LCC A O1P   1 
HETATM 63  O  O2P   . LCC A 1 3  ? -12.745 -7.469  -4.254  1.00 31.31  ? 3   LCC A O2P   1 
HETATM 64  P  P     . LCG A 1 4  ? -8.965  -8.842  -0.708  1.00 23.03  ? 4   LCG A P     1 
HETATM 65  O  OP1   . LCG A 1 4  ? -9.540  -8.209  0.468   1.00 24.39  ? 4   LCG A OP1   1 
HETATM 66  O  "O5'" . LCG A 1 4  ? -7.605  -9.577  -0.388  1.00 21.48  ? 4   LCG A "O5'" 1 
HETATM 67  C  "C5'" . LCG A 1 4  ? -7.496  -10.447 0.754   1.00 20.91  ? 4   LCG A "C5'" 1 
HETATM 68  C  "C3'" . LCG A 1 4  ? -4.967  -10.164 0.610   1.00 21.68  ? 4   LCG A "C3'" 1 
HETATM 69  C  "C6'" . LCG A 1 4  ? -5.882  -12.116 1.767   1.00 21.98  ? 4   LCG A "C6'" 1 
HETATM 70  N  N9    . LCG A 1 4  ? -4.331  -11.378 -2.048  1.00 22.64  ? 4   LCG A N9    1 
HETATM 71  C  C8    . LCG A 1 4  ? -5.111  -10.577 -2.774  1.00 23.25  ? 4   LCG A C8    1 
HETATM 72  C  C4    . LCG A 1 4  ? -3.185  -11.527 -2.780  1.00 21.76  ? 4   LCG A C4    1 
HETATM 73  N  N7    . LCG A 1 4  ? -4.519  -10.230 -3.908  1.00 24.08  ? 4   LCG A N7    1 
HETATM 74  C  C5    . LCG A 1 4  ? -3.302  -10.819 -3.908  1.00 20.75  ? 4   LCG A C5    1 
HETATM 75  C  C6    . LCG A 1 4  ? -2.297  -10.834 -4.844  1.00 20.89  ? 4   LCG A C6    1 
HETATM 76  C  "C2'" . LCG A 1 4  ? -4.077  -11.331 0.463   1.00 22.20  ? 4   LCG A "C2'" 1 
HETATM 77  O  O6    . LCG A 1 4  ? -2.258  -10.233 -5.967  1.00 25.13  ? 4   LCG A O6    1 
HETATM 78  C  "C4'" . LCG A 1 4  ? -6.163  -11.111 0.685   1.00 21.08  ? 4   LCG A "C4'" 1 
HETATM 79  C  "C1'" . LCG A 1 4  ? -4.625  -12.018 -0.739  1.00 23.03  ? 4   LCG A "C1'" 1 
HETATM 80  C  C2    . LCG A 1 4  ? -1.120  -12.268 -3.289  1.00 21.95  ? 4   LCG A C2    1 
HETATM 81  N  N1    . LCG A 1 4  ? -1.228  -11.569 -4.412  1.00 21.89  ? 4   LCG A N1    1 
HETATM 82  O  "O4'" . LCG A 1 4  ? -6.034  -11.849 -0.568  1.00 22.45  ? 4   LCG A "O4'" 1 
HETATM 83  O  OP2   . LCG A 1 4  ? -8.659  -8.004  -1.882  1.00 23.80  ? 4   LCG A OP2   1 
HETATM 84  N  N2    . LCG A 1 4  ? -0.016  -12.904 -2.994  1.00 23.02  ? 4   LCG A N2    1 
HETATM 85  N  N3    . LCG A 1 4  ? -2.113  -12.258 -2.404  1.00 22.41  ? 4   LCG A N3    1 
HETATM 86  O  "O2'" . LCG A 1 4  ? -4.346  -12.204 1.609   1.00 23.23  ? 4   LCG A "O2'" 1 
HETATM 87  O  "O3'" . LCG A 1 4  ? -4.849  -9.428  1.789   1.00 21.26  ? 4   LCG A "O3'" 1 
ATOM   88  P  P     . A   A 1 5  ? -4.087  -8.019  1.887   1.00 23.11  ? 5   A   A P     1 
ATOM   89  O  OP1   . A   A 1 5  ? -4.429  -7.427  3.190   1.00 24.78  ? 5   A   A OP1   1 
ATOM   90  O  OP2   . A   A 1 5  ? -4.314  -7.234  0.660   1.00 24.41  ? 5   A   A OP2   1 
ATOM   91  O  "O5'" . A   A 1 5  ? -2.550  -8.428  1.948   1.00 23.21  ? 5   A   A "O5'" 1 
ATOM   92  C  "C5'" . A   A 1 5  ? -2.056  -9.308  2.962   1.00 22.52  ? 5   A   A "C5'" 1 
ATOM   93  C  "C4'" . A   A 1 5  ? -0.681  -9.793  2.587   1.00 22.70  ? 5   A   A "C4'" 1 
ATOM   94  O  "O4'" . A   A 1 5  ? -0.756  -10.640 1.408   1.00 22.94  ? 5   A   A "O4'" 1 
ATOM   95  C  "C3'" . A   A 1 5  ? 0.300   -8.707  2.170   1.00 21.51  ? 5   A   A "C3'" 1 
ATOM   96  O  "O3'" . A   A 1 5  ? 0.858   -8.035  3.291   1.00 21.61  ? 5   A   A "O3'" 1 
ATOM   97  C  "C2'" . A   A 1 5  ? 1.310   -9.529  1.398   1.00 21.34  ? 5   A   A "C2'" 1 
ATOM   98  O  "O2'" . A   A 1 5  ? 2.089   -10.290 2.287   1.00 22.21  ? 5   A   A "O2'" 1 
ATOM   99  C  "C1'" . A   A 1 5  ? 0.379   -10.420 0.586   1.00 22.17  ? 5   A   A "C1'" 1 
ATOM   100 N  N9    . A   A 1 5  ? -0.064  -9.758  -0.638  1.00 21.14  ? 5   A   A N9    1 
ATOM   101 C  C8    . A   A 1 5  ? -1.264  -9.135  -0.866  1.00 20.72  ? 5   A   A C8    1 
ATOM   102 N  N7    . A   A 1 5  ? -1.370  -8.616  -2.063  1.00 23.32  ? 5   A   A N7    1 
ATOM   103 C  C5    . A   A 1 5  ? -0.159  -8.915  -2.665  1.00 22.12  ? 5   A   A C5    1 
ATOM   104 C  C6    . A   A 1 5  ? 0.348   -8.650  -3.944  1.00 24.07  ? 5   A   A C6    1 
ATOM   105 N  N6    . A   A 1 5  ? -0.325  -7.980  -4.879  1.00 24.11  ? 5   A   A N6    1 
ATOM   106 N  N1    . A   A 1 5  ? 1.594   -9.083  -4.226  1.00 22.51  ? 5   A   A N1    1 
ATOM   107 C  C2    . A   A 1 5  ? 2.270   -9.746  -3.284  1.00 23.99  ? 5   A   A C2    1 
ATOM   108 N  N3    . A   A 1 5  ? 1.898   -10.064 -2.048  1.00 22.80  ? 5   A   A N3    1 
ATOM   109 C  C4    . A   A 1 5  ? 0.659   -9.613  -1.797  1.00 22.93  ? 5   A   A C4    1 
ATOM   110 P  P     . C   A 1 6  ? 1.321   -6.481  3.226   1.00 22.09  ? 6   C   A P     1 
ATOM   111 O  OP1   . C   A 1 6  ? 1.639   -6.118  4.616   1.00 22.67  ? 6   C   A OP1   1 
ATOM   112 O  OP2   . C   A 1 6  ? 0.326   -5.710  2.415   1.00 23.43  ? 6   C   A OP2   1 
ATOM   113 O  "O5'" . C   A 1 6  ? 2.662   -6.520  2.366   1.00 21.58  ? 6   C   A "O5'" 1 
ATOM   114 C  "C5'" . C   A 1 6  ? 3.807   -7.305  2.751   1.00 20.88  ? 6   C   A "C5'" 1 
ATOM   115 C  "C4'" . C   A 1 6  ? 4.716   -7.428  1.553   1.00 20.98  ? 6   C   A "C4'" 1 
ATOM   116 O  "O4'" . C   A 1 6  ? 4.035   -8.063  0.450   1.00 22.05  ? 6   C   A "O4'" 1 
ATOM   117 C  "C3'" . C   A 1 6  ? 5.242   -6.137  0.943   1.00 21.08  ? 6   C   A "C3'" 1 
ATOM   118 O  "O3'" . C   A 1 6  ? 6.348   -5.697  1.675   1.00 22.36  ? 6   C   A "O3'" 1 
ATOM   119 C  "C2'" . C   A 1 6  ? 5.645   -6.609  -0.444  1.00 21.65  ? 6   C   A "C2'" 1 
ATOM   120 O  "O2'" . C   A 1 6  ? 6.806   -7.411  -0.395  1.00 24.15  ? 6   C   A "O2'" 1 
ATOM   121 C  "C1'" . C   A 1 6  ? 4.481   -7.517  -0.785  1.00 21.57  ? 6   C   A "C1'" 1 
ATOM   122 N  N1    . C   A 1 6  ? 3.354   -6.832  -1.438  1.00 20.41  ? 6   C   A N1    1 
ATOM   123 C  C2    . C   A 1 6  ? 3.481   -6.583  -2.806  1.00 21.62  ? 6   C   A C2    1 
ATOM   124 O  O2    . C   A 1 6  ? 4.531   -6.912  -3.376  1.00 22.28  ? 6   C   A O2    1 
ATOM   125 N  N3    . C   A 1 6  ? 2.463   -5.988  -3.467  1.00 19.77  ? 6   C   A N3    1 
ATOM   126 C  C4    . C   A 1 6  ? 1.336   -5.688  -2.819  1.00 20.14  ? 6   C   A C4    1 
ATOM   127 N  N4    . C   A 1 6  ? 0.370   -5.099  -3.507  1.00 21.98  ? 6   C   A N4    1 
ATOM   128 C  C5    . C   A 1 6  ? 1.199   -5.876  -1.416  1.00 20.45  ? 6   C   A C5    1 
ATOM   129 C  C6    . C   A 1 6  ? 2.205   -6.499  -0.777  1.00 19.59  ? 6   C   A C6    1 
ATOM   130 P  P     . U   A 1 7  ? 6.769   -4.182  1.712   1.00 23.14  ? 7   U   A P     1 
ATOM   131 O  OP1   . U   A 1 7  ? 7.916   -4.096  2.651   1.00 25.42  ? 7   U   A OP1   1 
ATOM   132 O  OP2   . U   A 1 7  ? 5.595   -3.365  1.917   1.00 22.44  ? 7   U   A OP2   1 
ATOM   133 O  "O5'" . U   A 1 7  ? 7.271   -3.893  0.223   1.00 22.11  ? 7   U   A "O5'" 1 
ATOM   134 C  "C5'" . U   A 1 7  ? 8.500   -4.454  -0.233  1.00 23.18  ? 7   U   A "C5'" 1 
ATOM   135 C  "C4'" . U   A 1 7  ? 8.693   -4.064  -1.672  1.00 24.17  ? 7   U   A "C4'" 1 
ATOM   136 O  "O4'" . U   A 1 7  ? 7.639   -4.604  -2.497  1.00 24.35  ? 7   U   A "O4'" 1 
ATOM   137 C  "C3'" . U   A 1 7  ? 8.634   -2.571  -1.949  1.00 25.84  ? 7   U   A "C3'" 1 
ATOM   138 O  "O3'" . U   A 1 7  ? 9.809   -1.948  -1.487  1.00 24.43  ? 7   U   A "O3'" 1 
ATOM   139 C  "C2'" . U   A 1 7  ? 8.419   -2.573  -3.445  1.00 24.81  ? 7   U   A "C2'" 1 
ATOM   140 O  "O2'" . U   A 1 7  ? 9.580   -3.054  -4.130  1.00 27.47  ? 7   U   A "O2'" 1 
ATOM   141 C  "C1'" . U   A 1 7  ? 7.399   -3.686  -3.565  1.00 23.55  ? 7   U   A "C1'" 1 
ATOM   142 N  N1    . U   A 1 7  ? 6.002   -3.271  -3.497  1.00 20.96  ? 7   U   A N1    1 
ATOM   143 C  C2    . U   A 1 7  ? 5.476   -2.772  -4.661  1.00 23.03  ? 7   U   A C2    1 
ATOM   144 O  O2    . U   A 1 7  ? 6.148   -2.611  -5.652  1.00 24.74  ? 7   U   A O2    1 
ATOM   145 N  N3    . U   A 1 7  ? 4.134   -2.495  -4.618  1.00 23.96  ? 7   U   A N3    1 
ATOM   146 C  C4    . U   A 1 7  ? 3.284   -2.639  -3.544  1.00 25.40  ? 7   U   A C4    1 
ATOM   147 O  O4    . U   A 1 7  ? 2.081   -2.370  -3.660  1.00 26.85  ? 7   U   A O4    1 
ATOM   148 C  C5    . U   A 1 7  ? 3.915   -3.115  -2.359  1.00 23.55  ? 7   U   A C5    1 
ATOM   149 C  C6    . U   A 1 7  ? 5.223   -3.409  -2.378  1.00 22.26  ? 7   U   A C6    1 
ATOM   150 P  P     . U   A 1 8  ? 9.815   -0.487  -0.881  1.00 26.35  ? 8   U   A P     1 
ATOM   151 O  OP1   . U   A 1 8  ? 11.231  -0.242  -0.433  1.00 31.14  ? 8   U   A OP1   1 
ATOM   152 O  OP2   . U   A 1 8  ? 8.730   -0.181  0.066   1.00 28.50  ? 8   U   A OP2   1 
ATOM   153 O  "O5'" . U   A 1 8  ? 9.499   0.424   -2.139  1.00 24.41  ? 8   U   A "O5'" 1 
ATOM   154 C  "C5'" . U   A 1 8  ? 10.529  0.651   -3.104  1.00 25.11  ? 8   U   A "C5'" 1 
ATOM   155 C  "C4'" . U   A 1 8  ? 9.919   1.387   -4.240  1.00 23.40  ? 8   U   A "C4'" 1 
ATOM   156 O  "O4'" . U   A 1 8  ? 8.907   0.572   -4.894  1.00 24.47  ? 8   U   A "O4'" 1 
ATOM   157 C  "C3'" . U   A 1 8  ? 9.174   2.662   -3.917  1.00 22.31  ? 8   U   A "C3'" 1 
ATOM   158 O  "O3'" . U   A 1 8  ? 10.046  3.729   -3.545  1.00 23.74  ? 8   U   A "O3'" 1 
ATOM   159 C  "C2'" . U   A 1 8  ? 8.413   2.851   -5.217  1.00 24.05  ? 8   U   A "C2'" 1 
ATOM   160 O  "O2'" . U   A 1 8  ? 9.217   3.268   -6.312  1.00 24.98  ? 8   U   A "O2'" 1 
ATOM   161 C  "C1'" . U   A 1 8  ? 7.947   1.422   -5.483  1.00 23.98  ? 8   U   A "C1'" 1 
ATOM   162 N  N1    . U   A 1 8  ? 6.657   1.145   -4.835  1.00 22.87  ? 8   U   A N1    1 
ATOM   163 C  C2    . U   A 1 8  ? 5.536   1.493   -5.554  1.00 23.75  ? 8   U   A C2    1 
ATOM   164 O  O2    . U   A 1 8  ? 5.597   2.048   -6.637  1.00 24.56  ? 8   U   A O2    1 
ATOM   165 N  N3    . U   A 1 8  ? 4.346   1.211   -4.940  1.00 21.73  ? 8   U   A N3    1 
ATOM   166 C  C4    . U   A 1 8  ? 4.157   0.662   -3.688  1.00 22.89  ? 8   U   A C4    1 
ATOM   167 O  O4    . U   A 1 8  ? 3.008   0.510   -3.264  1.00 24.73  ? 8   U   A O4    1 
ATOM   168 C  C5    . U   A 1 8  ? 5.363   0.341   -2.992  1.00 23.32  ? 8   U   A C5    1 
ATOM   169 C  C6    . U   A 1 8  ? 6.549   0.589   -3.570  1.00 22.39  ? 8   U   A C6    1 
ATOM   170 P  P     . A   A 1 9  ? 9.607   4.889   -2.543  1.00 27.06  ? 9   A   A P     1 
ATOM   171 O  OP1   . A   A 1 9  ? 10.762  5.795   -2.396  1.00 27.07  ? 9   A   A OP1   1 
ATOM   172 O  OP2   . A   A 1 9  ? 8.999   4.287   -1.337  1.00 27.80  ? 9   A   A OP2   1 
ATOM   173 O  "O5'" . A   A 1 9  ? 8.508   5.702   -3.357  1.00 26.93  ? 9   A   A "O5'" 1 
ATOM   174 C  "C5'" . A   A 1 9  ? 8.901   6.479   -4.490  1.00 26.77  ? 9   A   A "C5'" 1 
ATOM   175 C  "C4'" . A   A 1 9  ? 7.693   6.922   -5.270  1.00 26.00  ? 9   A   A "C4'" 1 
ATOM   176 O  "O4'" . A   A 1 9  ? 6.893   5.780   -5.666  1.00 26.38  ? 9   A   A "O4'" 1 
ATOM   177 C  "C3'" . A   A 1 9  ? 6.706   7.777   -4.499  1.00 26.87  ? 9   A   A "C3'" 1 
ATOM   178 O  "O3'" . A   A 1 9  ? 7.181   9.111   -4.407  1.00 27.97  ? 9   A   A "O3'" 1 
ATOM   179 C  "C2'" . A   A 1 9  ? 5.460   7.635   -5.347  1.00 25.18  ? 9   A   A "C2'" 1 
ATOM   180 O  "O2'" . A   A 1 9  ? 5.543   8.415   -6.515  1.00 25.56  ? 9   A   A "O2'" 1 
ATOM   181 C  "C1'" . A   A 1 9  ? 5.524   6.150   -5.695  1.00 25.43  ? 9   A   A "C1'" 1 
ATOM   182 N  N9    . A   A 1 9  ? 4.802   5.320   -4.736  1.00 25.41  ? 9   A   A N9    1 
ATOM   183 C  C8    . A   A 1 9  ? 5.310   4.528   -3.738  1.00 23.52  ? 9   A   A C8    1 
ATOM   184 N  N7    . A   A 1 9  ? 4.394   3.897   -3.048  1.00 25.41  ? 9   A   A N7    1 
ATOM   185 C  C5    . A   A 1 9  ? 3.202   4.301   -3.629  1.00 23.09  ? 9   A   A C5    1 
ATOM   186 C  C6    . A   A 1 9  ? 1.863   3.983   -3.357  1.00 23.41  ? 9   A   A C6    1 
ATOM   187 N  N6    . A   A 1 9  ? 1.482   3.148   -2.391  1.00 26.51  ? 9   A   A N6    1 
ATOM   188 N  N1    . A   A 1 9  ? 0.915   4.562   -4.122  1.00 22.89  ? 9   A   A N1    1 
ATOM   189 C  C2    . A   A 1 9  ? 1.296   5.398   -5.092  1.00 22.77  ? 9   A   A C2    1 
ATOM   190 N  N3    . A   A 1 9  ? 2.519   5.768   -5.450  1.00 25.60  ? 9   A   A N3    1 
ATOM   191 C  C4    . A   A 1 9  ? 3.439   5.178   -4.669  1.00 24.12  ? 9   A   A C4    1 
ATOM   192 P  P     . A   A 1 10 ? 6.849   10.017  -3.088  1.00 28.16  ? 10  A   A P     1 
ATOM   193 O  OP1   . A   A 1 10 ? 7.651   11.247  -3.172  1.00 30.01  ? 10  A   A OP1   1 
ATOM   194 O  OP2   . A   A 1 10 ? 6.919   9.183   -1.870  1.00 26.26  ? 10  A   A OP2   1 
ATOM   195 O  "O5'" . A   A 1 10 ? 5.324   10.425  -3.277  1.00 25.54  ? 10  A   A "O5'" 1 
ATOM   196 C  "C5'" . A   A 1 10 ? 4.958   11.323  -4.324  1.00 27.65  ? 10  A   A "C5'" 1 
ATOM   197 C  "C4'" . A   A 1 10 ? 3.466   11.362  -4.480  1.00 25.15  ? 10  A   A "C4'" 1 
ATOM   198 O  "O4'" . A   A 1 10 ? 2.960   10.055  -4.856  1.00 23.22  ? 10  A   A "O4'" 1 
ATOM   199 C  "C3'" . A   A 1 10 ? 2.673   11.658  -3.219  1.00 24.49  ? 10  A   A "C3'" 1 
ATOM   200 O  "O3'" . A   A 1 10 ? 2.736   13.025  -2.853  1.00 26.18  ? 10  A   A "O3'" 1 
ATOM   201 C  "C2'" . A   A 1 10 ? 1.297   11.211  -3.661  1.00 23.83  ? 10  A   A "C2'" 1 
ATOM   202 O  "O2'" . A   A 1 10 ? 0.751   12.121  -4.588  1.00 26.11  ? 10  A   A "O2'" 1 
ATOM   203 C  "C1'" . A   A 1 10 ? 1.651   9.892   -4.337  1.00 21.40  ? 10  A   A "C1'" 1 
ATOM   204 N  N9    . A   A 1 10 ? 1.668   8.793   -3.379  1.00 22.06  ? 10  A   A N9    1 
ATOM   205 C  C8    . A   A 1 10 ? 2.742   8.206   -2.760  1.00 23.15  ? 10  A   A C8    1 
ATOM   206 N  N7    . A   A 1 10 ? 2.416   7.242   -1.937  1.00 24.48  ? 10  A   A N7    1 
ATOM   207 C  C5    . A   A 1 10 ? 1.031   7.195   -2.012  1.00 21.50  ? 10  A   A C5    1 
ATOM   208 C  C6    . A   A 1 10 ? 0.078   6.380   -1.384  1.00 22.17  ? 10  A   A C6    1 
ATOM   209 N  N6    . A   A 1 10 ? 0.384   5.421   -0.510  1.00 22.25  ? 10  A   A N6    1 
ATOM   210 N  N1    . A   A 1 10 ? -1.220  6.594   -1.681  1.00 23.38  ? 10  A   A N1    1 
ATOM   211 C  C2    . A   A 1 10 ? -1.529  7.569   -2.541  1.00 24.53  ? 10  A   A C2    1 
ATOM   212 N  N3    . A   A 1 10 ? -0.725  8.390   -3.204  1.00 23.21  ? 10  A   A N3    1 
ATOM   213 C  C4    . A   A 1 10 ? 0.558   8.150   -2.891  1.00 21.76  ? 10  A   A C4    1 
ATOM   214 P  P     . G   A 1 11 ? 2.553   13.537  -1.324  1.00 28.59  ? 11  G   A P     1 
ATOM   215 O  OP1   . G   A 1 11 ? 2.831   15.013  -1.278  1.00 31.90  ? 11  G   A OP1   1 
ATOM   216 O  OP2   . G   A 1 11 ? 3.382   12.695  -0.386  1.00 30.25  ? 11  G   A OP2   1 
ATOM   217 O  "O5'" . G   A 1 11 ? 1.003   13.303  -0.994  1.00 28.42  ? 11  G   A "O5'" 1 
ATOM   218 C  "C5'" . G   A 1 11 ? 0.017   14.048  -1.731  1.00 29.99  ? 11  G   A "C5'" 1 
ATOM   219 C  "C4'" . G   A 1 11 ? -1.334  13.437  -1.473  1.00 30.26  ? 11  G   A "C4'" 1 
ATOM   220 O  "O4'" . G   A 1 11 ? -1.345  12.047  -1.877  1.00 27.06  ? 11  G   A "O4'" 1 
ATOM   221 C  "C3'" . G   A 1 11 ? -1.764  13.352  -0.013  1.00 30.90  ? 11  G   A "C3'" 1 
ATOM   222 O  "O3'" . G   A 1 11 ? -2.198  14.633  0.404   1.00 32.35  ? 11  G   A "O3'" 1 
ATOM   223 C  "C2'" . G   A 1 11 ? -2.913  12.361  -0.153  1.00 30.58  ? 11  G   A "C2'" 1 
ATOM   224 O  "O2'" . G   A 1 11 ? -4.044  12.916  -0.787  1.00 31.46  ? 11  G   A "O2'" 1 
ATOM   225 C  "C1'" . G   A 1 11 ? -2.232  11.333  -1.045  1.00 28.21  ? 11  G   A "C1'" 1 
ATOM   226 N  N9    . G   A 1 11 ? -1.490  10.335  -0.288  1.00 25.07  ? 11  G   A N9    1 
ATOM   227 C  C8    . G   A 1 11 ? -0.134  10.219  -0.125  1.00 24.50  ? 11  G   A C8    1 
ATOM   228 N  N7    . G   A 1 11 ? 0.208   9.202   0.621   1.00 24.82  ? 11  G   A N7    1 
ATOM   229 C  C5    . G   A 1 11 ? -1.000  8.610   0.964   1.00 23.97  ? 11  G   A C5    1 
ATOM   230 C  C6    . G   A 1 11 ? -1.266  7.459   1.739   1.00 22.06  ? 11  G   A C6    1 
ATOM   231 O  O6    . G   A 1 11 ? -0.463  6.719   2.313   1.00 24.05  ? 11  G   A O6    1 
ATOM   232 N  N1    . G   A 1 11 ? -2.633  7.225   1.843   1.00 24.22  ? 11  G   A N1    1 
ATOM   233 C  C2    . G   A 1 11 ? -3.617  7.979   1.264   1.00 25.80  ? 11  G   A C2    1 
ATOM   234 N  N2    . G   A 1 11 ? -4.880  7.591   1.474   1.00 25.71  ? 11  G   A N2    1 
ATOM   235 N  N3    . G   A 1 11 ? -3.373  9.046   0.516   1.00 25.67  ? 11  G   A N3    1 
ATOM   236 C  C4    . G   A 1 11 ? -2.050  9.302   0.416   1.00 26.62  ? 11  G   A C4    1 
ATOM   237 P  P     . U   A 1 12 ? -2.218  15.073  1.938   1.00 31.59  ? 12  U   A P     1 
ATOM   238 O  OP1   . U   A 1 12 ? -2.690  16.514  1.972   1.00 38.06  ? 12  U   A OP1   1 
ATOM   239 O  OP2   . U   A 1 12 ? -0.989  14.690  2.641   1.00 33.08  ? 12  U   A OP2   1 
ATOM   240 O  "O5'" . U   A 1 12 ? -3.429  14.283  2.618   1.00 31.56  ? 12  U   A "O5'" 1 
ATOM   241 C  "C5'" . U   A 1 12 ? -4.808  14.489  2.238   1.00 31.32  ? 12  U   A "C5'" 1 
ATOM   242 C  "C4'" . U   A 1 12 ? -5.668  13.468  2.935   1.00 30.53  ? 12  U   A "C4'" 1 
ATOM   243 O  "O4'" . U   A 1 12 ? -5.329  12.122  2.458   1.00 30.36  ? 12  U   A "O4'" 1 
ATOM   244 C  "C3'" . U   A 1 12 ? -5.479  13.344  4.436   1.00 31.47  ? 12  U   A "C3'" 1 
ATOM   245 O  "O3'" . U   A 1 12 ? -6.116  14.381  5.183   1.00 31.68  ? 12  U   A "O3'" 1 
ATOM   246 C  "C2'" . U   A 1 12 ? -6.126  11.995  4.675   1.00 29.15  ? 12  U   A "C2'" 1 
ATOM   247 O  "O2'" . U   A 1 12 ? -7.523  11.983  4.528   1.00 31.46  ? 12  U   A "O2'" 1 
ATOM   248 C  "C1'" . U   A 1 12 ? -5.532  11.193  3.522   1.00 28.03  ? 12  U   A "C1'" 1 
ATOM   249 N  N1    . U   A 1 12 ? -4.229  10.588  3.836   1.00 26.45  ? 12  U   A N1    1 
ATOM   250 C  C2    . U   A 1 12 ? -4.241  9.381   4.510   1.00 25.88  ? 12  U   A C2    1 
ATOM   251 O  O2    . U   A 1 12 ? -5.273  8.834   4.867   1.00 27.36  ? 12  U   A O2    1 
ATOM   252 N  N3    . U   A 1 12 ? -3.002  8.855   4.755   1.00 26.60  ? 12  U   A N3    1 
ATOM   253 C  C4    . U   A 1 12 ? -1.778  9.383   4.387   1.00 25.18  ? 12  U   A C4    1 
ATOM   254 O  O4    . U   A 1 12 ? -0.744  8.768   4.640   1.00 28.82  ? 12  U   A O4    1 
ATOM   255 C  C5    . U   A 1 12 ? -1.855  10.632  3.698   1.00 25.81  ? 12  U   A C5    1 
ATOM   256 C  C6    . U   A 1 12 ? -3.046  11.182  3.470   1.00 27.10  ? 12  U   A C6    1 
ATOM   257 P  P     . C   A 1 13 ? -5.549  14.839  6.558   1.00 32.71  ? 13  C   A P     1 
ATOM   258 O  OP1   . C   A 1 13 ? -6.361  16.042  6.946   1.00 36.69  ? 13  C   A OP1   1 
ATOM   259 O  OP2   . C   A 1 13 ? -4.102  14.968  6.540   1.00 31.71  ? 13  C   A OP2   1 
ATOM   260 O  "O5'" . C   A 1 13 ? -5.936  13.662  7.563   1.00 32.46  ? 13  C   A "O5'" 1 
ATOM   261 C  "C5'" . C   A 1 13 ? -7.287  13.265  7.785   1.00 30.24  ? 13  C   A "C5'" 1 
ATOM   262 C  "C4'" . C   A 1 13 ? -7.281  11.919  8.460   1.00 29.74  ? 13  C   A "C4'" 1 
ATOM   263 O  "O4'" . C   A 1 13 ? -6.586  10.962  7.605   1.00 26.57  ? 13  C   A "O4'" 1 
ATOM   264 C  "C3'" . C   A 1 13 ? -6.546  11.797  9.786   1.00 28.23  ? 13  C   A "C3'" 1 
ATOM   265 O  "O3'" . C   A 1 13 ? -7.377  12.202  10.876  1.00 30.38  ? 13  C   A "O3'" 1 
ATOM   266 C  "C2'" . C   A 1 13 ? -6.366  10.286  9.865   1.00 25.43  ? 13  C   A "C2'" 1 
ATOM   267 O  "O2'" . C   A 1 13 ? -7.583  9.591   10.045  1.00 27.26  ? 13  C   A "O2'" 1 
ATOM   268 C  "C1'" . C   A 1 13 ? -5.935  9.996   8.435   1.00 25.13  ? 13  C   A "C1'" 1 
ATOM   269 N  N1    . C   A 1 13 ? -4.492  10.035  8.204   1.00 25.49  ? 13  C   A N1    1 
ATOM   270 C  C2    . C   A 1 13 ? -3.752  8.898   8.538   1.00 23.31  ? 13  C   A C2    1 
ATOM   271 O  O2    . C   A 1 13 ? -4.345  7.929   9.019   1.00 26.57  ? 13  C   A O2    1 
ATOM   272 N  N3    . C   A 1 13 ? -2.421  8.884   8.305   1.00 23.64  ? 13  C   A N3    1 
ATOM   273 C  C4    . C   A 1 13 ? -1.828  9.945   7.751   1.00 23.97  ? 13  C   A C4    1 
ATOM   274 N  N4    . C   A 1 13 ? -0.508  9.900   7.572   1.00 26.26  ? 13  C   A N4    1 
ATOM   275 C  C5    . C   A 1 13 ? -2.555  11.131  7.433   1.00 25.42  ? 13  C   A C5    1 
ATOM   276 C  C6    . C   A 1 13 ? -3.869  11.133  7.677   1.00 26.56  ? 13  C   A C6    1 
ATOM   277 P  P     . G   A 1 14 ? -6.663  12.872  12.189  1.00 34.43  ? 14  G   A P     1 
ATOM   278 O  OP1   . G   A 1 14 ? -7.723  13.396  13.119  1.00 35.76  ? 14  G   A OP1   1 
ATOM   279 O  OP2   . G   A 1 14 ? -5.612  13.878  11.772  1.00 35.54  ? 14  G   A OP2   1 
ATOM   280 O  "O5'" . G   A 1 14 ? -5.883  11.661  12.909  1.00 31.35  ? 14  G   A "O5'" 1 
ATOM   281 C  "C5'" . G   A 1 14 ? -6.650  10.673  13.620  1.00 28.97  ? 14  G   A "C5'" 1 
ATOM   282 C  "C4'" . G   A 1 14 ? -5.746  9.534   14.010  1.00 29.80  ? 14  G   A "C4'" 1 
ATOM   283 O  "O4'" . G   A 1 14 ? -5.016  9.067   12.850  1.00 28.08  ? 14  G   A "O4'" 1 
ATOM   284 C  "C3'" . G   A 1 14 ? -4.624  9.872   14.990  1.00 28.58  ? 14  G   A "C3'" 1 
ATOM   285 O  "O3'" . G   A 1 14 ? -5.078  9.966   16.333  1.00 35.67  ? 14  G   A "O3'" 1 
ATOM   286 C  "C2'" . G   A 1 14 ? -3.701  8.671   14.780  1.00 28.77  ? 14  G   A "C2'" 1 
ATOM   287 O  "O2'" . G   A 1 14 ? -4.096  7.546   15.532  1.00 32.89  ? 14  G   A "O2'" 1 
ATOM   288 C  "C1'" . G   A 1 14 ? -3.835  8.430   13.279  1.00 26.44  ? 14  G   A "C1'" 1 
ATOM   289 N  N9    . G   A 1 14 ? -2.715  8.925   12.494  1.00 26.03  ? 14  G   A N9    1 
ATOM   290 C  C8    . G   A 1 14 ? -2.670  10.048  11.711  1.00 27.00  ? 14  G   A C8    1 
ATOM   291 N  N7    . G   A 1 14 ? -1.514  10.223  11.123  1.00 27.48  ? 14  G   A N7    1 
ATOM   292 C  C5    . G   A 1 14 ? -0.753  9.141   11.542  1.00 26.00  ? 14  G   A C5    1 
ATOM   293 C  C6    . G   A 1 14 ? 0.582   8.789   11.233  1.00 24.66  ? 14  G   A C6    1 
ATOM   294 O  O6    . G   A 1 14 ? 1.380   9.377   10.495  1.00 27.80  ? 14  G   A O6    1 
ATOM   295 N  N1    . G   A 1 14 ? 0.959   7.620   11.887  1.00 25.26  ? 14  G   A N1    1 
ATOM   296 C  C2    . G   A 1 14 ? 0.164   6.880   12.722  1.00 24.14  ? 14  G   A C2    1 
ATOM   297 N  N2    . G   A 1 14 ? 0.706   5.778   13.252  1.00 25.86  ? 14  G   A N2    1 
ATOM   298 N  N3    . G   A 1 14 ? -1.093  7.199   13.005  1.00 26.31  ? 14  G   A N3    1 
ATOM   299 C  C4    . G   A 1 14 ? -1.480  8.338   12.388  1.00 24.81  ? 14  G   A C4    1 
HETATM 300 O  "O5'" . TLN B 1 1  ? 16.922  11.070  8.824   1.00 49.22  ? 1   TLN B "O5'" 1 
HETATM 301 C  "C5'" . TLN B 1 1  ? 17.449  10.276  9.871   1.00 43.35  ? 1   TLN B "C5'" 1 
HETATM 302 C  "C4'" . TLN B 1 1  ? 16.248  10.131  10.782  1.00 43.77  ? 1   TLN B "C4'" 1 
HETATM 303 O  "O4'" . TLN B 1 1  ? 15.615  11.414  11.136  1.00 41.76  ? 1   TLN B "O4'" 1 
HETATM 304 C  "C1'" . TLN B 1 1  ? 14.396  11.012  11.822  1.00 38.63  ? 1   TLN B "C1'" 1 
HETATM 305 N  N1    . TLN B 1 1  ? 13.274  11.820  11.295  1.00 36.55  ? 1   TLN B N1    1 
HETATM 306 C  C6    . TLN B 1 1  ? 13.478  12.621  10.190  1.00 35.77  ? 1   TLN B C6    1 
HETATM 307 C  C5    . TLN B 1 1  ? 12.471  13.412  9.652   1.00 36.22  ? 1   TLN B C5    1 
HETATM 308 C  C5M   . TLN B 1 1  ? 12.816  14.189  8.541   1.00 41.37  ? 1   TLN B C5M   1 
HETATM 309 C  C4    . TLN B 1 1  ? 11.211  13.389  10.257  1.00 37.24  ? 1   TLN B C4    1 
HETATM 310 O  O4    . TLN B 1 1  ? 10.263  14.045  9.828   1.00 46.17  ? 1   TLN B O4    1 
HETATM 311 N  N3    . TLN B 1 1  ? 11.013  12.566  11.379  1.00 37.83  ? 1   TLN B N3    1 
HETATM 312 C  C2    . TLN B 1 1  ? 12.045  11.777  11.871  1.00 36.07  ? 1   TLN B C2    1 
HETATM 313 O  O2    . TLN B 1 1  ? 11.892  11.066  12.872  1.00 35.90  ? 1   TLN B O2    1 
HETATM 314 C  "C3'" . TLN B 1 1  ? 15.052  9.506   10.132  1.00 40.32  ? 1   TLN B "C3'" 1 
HETATM 315 C  "C2'" . TLN B 1 1  ? 14.336  9.508   11.436  1.00 37.05  ? 1   TLN B "C2'" 1 
HETATM 316 O  "O2'" . TLN B 1 1  ? 15.191  8.774   12.336  1.00 41.29  ? 1   TLN B "O2'" 1 
HETATM 317 O  "O3'" . TLN B 1 1  ? 15.320  8.228   9.505   1.00 42.05  ? 1   TLN B "O3'" 1 
HETATM 318 C  "C6'" . TLN B 1 1  ? 16.561  9.291   12.044  1.00 44.15  ? 1   TLN B "C6'" 1 
HETATM 319 O  "O5'" . LCC B 1 2  ? 13.130  7.013   9.691   1.00 32.95  ? 2   LCC B "O5'" 1 
HETATM 320 C  "C5'" . LCC B 1 2  ? 13.555  6.098   10.691  1.00 30.45  ? 2   LCC B "C5'" 1 
HETATM 321 C  "C4'" . LCC B 1 2  ? 12.348  5.953   11.614  1.00 29.50  ? 2   LCC B "C4'" 1 
HETATM 322 O  "O4'" . LCC B 1 2  ? 11.961  7.213   12.189  1.00 30.84  ? 2   LCC B "O4'" 1 
HETATM 323 C  "C1'" . LCC B 1 2  ? 10.625  7.109   12.596  1.00 28.63  ? 2   LCC B "C1'" 1 
HETATM 324 N  N1    . LCC B 1 2  ? 9.774   8.051   11.864  1.00 28.97  ? 2   LCC B N1    1 
HETATM 325 C  C6    . LCC B 1 2  ? 10.242  8.763   10.695  1.00 28.62  ? 2   LCC B C6    1 
HETATM 326 C  C5    . LCC B 1 2  ? 9.362   9.637   10.138  1.00 29.74  ? 2   LCC B C5    1 
HETATM 327 C  C5M   . LCC B 1 2  ? 9.793   10.372  9.008   1.00 32.21  ? 2   LCC B C5M   1 
HETATM 328 C  C4    . LCC B 1 2  ? 8.120   9.792   10.761  1.00 28.96  ? 2   LCC B C4    1 
HETATM 329 N  N4    . LCC B 1 2  ? 7.212   10.587  10.227  1.00 30.47  ? 2   LCC B N4    1 
HETATM 330 N  N3    . LCC B 1 2  ? 7.696   9.080   11.804  1.00 28.21  ? 2   LCC B N3    1 
HETATM 331 C  C2    . LCC B 1 2  ? 8.545   8.226   12.374  1.00 28.43  ? 2   LCC B C2    1 
HETATM 332 O  O2    . LCC B 1 2  ? 8.144   7.594   13.367  1.00 27.85  ? 2   LCC B O2    1 
HETATM 333 C  "C3'" . LCC B 1 2  ? 11.030  5.512   11.016  1.00 29.51  ? 2   LCC B "C3'" 1 
HETATM 334 C  "C2'" . LCC B 1 2  ? 10.349  5.612   12.286  1.00 27.79  ? 2   LCC B "C2'" 1 
HETATM 335 O  "O2'" . LCC B 1 2  ? 11.175  4.821   13.171  1.00 31.34  ? 2   LCC B "O2'" 1 
HETATM 336 O  "O3'" . LCC B 1 2  ? 11.060  4.093   10.524  1.00 29.87  ? 2   LCC B "O3'" 1 
HETATM 337 C  "C6'" . LCC B 1 2  ? 12.575  4.929   12.744  1.00 29.49  ? 2   LCC B "C6'" 1 
HETATM 338 P  P     . LCC B 1 2  ? 14.200  7.550   8.575   1.00 37.67  ? 2   LCC B P     1 
HETATM 339 O  O1P   . LCC B 1 2  ? 13.384  8.291   7.689   1.00 36.84  ? 2   LCC B O1P   1 
HETATM 340 O  O2P   . LCC B 1 2  ? 14.986  6.420   8.006   1.00 41.60  ? 2   LCC B O2P   1 
HETATM 341 O  "O5'" . LCC B 1 3  ? 8.697   3.321   10.483  1.00 24.86  ? 3   LCC B "O5'" 1 
HETATM 342 C  "C5'" . LCC B 1 3  ? 8.858   2.403   11.624  1.00 24.01  ? 3   LCC B "C5'" 1 
HETATM 343 C  "C4'" . LCC B 1 3  ? 7.522   2.519   12.331  1.00 23.55  ? 3   LCC B "C4'" 1 
HETATM 344 O  "O4'" . LCC B 1 3  ? 7.299   3.931   12.775  1.00 24.88  ? 3   LCC B "O4'" 1 
HETATM 345 C  "C1'" . LCC B 1 3  ? 5.911   4.024   12.959  1.00 23.31  ? 3   LCC B "C1'" 1 
HETATM 346 N  N1    . LCC B 1 3  ? 5.403   5.060   11.995  1.00 23.96  ? 3   LCC B N1    1 
HETATM 347 C  C6    . LCC B 1 3  ? 6.162   5.589   10.975  1.00 24.45  ? 3   LCC B C6    1 
HETATM 348 C  C5    . LCC B 1 3  ? 5.706   6.618   10.214  1.00 25.92  ? 3   LCC B C5    1 
HETATM 349 C  C5M   . LCC B 1 3  ? 6.551   7.097   9.207   1.00 26.83  ? 3   LCC B C5M   1 
HETATM 350 C  C4    . LCC B 1 3  ? 4.386   7.093   10.496  1.00 26.26  ? 3   LCC B C4    1 
HETATM 351 N  N4    . LCC B 1 3  ? 3.856   8.077   9.754   1.00 25.05  ? 3   LCC B N4    1 
HETATM 352 N  N3    . LCC B 1 3  ? 3.629   6.565   11.459  1.00 25.18  ? 3   LCC B N3    1 
HETATM 353 C  C2    . LCC B 1 3  ? 4.132   5.555   12.206  1.00 25.20  ? 3   LCC B C2    1 
HETATM 354 O  O2    . LCC B 1 3  ? 3.447   5.039   13.075  1.00 25.31  ? 3   LCC B O2    1 
HETATM 355 C  "C3'" . LCC B 1 3  ? 6.325   2.294   11.519  1.00 24.00  ? 3   LCC B "C3'" 1 
HETATM 356 C  "C2'" . LCC B 1 3  ? 5.420   2.593   12.706  1.00 23.42  ? 3   LCC B "C2'" 1 
HETATM 357 O  "O2'" . LCC B 1 3  ? 5.904   1.786   13.793  1.00 27.45  ? 3   LCC B "O2'" 1 
HETATM 358 O  "O3'" . LCC B 1 3  ? 6.253   0.864   11.184  1.00 25.12  ? 3   LCC B "O3'" 1 
HETATM 359 C  "C6'" . LCC B 1 3  ? 7.370   1.635   13.538  1.00 24.37  ? 3   LCC B "C6'" 1 
HETATM 360 P  P     . LCC B 1 3  ? 9.910   3.573   9.499   1.00 29.37  ? 3   LCC B P     1 
HETATM 361 O  O1P   . LCC B 1 3  ? 9.464   4.544   8.521   1.00 30.11  ? 3   LCC B O1P   1 
HETATM 362 O  O2P   . LCC B 1 3  ? 10.483  2.251   9.062   1.00 30.15  ? 3   LCC B O2P   1 
HETATM 363 P  P     . LCG B 1 4  ? 5.509   0.363   9.881   1.00 24.22  ? 4   LCG B P     1 
HETATM 364 O  OP1   . LCG B 1 4  ? 5.797   -1.102  9.807   1.00 25.25  ? 4   LCG B OP1   1 
HETATM 365 O  "O5'" . LCG B 1 4  ? 3.975   0.608   10.237  1.00 24.32  ? 4   LCG B "O5'" 1 
HETATM 366 C  "C5'" . LCG B 1 4  ? 3.340   -0.083  11.319  1.00 23.89  ? 4   LCG B "C5'" 1 
HETATM 367 C  "C3'" . LCG B 1 4  ? 1.176   0.545   10.091  1.00 24.76  ? 4   LCG B "C3'" 1 
HETATM 368 C  "C6'" . LCG B 1 4  ? 1.070   -0.193  12.321  1.00 23.80  ? 4   LCG B "C6'" 1 
HETATM 369 N  N9    . LCG B 1 4  ? 1.078   3.502   10.406  1.00 24.66  ? 4   LCG B N9    1 
HETATM 370 C  C8    . LCG B 1 4  ? 2.251   3.784   9.826   1.00 24.56  ? 4   LCG B C8    1 
HETATM 371 C  C4    . LCG B 1 4  ? 0.209   4.492   10.096  1.00 22.61  ? 4   LCG B C4    1 
HETATM 372 N  N7    . LCG B 1 4  ? 2.170   4.870   9.051   1.00 23.99  ? 4   LCG B N7    1 
HETATM 373 C  C5    . LCG B 1 4  ? 0.913   5.331   9.275   1.00 24.16  ? 4   LCG B C5    1 
HETATM 374 C  C6    . LCG B 1 4  ? 0.276   6.436   8.795   1.00 23.83  ? 4   LCG B C6    1 
HETATM 375 C  "C2'" . LCG B 1 4  ? 0.029   1.206   10.836  1.00 23.73  ? 4   LCG B "C2'" 1 
HETATM 376 O  O6    . LCG B 1 4  ? 0.730   7.301   8.019   1.00 26.45  ? 4   LCG B O6    1 
HETATM 377 C  "C4'" . LCG B 1 4  ? 1.957   0.491   11.373  1.00 24.10  ? 4   LCG B "C4'" 1 
HETATM 378 C  "C1'" . LCG B 1 4  ? 0.745   2.447   11.359  1.00 24.46  ? 4   LCG B "C1'" 1 
HETATM 379 C  C2    . LCG B 1 4  ? -1.696  5.716   9.987   1.00 22.82  ? 4   LCG B C2    1 
HETATM 380 N  N1    . LCG B 1 4  ? -0.993  6.578   9.193   1.00 23.26  ? 4   LCG B N1    1 
HETATM 381 O  "O4'" . LCG B 1 4  ? 2.056   1.895   11.752  1.00 24.17  ? 4   LCG B "O4'" 1 
HETATM 382 O  OP2   . LCG B 1 4  ? 5.825   1.233   8.753   1.00 25.71  ? 4   LCG B OP2   1 
HETATM 383 N  N2    . LCG B 1 4  ? -2.972  5.918   10.311  1.00 23.56  ? 4   LCG B N2    1 
HETATM 384 N  N3    . LCG B 1 4  ? -1.076  4.636   10.487  1.00 22.48  ? 4   LCG B N3    1 
HETATM 385 O  "O2'" . LCG B 1 4  ? -0.218  0.412   11.938  1.00 24.61  ? 4   LCG B "O2'" 1 
HETATM 386 O  "O3'" . LCG B 1 4  ? 0.782   -0.781  9.705   1.00 25.64  ? 4   LCG B "O3'" 1 
ATOM   387 P  P     . A   B 1 5  ? 0.375   -1.155  8.184   1.00 24.77  ? 5   A   B P     1 
ATOM   388 O  OP1   . A   B 1 5  ? 0.424   -2.622  8.060   1.00 26.77  ? 5   A   B OP1   1 
ATOM   389 O  OP2   . A   B 1 5  ? 1.130   -0.316  7.235   1.00 25.70  ? 5   A   B OP2   1 
ATOM   390 O  "O5'" . A   B 1 5  ? -1.150  -0.711  8.082   1.00 24.80  ? 5   A   B "O5'" 1 
ATOM   391 C  "C5'" . A   B 1 5  ? -2.128  -1.209  8.994   1.00 22.91  ? 5   A   B "C5'" 1 
ATOM   392 C  "C4'" . A   B 1 5  ? -3.378  -0.377  8.883   1.00 23.00  ? 5   A   B "C4'" 1 
ATOM   393 O  "O4'" . A   B 1 5  ? -3.134  0.961   9.397   1.00 23.20  ? 5   A   B "O4'" 1 
ATOM   394 C  "C3'" . A   B 1 5  ? -3.849  -0.120  7.461   1.00 23.23  ? 5   A   B "C3'" 1 
ATOM   395 O  "O3'" . A   B 1 5  ? -4.554  -1.233  6.917   1.00 23.01  ? 5   A   B "O3'" 1 
ATOM   396 C  "C2'" . A   B 1 5  ? -4.721  1.099   7.672   1.00 22.56  ? 5   A   B "C2'" 1 
ATOM   397 O  "O2'" . A   B 1 5  ? -5.916  0.696   8.300   1.00 23.04  ? 5   A   B "O2'" 1 
ATOM   398 C  "C1'" . A   B 1 5  ? -3.839  1.910   8.613   1.00 22.81  ? 5   A   B "C1'" 1 
ATOM   399 N  N9    . A   B 1 5  ? -2.865  2.737   7.903   1.00 22.22  ? 5   A   B N9    1 
ATOM   400 C  C8    . A   B 1 5  ? -1.540  2.462   7.667   1.00 24.07  ? 5   A   B C8    1 
ATOM   401 N  N7    . A   B 1 5  ? -0.916  3.400   7.002   1.00 26.25  ? 5   A   B N7    1 
ATOM   402 C  C5    . A   B 1 5  ? -1.892  4.360   6.785   1.00 23.28  ? 5   A   B C5    1 
ATOM   403 C  C6    . A   B 1 5  ? -1.863  5.605   6.140   1.00 24.95  ? 5   A   B C6    1 
ATOM   404 N  N6    . A   B 1 5  ? -0.774  6.113   5.563   1.00 26.75  ? 5   A   B N6    1 
ATOM   405 N  N1    . A   B 1 5  ? -3.008  6.316   6.098   1.00 24.56  ? 5   A   B N1    1 
ATOM   406 C  C2    . A   B 1 5  ? -4.102  5.801   6.666   1.00 24.44  ? 5   A   B C2    1 
ATOM   407 N  N3    . A   B 1 5  ? -4.254  4.648   7.309   1.00 23.96  ? 5   A   B N3    1 
ATOM   408 C  C4    . A   B 1 5  ? -3.098  3.964   7.332   1.00 24.01  ? 5   A   B C4    1 
ATOM   409 P  P     . C   B 1 6  ? -4.569  -1.542  5.327   1.00 23.19  ? 6   C   B P     1 
ATOM   410 O  OP1   . C   B 1 6  ? -5.178  -2.897  5.154   1.00 24.19  ? 6   C   B OP1   1 
ATOM   411 O  OP2   . C   B 1 6  ? -3.239  -1.224  4.750   1.00 25.29  ? 6   C   B OP2   1 
ATOM   412 O  "O5'" . C   B 1 6  ? -5.500  -0.419  4.722   1.00 21.86  ? 6   C   B "O5'" 1 
ATOM   413 C  "C5'" . C   B 1 6  ? -6.879  -0.286  5.117   1.00 22.78  ? 6   C   B "C5'" 1 
ATOM   414 C  "C4'" . C   B 1 6  ? -7.366  1.054   4.652   1.00 22.34  ? 6   C   B "C4'" 1 
ATOM   415 O  "O4'" . C   B 1 6  ? -6.532  2.084   5.244   1.00 23.22  ? 6   C   B "O4'" 1 
ATOM   416 C  "C3'" . C   B 1 6  ? -7.294  1.370   3.162   1.00 22.82  ? 6   C   B "C3'" 1 
ATOM   417 O  "O3'" . C   B 1 6  ? -8.382  0.783   2.488   1.00 24.16  ? 6   C   B "O3'" 1 
ATOM   418 C  "C2'" . C   B 1 6  ? -7.352  2.889   3.183   1.00 24.20  ? 6   C   B "C2'" 1 
ATOM   419 O  "O2'" . C   B 1 6  ? -8.664  3.346   3.467   1.00 26.27  ? 6   C   B "O2'" 1 
ATOM   420 C  "C1'" . C   B 1 6  ? -6.435  3.190   4.350   1.00 22.31  ? 6   C   B "C1'" 1 
ATOM   421 N  N1    . C   B 1 6  ? -5.014  3.357   3.997   1.00 23.03  ? 6   C   B N1    1 
ATOM   422 C  C2    . C   B 1 6  ? -4.615  4.587   3.480   1.00 23.04  ? 6   C   B C2    1 
ATOM   423 O  O2    . C   B 1 6  ? -5.458  5.467   3.334   1.00 25.95  ? 6   C   B O2    1 
ATOM   424 N  N3    . C   B 1 6  ? -3.312  4.790   3.191   1.00 22.46  ? 6   C   B N3    1 
ATOM   425 C  C4    . C   B 1 6  ? -2.430  3.804   3.353   1.00 23.67  ? 6   C   B C4    1 
ATOM   426 N  N4    . C   B 1 6  ? -1.149  4.054   3.053   1.00 23.77  ? 6   C   B N4    1 
ATOM   427 C  C5    . C   B 1 6  ? -2.818  2.520   3.818   1.00 23.07  ? 6   C   B C5    1 
ATOM   428 C  C6    . C   B 1 6  ? -4.115  2.343   4.124   1.00 23.31  ? 6   C   B C6    1 
ATOM   429 P  P     . U   B 1 7  ? -8.278  0.375   0.971   1.00 24.93  ? 7   U   B P     1 
ATOM   430 O  OP1   . U   B 1 7  ? -9.578  -0.271  0.615   1.00 26.92  ? 7   U   B OP1   1 
ATOM   431 O  OP2   . U   B 1 7  ? -7.043  -0.302  0.713   1.00 25.32  ? 7   U   B OP2   1 
ATOM   432 O  "O5'" . U   B 1 7  ? -8.144  1.766   0.212   1.00 24.14  ? 7   U   B "O5'" 1 
ATOM   433 C  "C5'" . U   B 1 7  ? -9.298  2.586   0.042   1.00 25.02  ? 7   U   B "C5'" 1 
ATOM   434 C  "C4'" . U   B 1 7  ? -8.861  3.861   -0.628  1.00 26.38  ? 7   U   B "C4'" 1 
ATOM   435 O  "O4'" . U   B 1 7  ? -7.886  4.586   0.167   1.00 26.44  ? 7   U   B "O4'" 1 
ATOM   436 C  "C3'" . U   B 1 7  ? -8.168  3.691   -1.972  1.00 24.72  ? 7   U   B "C3'" 1 
ATOM   437 O  "O3'" . U   B 1 7  ? -9.081  3.353   -3.026  1.00 24.60  ? 7   U   B "O3'" 1 
ATOM   438 C  "C2'" . U   B 1 7  ? -7.518  5.038   -2.116  1.00 25.33  ? 7   U   B "C2'" 1 
ATOM   439 O  "O2'" . U   B 1 7  ? -8.522  6.017   -2.358  1.00 29.79  ? 7   U   B "O2'" 1 
ATOM   440 C  "C1'" . U   B 1 7  ? -6.984  5.240   -0.713  1.00 25.61  ? 7   U   B "C1'" 1 
ATOM   441 N  N1    . U   B 1 7  ? -5.634  4.704   -0.528  1.00 23.32  ? 7   U   B N1    1 
ATOM   442 C  C2    . U   B 1 7  ? -4.621  5.518   -0.976  1.00 26.68  ? 7   U   B C2    1 
ATOM   443 O  O2    . U   B 1 7  ? -4.839  6.575   -1.535  1.00 26.54  ? 7   U   B O2    1 
ATOM   444 N  N3    . U   B 1 7  ? -3.359  5.051   -0.740  1.00 23.03  ? 7   U   B N3    1 
ATOM   445 C  C4    . U   B 1 7  ? -3.007  3.887   -0.100  1.00 23.02  ? 7   U   B C4    1 
ATOM   446 O  O4    . U   B 1 7  ? -1.820  3.595   0.024   1.00 25.96  ? 7   U   B O4    1 
ATOM   447 C  C5    . U   B 1 7  ? -4.115  3.086   0.310   1.00 23.40  ? 7   U   B C5    1 
ATOM   448 C  C6    . U   B 1 7  ? -5.356  3.500   0.067   1.00 23.58  ? 7   U   B C6    1 
ATOM   449 P  P     . U   B 1 8  ? -8.641  2.430   -4.267  1.00 28.16  ? 8   U   B P     1 
ATOM   450 O  OP1   . U   B 1 8  ? -9.886  2.153   -5.020  1.00 31.14  ? 8   U   B OP1   1 
ATOM   451 O  OP2   . U   B 1 8  ? -7.741  1.373   -3.889  1.00 27.78  ? 8   U   B OP2   1 
ATOM   452 O  "O5'" . U   B 1 8  ? -7.678  3.459   -5.019  1.00 26.38  ? 8   U   B "O5'" 1 
ATOM   453 C  "C5'" . U   B 1 8  ? -8.148  4.725   -5.520  1.00 28.02  ? 8   U   B "C5'" 1 
ATOM   454 C  "C4'" . U   B 1 8  ? -6.972  5.520   -6.010  1.00 26.91  ? 8   U   B "C4'" 1 
ATOM   455 O  "O4'" . U   B 1 8  ? -6.053  5.834   -4.916  1.00 26.69  ? 8   U   B "O4'" 1 
ATOM   456 C  "C3'" . U   B 1 8  ? -6.081  4.804   -7.010  1.00 25.12  ? 8   U   B "C3'" 1 
ATOM   457 O  "O3'" . U   B 1 8  ? -6.720  4.704   -8.304  1.00 26.58  ? 8   U   B "O3'" 1 
ATOM   458 C  "C2'" . U   B 1 8  ? -4.831  5.659   -6.943  1.00 27.04  ? 8   U   B "C2'" 1 
ATOM   459 O  "O2'" . U   B 1 8  ? -5.020  6.926   -7.588  1.00 29.38  ? 8   U   B "O2'" 1 
ATOM   460 C  "C1'" . U   B 1 8  ? -4.728  5.878   -5.434  1.00 24.98  ? 8   U   B "C1'" 1 
ATOM   461 N  N1    . U   B 1 8  ? -3.938  4.858   -4.734  1.00 23.89  ? 8   U   B N1    1 
ATOM   462 C  C2    . U   B 1 8  ? -2.585  5.090   -4.675  1.00 24.08  ? 8   U   B C2    1 
ATOM   463 O  O2    . U   B 1 8  ? -2.072  6.034   -5.234  1.00 26.85  ? 8   U   B O2    1 
ATOM   464 N  N3    . U   B 1 8  ? -1.864  4.126   -4.024  1.00 23.50  ? 8   U   B N3    1 
ATOM   465 C  C4    . U   B 1 8  ? -2.360  3.028   -3.355  1.00 25.15  ? 8   U   B C4    1 
ATOM   466 O  O4    . U   B 1 8  ? -1.584  2.247   -2.806  1.00 25.83  ? 8   U   B O4    1 
ATOM   467 C  C5    . U   B 1 8  ? -3.770  2.856   -3.467  1.00 24.38  ? 8   U   B C5    1 
ATOM   468 C  C6    . U   B 1 8  ? -4.498  3.769   -4.114  1.00 24.59  ? 8   U   B C6    1 
ATOM   469 P  P     . A   B 1 9  ? -6.358  3.461   -9.285  1.00 29.68  ? 9   A   B P     1 
ATOM   470 O  OP1   . A   B 1 9  ? -7.169  3.606   -10.507 1.00 35.21  ? 9   A   B OP1   1 
ATOM   471 O  OP2   . A   B 1 9  ? -6.414  2.190   -8.521  1.00 32.78  ? 9   A   B OP2   1 
ATOM   472 O  "O5'" . A   B 1 9  ? -4.836  3.709   -9.685  1.00 25.20  ? 9   A   B "O5'" 1 
ATOM   473 C  "C5'" . A   B 1 9  ? -4.490  4.772   -10.580 1.00 27.03  ? 9   A   B "C5'" 1 
ATOM   474 C  "C4'" . A   B 1 9  ? -2.997  4.859   -10.767 1.00 26.66  ? 9   A   B "C4'" 1 
ATOM   475 O  "O4'" . A   B 1 9  ? -2.351  5.214   -9.521  1.00 25.29  ? 9   A   B "O4'" 1 
ATOM   476 C  "C3'" . A   B 1 9  ? -2.286  3.571   -11.152 1.00 28.09  ? 9   A   B "C3'" 1 
ATOM   477 O  "O3'" . A   B 1 9  ? -2.339  3.328   -12.541 1.00 31.63  ? 9   A   B "O3'" 1 
ATOM   478 C  "C2'" . A   B 1 9  ? -0.854  3.905   -10.802 1.00 26.36  ? 9   A   B "C2'" 1 
ATOM   479 O  "O2'" . A   B 1 9  ? -0.288  4.719   -11.802 1.00 29.95  ? 9   A   B "O2'" 1 
ATOM   480 C  "C1'" . A   B 1 9  ? -1.050  4.654   -9.490  1.00 24.69  ? 9   A   B "C1'" 1 
ATOM   481 N  N9    . A   B 1 9  ? -0.970  3.760   -8.343  1.00 23.38  ? 9   A   B N9    1 
ATOM   482 C  C8    . A   B 1 9  ? -1.994  3.205   -7.620  1.00 23.26  ? 9   A   B C8    1 
ATOM   483 N  N7    . A   B 1 9  ? -1.592  2.439   -6.637  1.00 23.61  ? 9   A   B N7    1 
ATOM   484 C  C5    . A   B 1 9  ? -0.209  2.481   -6.728  1.00 23.10  ? 9   A   B C5    1 
ATOM   485 C  C6    . A   B 1 9  ? 0.806   1.880   -5.969  1.00 20.80  ? 9   A   B C6    1 
ATOM   486 N  N6    . A   B 1 9  ? 0.575   1.086   -4.923  1.00 22.44  ? 9   A   B N6    1 
ATOM   487 N  N1    . A   B 1 9  ? 2.084   2.126   -6.324  1.00 22.34  ? 9   A   B N1    1 
ATOM   488 C  C2    . A   B 1 9  ? 2.316   2.923   -7.372  1.00 24.03  ? 9   A   B C2    1 
ATOM   489 N  N3    . A   B 1 9  ? 1.449   3.551   -8.159  1.00 24.02  ? 9   A   B N3    1 
ATOM   490 C  C4    . A   B 1 9  ? 0.188   3.283   -7.780  1.00 23.56  ? 9   A   B C4    1 
ATOM   491 P  P     . A   B 1 10 ? -2.508  1.815   -13.127 1.00 31.76  ? 10  A   B P     1 
ATOM   492 O  OP1   . A   B 1 10 ? -2.868  1.922   -14.557 1.00 35.58  ? 10  A   B OP1   1 
ATOM   493 O  OP2   . A   B 1 10 ? -3.346  0.999   -12.226 1.00 22.90  ? 10  A   B OP2   1 
ATOM   494 O  "O5'" . A   B 1 10 ? -1.027  1.238   -13.110 1.00 28.08  ? 10  A   B "O5'" 1 
ATOM   495 C  "C5'" . A   B 1 10 ? -0.035  1.808   -13.961 1.00 30.45  ? 10  A   B "C5'" 1 
ATOM   496 C  "C4'" . A   B 1 10 ? 1.336   1.466   -13.452 1.00 28.09  ? 10  A   B "C4'" 1 
ATOM   497 O  "O4'" . A   B 1 10 ? 1.484   1.904   -12.079 1.00 25.45  ? 10  A   B "O4'" 1 
ATOM   498 C  "C3'" . A   B 1 10 ? 1.640   -0.018  -13.360 1.00 28.59  ? 10  A   B "C3'" 1 
ATOM   499 O  "O3'" . A   B 1 10 ? 1.935   -0.566  -14.639 1.00 30.49  ? 10  A   B "O3'" 1 
ATOM   500 C  "C2'" . A   B 1 10 ? 2.829   -0.009  -12.419 1.00 25.00  ? 10  A   B "C2'" 1 
ATOM   501 O  "O2'" . A   B 1 10 ? 4.008   0.397   -13.073 1.00 26.84  ? 10  A   B "O2'" 1 
ATOM   502 C  "C1'" . A   B 1 10 ? 2.379   1.038   -11.403 1.00 25.39  ? 10  A   B "C1'" 1 
ATOM   503 N  N9    . A   B 1 10 ? 1.680   0.439   -10.272 1.00 23.48  ? 10  A   B N9    1 
ATOM   504 C  C8    . A   B 1 10 ? 0.332   0.309   -10.060 1.00 24.10  ? 10  A   B C8    1 
ATOM   505 N  N7    . A   B 1 10 ? 0.029   -0.292  -8.937  1.00 25.07  ? 10  A   B N7    1 
ATOM   506 C  C5    . A   B 1 10 ? 1.262   -0.584  -8.374  1.00 22.51  ? 10  A   B C5    1 
ATOM   507 C  C6    . A   B 1 10 ? 1.627   -1.213  -7.174  1.00 24.09  ? 10  A   B C6    1 
ATOM   508 N  N6    . A   B 1 10 ? 0.749   -1.695  -6.294  1.00 24.90  ? 10  A   B N6    1 
ATOM   509 N  N1    . A   B 1 10 ? 2.944   -1.340  -6.908  1.00 24.26  ? 10  A   B N1    1 
ATOM   510 C  C2    . A   B 1 10 ? 3.824   -0.866  -7.795  1.00 25.03  ? 10  A   B C2    1 
ATOM   511 N  N3    . A   B 1 10 ? 3.605   -0.253  -8.952  1.00 24.78  ? 10  A   B N3    1 
ATOM   512 C  C4    . A   B 1 10 ? 2.287   -0.142  -9.187  1.00 25.30  ? 10  A   B C4    1 
ATOM   513 P  P     . G   B 1 11 ? 1.601   -2.145  -14.924 1.00 32.02  ? 11  G   B P     1 
ATOM   514 O  OP1   . G   B 1 11 ? 1.944   -2.467  -16.340 1.00 36.49  ? 11  G   B OP1   1 
ATOM   515 O  OP2   . G   B 1 11 ? 0.185   -2.467  -14.522 1.00 29.89  ? 11  G   B OP2   1 
ATOM   516 O  "O5'" . G   B 1 11 ? 2.536   -2.982  -13.896 1.00 34.59  ? 11  G   B "O5'" 1 
ATOM   517 C  "C5'" . G   B 1 11 ? 3.893   -3.274  -14.252 1.00 33.84  ? 11  G   B "C5'" 1 
ATOM   518 C  "C4'" . G   B 1 11 ? 4.648   -3.756  -13.038 1.00 27.09  ? 11  G   B "C4'" 1 
ATOM   519 O  "O4'" . G   B 1 11 ? 4.322   -2.978  -11.861 1.00 24.44  ? 11  G   B "O4'" 1 
ATOM   520 C  "C3'" . G   B 1 11 ? 4.373   -5.177  -12.554 1.00 25.06  ? 11  G   B "C3'" 1 
ATOM   521 O  "O3'" . G   B 1 11 ? 4.930   -6.137  -13.438 1.00 24.11  ? 11  G   B "O3'" 1 
ATOM   522 C  "C2'" . G   B 1 11 ? 5.133   -5.099  -11.235 1.00 20.94  ? 11  G   B "C2'" 1 
ATOM   523 O  "O2'" . G   B 1 11 ? 6.528   -5.084  -11.428 1.00 24.24  ? 11  G   B "O2'" 1 
ATOM   524 C  "C1'" . G   B 1 11 ? 4.636   -3.752  -10.724 1.00 22.78  ? 11  G   B "C1'" 1 
ATOM   525 N  N9    . G   B 1 11 ? 3.463   -3.894  -9.875  1.00 22.06  ? 11  G   B N9    1 
ATOM   526 C  C8    . G   B 1 11 ? 2.158   -3.597  -10.168 1.00 21.13  ? 11  G   B C8    1 
ATOM   527 N  N7    . G   B 1 11 ? 1.338   -3.865  -9.184  1.00 22.01  ? 11  G   B N7    1 
ATOM   528 C  C5    . G   B 1 11 ? 2.156   -4.371  -8.185  1.00 20.26  ? 11  G   B C5    1 
ATOM   529 C  C6    . G   B 1 11 ? 1.837   -4.820  -6.883  1.00 22.00  ? 11  G   B C6    1 
ATOM   530 O  O6    . G   B 1 11 ? 0.733   -4.873  -6.336  1.00 21.82  ? 11  G   B O6    1 
ATOM   531 N  N1    . G   B 1 11 ? 2.967   -5.264  -6.209  1.00 20.88  ? 11  G   B N1    1 
ATOM   532 C  C2    . G   B 1 11 ? 4.241   -5.266  -6.706  1.00 21.50  ? 11  G   B C2    1 
ATOM   533 N  N2    . G   B 1 11 ? 5.196   -5.734  -5.895  1.00 22.28  ? 11  G   B N2    1 
ATOM   534 N  N3    . G   B 1 11 ? 4.552   -4.835  -7.921  1.00 22.14  ? 11  G   B N3    1 
ATOM   535 C  C4    . G   B 1 11 ? 3.464   -4.405  -8.601  1.00 22.03  ? 11  G   B C4    1 
ATOM   536 P  P     . U   B 1 12 ? 4.481   -7.690  -13.436 1.00 27.02  ? 12  U   B P     1 
ATOM   537 O  OP1   . U   B 1 12 ? 5.198   -8.329  -14.599 1.00 30.19  ? 12  U   B OP1   1 
ATOM   538 O  OP2   . U   B 1 12 ? 3.018   -7.798  -13.279 1.00 27.60  ? 12  U   B OP2   1 
ATOM   539 O  "O5'" . U   B 1 12 ? 5.151   -8.303  -12.138 1.00 26.30  ? 12  U   B "O5'" 1 
ATOM   540 C  "C5'" . U   B 1 12 ? 6.558   -8.479  -11.988 1.00 25.27  ? 12  U   B "C5'" 1 
ATOM   541 C  "C4'" . U   B 1 12 ? 6.816   -8.984  -10.584 1.00 25.79  ? 12  U   B "C4'" 1 
ATOM   542 O  "O4'" . U   B 1 12 ? 6.336   -8.036  -9.573  1.00 24.84  ? 12  U   B "O4'" 1 
ATOM   543 C  "C3'" . U   B 1 12 ? 6.110   -10.264 -10.205 1.00 25.68  ? 12  U   B "C3'" 1 
ATOM   544 O  "O3'" . U   B 1 12 ? 6.738   -11.406 -10.785 1.00 26.60  ? 12  U   B "O3'" 1 
ATOM   545 C  "C2'" . U   B 1 12 ? 6.279   -10.224 -8.694  1.00 24.88  ? 12  U   B "C2'" 1 
ATOM   546 O  "O2'" . U   B 1 12 ? 7.627   -10.422 -8.273  1.00 27.30  ? 12  U   B "O2'" 1 
ATOM   547 C  "C1'" . U   B 1 12 ? 5.940   -8.754  -8.422  1.00 25.44  ? 12  U   B "C1'" 1 
ATOM   548 N  N1    . U   B 1 12 ? 4.512   -8.516  -8.234  1.00 23.61  ? 12  U   B N1    1 
ATOM   549 C  C2    . U   B 1 12 ? 4.013   -8.816  -6.987  1.00 24.10  ? 12  U   B C2    1 
ATOM   550 O  O2    . U   B 1 12 ? 4.697   -9.316  -6.110  1.00 25.13  ? 12  U   B O2    1 
ATOM   551 N  N3    . U   B 1 12 ? 2.676   -8.564  -6.834  1.00 23.45  ? 12  U   B N3    1 
ATOM   552 C  C4    . U   B 1 12 ? 1.818   -7.996  -7.747  1.00 23.66  ? 12  U   B C4    1 
ATOM   553 O  O4    . U   B 1 12 ? 0.640   -7.807  -7.441  1.00 25.68  ? 12  U   B O4    1 
ATOM   554 C  C5    . U   B 1 12 ? 2.408   -7.720  -9.019  1.00 22.86  ? 12  U   B C5    1 
ATOM   555 C  C6    . U   B 1 12 ? 3.699   -8.010  -9.219  1.00 22.77  ? 12  U   B C6    1 
ATOM   556 P  P     . C   B 1 13 ? 5.905   -12.717 -11.047 1.00 28.63  ? 13  C   B P     1 
ATOM   557 O  OP1   . C   B 1 13 ? 6.837   -13.650 -11.751 1.00 31.59  ? 13  C   B OP1   1 
ATOM   558 O  OP2   . C   B 1 13 ? 4.643   -12.434 -11.596 1.00 28.31  ? 13  C   B OP2   1 
ATOM   559 O  "O5'" . C   B 1 13 ? 5.594   -13.347 -9.609  1.00 25.99  ? 13  C   B "O5'" 1 
ATOM   560 C  "C5'" . C   B 1 13 ? 6.662   -13.766 -8.770  1.00 24.58  ? 13  C   B "C5'" 1 
ATOM   561 C  "C4'" . C   B 1 13 ? 6.098   -14.019 -7.394  1.00 25.72  ? 13  C   B "C4'" 1 
ATOM   562 O  "O4'" . C   B 1 13 ? 5.536   -12.779 -6.917  1.00 25.14  ? 13  C   B "O4'" 1 
ATOM   563 C  "C3'" . C   B 1 13 ? 4.934   -14.983 -7.231  1.00 26.24  ? 13  C   B "C3'" 1 
ATOM   564 O  "O3'" . C   B 1 13 ? 5.398   -16.332 -7.246  1.00 29.40  ? 13  C   B "O3'" 1 
ATOM   565 C  "C2'" . C   B 1 13 ? 4.383   -14.561 -5.879  1.00 22.81  ? 13  C   B "C2'" 1 
ATOM   566 O  "O2'" . C   B 1 13 ? 5.226   -15.026 -4.850  1.00 24.99  ? 13  C   B "O2'" 1 
ATOM   567 C  "C1'" . C   B 1 13 ? 4.445   -13.047 -6.026  1.00 22.82  ? 13  C   B "C1'" 1 
ATOM   568 N  N1    . C   B 1 13 ? 3.225   -12.469 -6.617  1.00 22.21  ? 13  C   B N1    1 
ATOM   569 C  C2    . C   B 1 13 ? 2.148   -12.306 -5.761  1.00 22.80  ? 13  C   B C2    1 
ATOM   570 O  O2    . C   B 1 13 ? 2.290   -12.625 -4.585  1.00 24.04  ? 13  C   B O2    1 
ATOM   571 N  N3    . C   B 1 13 ? 1.014   -11.744 -6.223  1.00 21.77  ? 13  C   B N3    1 
ATOM   572 C  C4    . C   B 1 13 ? 0.907   -11.424 -7.512  1.00 22.91  ? 13  C   B C4    1 
ATOM   573 N  N4    . C   B 1 13 ? -0.232  -10.893 -7.923  1.00 24.39  ? 13  C   B N4    1 
ATOM   574 C  C5    . C   B 1 13 ? 1.961   -11.675 -8.439  1.00 22.16  ? 13  C   B C5    1 
ATOM   575 C  C6    . C   B 1 13 ? 3.093   -12.193 -7.952  1.00 24.35  ? 13  C   B C6    1 
ATOM   576 P  P     . G   B 1 14 ? 4.437   -17.506 -7.829  1.00 33.38  ? 14  G   B P     1 
ATOM   577 O  OP1   . G   B 1 14 ? 5.210   -18.794 -7.860  1.00 35.03  ? 14  G   B OP1   1 
ATOM   578 O  OP2   . G   B 1 14 ? 3.810   -17.082 -9.140  1.00 32.95  ? 14  G   B OP2   1 
ATOM   579 O  "O5'" . G   B 1 14 ? 3.244   -17.645 -6.763  1.00 28.62  ? 14  G   B "O5'" 1 
ATOM   580 C  "C5'" . G   B 1 14 ? 3.527   -18.228 -5.481  1.00 28.91  ? 14  G   B "C5'" 1 
ATOM   581 C  "C4'" . G   B 1 14 ? 2.287   -18.135 -4.634  1.00 26.80  ? 14  G   B "C4'" 1 
ATOM   582 O  "O4'" . G   B 1 14 ? 1.866   -16.755 -4.533  1.00 24.87  ? 14  G   B "O4'" 1 
ATOM   583 C  "C3'" . G   B 1 14 ? 1.043   -18.818 -5.196  1.00 25.47  ? 14  G   B "C3'" 1 
ATOM   584 O  "O3'" . G   B 1 14 ? 1.093   -20.226 -5.029  1.00 29.58  ? 14  G   B "O3'" 1 
ATOM   585 C  "C2'" . G   B 1 14 ? -0.028  -18.152 -4.334  1.00 26.60  ? 14  G   B "C2'" 1 
ATOM   586 O  "O2'" . G   B 1 14 ? -0.075  -18.689 -3.033  1.00 27.58  ? 14  G   B "O2'" 1 
ATOM   587 C  "C1'" . G   B 1 14 ? 0.478   -16.715 -4.292  1.00 25.23  ? 14  G   B "C1'" 1 
ATOM   588 N  N9    . G   B 1 14 ? -0.149  -15.831 -5.263  1.00 24.04  ? 14  G   B N9    1 
ATOM   589 C  C8    . G   B 1 14 ? 0.384   -15.375 -6.440  1.00 23.44  ? 14  G   B C8    1 
ATOM   590 N  N7    . G   B 1 14 ? -0.423  -14.583 -7.097  1.00 24.49  ? 14  G   B N7    1 
ATOM   591 C  C5    . G   B 1 14 ? -1.553  -14.502 -6.295  1.00 22.10  ? 14  G   B C5    1 
ATOM   592 C  C6    . G   B 1 14 ? -2.757  -13.784 -6.484  1.00 22.63  ? 14  G   B C6    1 
ATOM   593 O  O6    . G   B 1 14 ? -3.072  -13.051 -7.426  1.00 24.62  ? 14  G   B O6    1 
ATOM   594 N  N1    . G   B 1 14 ? -3.644  -13.997 -5.430  1.00 22.22  ? 14  G   B N1    1 
ATOM   595 C  C2    . G   B 1 14 ? -3.406  -14.790 -4.338  1.00 22.78  ? 14  G   B C2    1 
ATOM   596 N  N2    . G   B 1 14 ? -4.379  -14.867 -3.424  1.00 24.33  ? 14  G   B N2    1 
ATOM   597 N  N3    . G   B 1 14 ? -2.275  -15.458 -4.151  1.00 23.89  ? 14  G   B N3    1 
ATOM   598 C  C4    . G   B 1 14 ? -1.400  -15.274 -5.167  1.00 23.68  ? 14  G   B C4    1 
HETATM 599 MG MG    . MG  C 2 .  ? 4.688   -10.555 5.891   1.00 27.32  ? 101 MG  A MG    1 
HETATM 600 P  P     . 5GP D 3 .  ? -1.785  13.870  15.786  1.00 69.64  ? 101 5GP B P     1 
HETATM 601 O  O1P   . 5GP D 3 .  ? -3.145  13.811  16.448  1.00 62.77  ? 101 5GP B O1P   1 
HETATM 602 O  O2P   . 5GP D 3 .  ? -0.875  14.917  16.374  1.00 65.62  ? 101 5GP B O2P   1 
HETATM 603 O  O3P   . 5GP D 3 .  ? -1.849  13.914  14.178  1.00 63.06  ? 101 5GP B O3P   1 
HETATM 604 O  "O5'" . 5GP D 3 .  ? -1.092  12.466  16.115  1.00 56.60  ? 101 5GP B "O5'" 1 
HETATM 605 C  "C5'" . 5GP D 3 .  ? -1.786  11.522  16.957  1.00 52.93  ? 101 5GP B "C5'" 1 
HETATM 606 C  "C4'" . 5GP D 3 .  ? -1.069  10.196  16.916  1.00 50.40  ? 101 5GP B "C4'" 1 
HETATM 607 O  "O4'" . 5GP D 3 .  ? -0.533  9.969   15.583  1.00 45.09  ? 101 5GP B "O4'" 1 
HETATM 608 C  "C3'" . 5GP D 3 .  ? 0.119   10.050  17.876  1.00 50.78  ? 101 5GP B "C3'" 1 
HETATM 609 O  "O3'" . 5GP D 3 .  ? 0.191   8.732   18.406  1.00 60.91  ? 101 5GP B "O3'" 1 
HETATM 610 C  "C2'" . 5GP D 3 .  ? 1.302   10.355  16.956  1.00 46.58  ? 101 5GP B "C2'" 1 
HETATM 611 O  "O2'" . 5GP D 3 .  ? 2.553   9.906   17.428  1.00 43.05  ? 101 5GP B "O2'" 1 
HETATM 612 C  "C1'" . 5GP D 3 .  ? 0.837   9.662   15.681  1.00 37.29  ? 101 5GP B "C1'" 1 
HETATM 613 N  N9    . 5GP D 3 .  ? 1.519   10.174  14.508  1.00 33.42  ? 101 5GP B N9    1 
HETATM 614 C  C8    . 5GP D 3 .  ? 1.133   11.211  13.703  1.00 29.34  ? 101 5GP B C8    1 
HETATM 615 N  N7    . 5GP D 3 .  ? 1.991   11.467  12.749  1.00 32.60  ? 101 5GP B N7    1 
HETATM 616 C  C5    . 5GP D 3 .  ? 3.013   10.554  12.959  1.00 29.23  ? 101 5GP B C5    1 
HETATM 617 C  C6    . 5GP D 3 .  ? 4.208   10.348  12.234  1.00 29.64  ? 101 5GP B C6    1 
HETATM 618 O  O6    . 5GP D 3 .  ? 4.617   10.959  11.243  1.00 31.26  ? 101 5GP B O6    1 
HETATM 619 N  N1    . 5GP D 3 .  ? 4.962   9.319   12.794  1.00 30.05  ? 101 5GP B N1    1 
HETATM 620 C  C2    . 5GP D 3 .  ? 4.613   8.575   13.890  1.00 29.88  ? 101 5GP B C2    1 
HETATM 621 N  N2    . 5GP D 3 .  ? 5.477   7.628   14.273  1.00 28.96  ? 101 5GP B N2    1 
HETATM 622 N  N3    . 5GP D 3 .  ? 3.484   8.755   14.566  1.00 31.60  ? 101 5GP B N3    1 
HETATM 623 C  C4    . 5GP D 3 .  ? 2.739   9.757   14.042  1.00 28.71  ? 101 5GP B C4    1 
HETATM 624 P  P     . AMP E 4 .  ? 6.651   16.313  7.388   1.00 112.16 ? 102 AMP B P     1 
HETATM 625 O  O1P   . AMP E 4 .  ? 7.119   14.858  6.869   1.00 113.52 ? 102 AMP B O1P   1 
HETATM 626 O  O2P   . AMP E 4 .  ? 7.662   17.316  6.978   1.00 111.43 ? 102 AMP B O2P   1 
HETATM 627 O  O3P   . AMP E 4 .  ? 5.239   16.466  6.950   1.00 105.46 ? 102 AMP B O3P   1 
HETATM 628 O  "O5'" . AMP E 4 .  ? 6.730   16.170  8.972   1.00 90.29  ? 102 AMP B "O5'" 1 
HETATM 629 C  "C5'" . AMP E 4 .  ? 5.863   16.920  9.839   1.00 72.92  ? 102 AMP B "C5'" 1 
HETATM 630 C  "C4'" . AMP E 4 .  ? 4.822   16.010  10.448  1.00 62.16  ? 102 AMP B "C4'" 1 
HETATM 631 O  "O4'" . AMP E 4 .  ? 5.390   14.689  10.667  1.00 57.27  ? 102 AMP B "O4'" 1 
HETATM 632 C  "C3'" . AMP E 4 .  ? 4.273   16.459  11.800  1.00 56.59  ? 102 AMP B "C3'" 1 
HETATM 633 O  "O3'" . AMP E 4 .  ? 2.902   16.096  11.890  1.00 53.86  ? 102 AMP B "O3'" 1 
HETATM 634 C  "C2'" . AMP E 4 .  ? 5.094   15.637  12.783  1.00 53.09  ? 102 AMP B "C2'" 1 
HETATM 635 O  "O2'" . AMP E 4 .  ? 4.400   15.410  13.990  1.00 63.62  ? 102 AMP B "O2'" 1 
HETATM 636 C  "C1'" . AMP E 4 .  ? 5.233   14.324  12.021  1.00 45.99  ? 102 AMP B "C1'" 1 
HETATM 637 N  N9    . AMP E 4 .  ? 6.393   13.529  12.415  1.00 36.75  ? 102 AMP B N9    1 
HETATM 638 C  C8    . AMP E 4 .  ? 7.612   13.483  11.790  1.00 33.01  ? 102 AMP B C8    1 
HETATM 639 N  N7    . AMP E 4 .  ? 8.468   12.671  12.361  1.00 31.98  ? 102 AMP B N7    1 
HETATM 640 C  C5    . AMP E 4 .  ? 7.764   12.147  13.434  1.00 30.99  ? 102 AMP B C5    1 
HETATM 641 C  C6    . AMP E 4 .  ? 8.116   11.226  14.434  1.00 32.04  ? 102 AMP B C6    1 
HETATM 642 N  N6    . AMP E 4 .  ? 9.314   10.647  14.516  1.00 33.70  ? 102 AMP B N6    1 
HETATM 643 N  N1    . AMP E 4 .  ? 7.182   10.914  15.357  1.00 32.55  ? 102 AMP B N1    1 
HETATM 644 C  C2    . AMP E 4 .  ? 5.983   11.503  15.278  1.00 36.40  ? 102 AMP B C2    1 
HETATM 645 N  N3    . AMP E 4 .  ? 5.534   12.385  14.388  1.00 36.78  ? 102 AMP B N3    1 
HETATM 646 C  C4    . AMP E 4 .  ? 6.483   12.665  13.480  1.00 35.16  ? 102 AMP B C4    1 
HETATM 647 P  P     . 5GP F 3 .  ? -0.771  -20.439 -8.603  1.00 69.40  ? 103 5GP B P     1 
HETATM 648 O  O1P   . 5GP F 3 .  ? -1.629  -21.439 -9.337  1.00 67.26  ? 103 5GP B O1P   1 
HETATM 649 O  O2P   . 5GP F 3 .  ? -0.433  -19.220 -9.431  1.00 57.94  ? 103 5GP B O2P   1 
HETATM 650 O  O3P   . 5GP F 3 .  ? 0.523   -21.099 -7.888  1.00 68.74  ? 103 5GP B O3P   1 
HETATM 651 O  "O5'" . 5GP F 3 .  ? -1.698  -19.923 -7.402  1.00 54.84  ? 103 5GP B "O5'" 1 
HETATM 652 C  "C5'" . 5GP F 3 .  ? -2.060  -20.857 -6.368  1.00 51.46  ? 103 5GP B "C5'" 1 
HETATM 653 C  "C4'" . 5GP F 3 .  ? -3.219  -20.302 -5.586  1.00 47.31  ? 103 5GP B "C4'" 1 
HETATM 654 O  "O4'" . 5GP F 3 .  ? -3.105  -18.859 -5.516  1.00 37.65  ? 103 5GP B "O4'" 1 
HETATM 655 C  "C3'" . 5GP F 3 .  ? -4.596  -20.529 -6.208  1.00 48.15  ? 103 5GP B "C3'" 1 
HETATM 656 O  "O3'" . 5GP F 3 .  ? -5.093  -21.808 -5.845  1.00 56.17  ? 103 5GP B "O3'" 1 
HETATM 657 C  "C2'" . 5GP F 3 .  ? -5.397  -19.418 -5.536  1.00 44.24  ? 103 5GP B "C2'" 1 
HETATM 658 O  "O2'" . 5GP F 3 .  ? -5.721  -19.799 -4.217  1.00 54.19  ? 103 5GP B "O2'" 1 
HETATM 659 C  "C1'" . 5GP F 3 .  ? -4.385  -18.274 -5.505  1.00 36.95  ? 103 5GP B "C1'" 1 
HETATM 660 N  N9    . 5GP F 3 .  ? -4.476  -17.325 -6.610  1.00 30.75  ? 103 5GP B N9    1 
HETATM 661 C  C8    . 5GP F 3 .  ? -3.517  -17.065 -7.552  1.00 27.71  ? 103 5GP B C8    1 
HETATM 662 N  N7    . 5GP F 3 .  ? -3.873  -16.150 -8.418  1.00 30.39  ? 103 5GP B N7    1 
HETATM 663 C  C5    . 5GP F 3 .  ? -5.144  -15.772 -8.012  1.00 26.64  ? 103 5GP B C5    1 
HETATM 664 C  C6    . 5GP F 3 .  ? -6.029  -14.813 -8.560  1.00 28.32  ? 103 5GP B C6    1 
HETATM 665 O  O6    . 5GP F 3 .  ? -5.860  -14.083 -9.543  1.00 29.01  ? 103 5GP B O6    1 
HETATM 666 N  N1    . 5GP F 3 .  ? -7.219  -14.752 -7.839  1.00 26.89  ? 103 5GP B N1    1 
HETATM 667 C  C2    . 5GP F 3 .  ? -7.517  -15.509 -6.738  1.00 26.10  ? 103 5GP B C2    1 
HETATM 668 N  N2    . 5GP F 3 .  ? -8.713  -15.306 -6.176  1.00 25.17  ? 103 5GP B N2    1 
HETATM 669 N  N3    . 5GP F 3 .  ? -6.685  -16.400 -6.211  1.00 28.83  ? 103 5GP B N3    1 
HETATM 670 C  C4    . 5GP F 3 .  ? -5.524  -16.483 -6.897  1.00 27.34  ? 103 5GP B C4    1 
HETATM 671 MG MG    . MG  G 2 .  ? 4.246   -2.782  6.028   1.00 25.03  ? 104 MG  B MG    1 
HETATM 672 O  O     . HOH H 5 .  ? -5.981  -5.498  0.182   1.00 29.31  ? 201 HOH A O     1 
HETATM 673 O  O     . HOH H 5 .  ? 8.186   4.649   -8.098  1.00 35.18  ? 202 HOH A O     1 
HETATM 674 O  O     . HOH H 5 .  ? -3.471  -8.373  -7.325  1.00 32.96  ? 203 HOH A O     1 
HETATM 675 O  O     . HOH H 5 .  ? 2.099   6.358   2.622   1.00 36.50  ? 204 HOH A O     1 
HETATM 676 O  O     . HOH H 5 .  ? -9.059  9.086   7.942   1.00 37.92  ? 205 HOH A O     1 
HETATM 677 O  O     . HOH H 5 .  ? -7.394  7.295   4.507   1.00 38.18  ? 206 HOH A O     1 
HETATM 678 O  O     . HOH H 5 .  ? 3.663   -6.718  6.251   1.00 24.84  ? 207 HOH A O     1 
HETATM 679 O  O     . HOH H 5 .  ? 0.841   -3.289  1.393   1.00 31.97  ? 208 HOH A O     1 
HETATM 680 O  O     . HOH H 5 .  ? 7.678   -5.137  5.123   1.00 25.04  ? 209 HOH A O     1 
HETATM 681 O  O     . HOH H 5 .  ? -8.836  9.737   5.243   1.00 35.37  ? 210 HOH A O     1 
HETATM 682 O  O     . HOH H 5 .  ? -3.686  -7.192  -1.996  1.00 29.93  ? 211 HOH A O     1 
HETATM 683 O  O     . HOH H 5 .  ? 1.922   9.187   4.119   1.00 40.18  ? 212 HOH A O     1 
HETATM 684 O  O     . HOH H 5 .  ? 2.850   7.638   -7.454  1.00 32.54  ? 213 HOH A O     1 
HETATM 685 O  O     . HOH H 5 .  ? -8.612  -7.778  -4.643  1.00 30.42  ? 214 HOH A O     1 
HETATM 686 O  O     . HOH H 5 .  ? 12.118  -3.843  -3.329  1.00 35.66  ? 215 HOH A O     1 
HETATM 687 O  O     . HOH H 5 .  ? 4.712   3.039   -0.420  1.00 35.89  ? 216 HOH A O     1 
HETATM 688 O  O     . HOH H 5 .  ? 7.054   10.649  -7.241  0.33 29.36  ? 217 HOH A O     1 
HETATM 689 O  O     . HOH H 5 .  ? 5.250   -2.061  4.366   1.00 28.78  ? 218 HOH A O     1 
HETATM 690 O  O     . HOH H 5 .  ? 7.555   12.985  -5.380  0.33 28.38  ? 219 HOH A O     1 
HETATM 691 O  O     . HOH H 5 .  ? 6.007   -0.848  0.399   1.00 27.99  ? 220 HOH A O     1 
HETATM 692 O  O     . HOH H 5 .  ? -8.883  -5.466  0.861   1.00 30.95  ? 221 HOH A O     1 
HETATM 693 O  O     . HOH H 5 .  ? -5.813  -8.000  -5.143  1.00 30.91  ? 222 HOH A O     1 
HETATM 694 O  O     . HOH H 5 .  ? 4.234   -11.232 -0.876  1.00 29.19  ? 223 HOH A O     1 
HETATM 695 O  O     . HOH H 5 .  ? 2.999   -3.077  0.727   1.00 38.50  ? 224 HOH A O     1 
HETATM 696 O  O     . HOH H 5 .  ? -7.079  -6.289  2.852   1.00 24.96  ? 225 HOH A O     1 
HETATM 697 O  O     . HOH H 5 .  ? 0.358   12.491  6.576   1.00 38.58  ? 226 HOH A O     1 
HETATM 698 O  O     . HOH H 5 .  ? 2.951   8.481   1.278   1.00 39.08  ? 227 HOH A O     1 
HETATM 699 O  O     . HOH H 5 .  ? -2.081  -4.482  -2.061  1.00 29.98  ? 228 HOH A O     1 
HETATM 700 O  O     . HOH H 5 .  ? 9.618   9.347   -0.736  1.00 34.01  ? 229 HOH A O     1 
HETATM 701 O  O     . HOH H 5 .  ? 2.655   -0.239  -0.447  1.00 37.10  ? 230 HOH A O     1 
HETATM 702 O  O     . HOH H 5 .  ? 2.653   -3.350  4.904   1.00 28.48  ? 231 HOH A O     1 
HETATM 703 O  O     . HOH H 5 .  ? -5.096  -9.339  -9.349  1.00 34.17  ? 232 HOH A O     1 
HETATM 704 O  O     . HOH H 5 .  ? -2.960  -6.437  -4.991  1.00 31.14  ? 233 HOH A O     1 
HETATM 705 O  O     . HOH H 5 .  ? 5.114   -4.555  5.817   1.00 25.32  ? 234 HOH A O     1 
HETATM 706 O  O     . HOH H 5 .  ? 3.270   -0.082  3.139   1.00 41.20  ? 235 HOH A O     1 
HETATM 707 O  O     . HOH H 5 .  ? -15.673 19.560  4.898   0.33 45.49  ? 236 HOH A O     1 
HETATM 708 O  O     . HOH I 5 .  ? -1.449  -6.984  -8.720  1.00 36.80  ? 201 HOH B O     1 
HETATM 709 O  O     . HOH I 5 .  ? -1.739  -1.680  -16.099 1.00 33.34  ? 202 HOH B O     1 
HETATM 710 O  O     . HOH I 5 .  ? 3.342   -0.972  6.015   1.00 30.87  ? 203 HOH B O     1 
HETATM 711 O  O     . HOH I 5 .  ? -1.829  -4.306  -6.246  1.00 36.81  ? 204 HOH B O     1 
HETATM 712 O  O     . HOH I 5 .  ? 4.264   -2.353  -17.600 0.33 27.00  ? 205 HOH B O     1 
HETATM 713 O  O     . HOH I 5 .  ? -10.487 -2.142  2.310   1.00 28.37  ? 206 HOH B O     1 
HETATM 714 O  O     . HOH I 5 .  ? -5.460  8.992   -2.520  1.00 40.94  ? 207 HOH B O     1 
HETATM 715 O  O     . HOH I 5 .  ? 4.755   1.503   6.281   1.00 33.97  ? 208 HOH B O     1 
HETATM 716 O  O     . HOH I 5 .  ? 4.132   5.154   7.172   1.00 34.23  ? 209 HOH B O     1 
HETATM 717 O  O     . HOH I 5 .  ? 0.836   -6.632  -12.095 1.00 36.87  ? 210 HOH B O     1 
HETATM 718 O  O     . HOH I 5 .  ? -3.189  0.312   -5.851  1.00 31.55  ? 211 HOH B O     1 
HETATM 719 O  O     . HOH I 5 .  ? 4.772   0.014   -15.714 0.33 31.42  ? 212 HOH B O     1 
HETATM 720 O  O     . HOH I 5 .  ? -5.903  0.514   -1.982  1.00 31.36  ? 213 HOH B O     1 
HETATM 721 O  O     . HOH I 5 .  ? 5.875   -2.175  7.235   1.00 29.29  ? 214 HOH B O     1 
HETATM 722 O  O     . HOH I 5 .  ? -0.428  1.302   0.865   1.00 38.35  ? 215 HOH B O     1 
HETATM 723 O  O     . HOH I 5 .  ? -5.866  0.952   -5.945  1.00 31.46  ? 216 HOH B O     1 
HETATM 724 O  O     . HOH I 5 .  ? -0.604  -0.194  4.864   1.00 31.33  ? 217 HOH B O     1 
HETATM 725 O  O     . HOH I 5 .  ? -5.557  -3.833  2.505   1.00 29.44  ? 218 HOH B O     1 
HETATM 726 O  O     . HOH I 5 .  ? 7.928   -1.810  11.541  1.00 29.25  ? 219 HOH B O     1 
HETATM 727 O  O     . HOH I 5 .  ? 6.656   3.850   8.042   1.00 32.65  ? 220 HOH B O     1 
HETATM 728 O  O     . HOH I 5 .  ? -7.400  -3.087  0.291   1.00 28.44  ? 221 HOH B O     1 
HETATM 729 O  O     . HOH I 5 .  ? -0.238  -13.720 -9.798  1.00 35.22  ? 222 HOH B O     1 
HETATM 730 O  O     . HOH I 5 .  ? 0.650   1.854   3.268   1.00 38.34  ? 223 HOH B O     1 
HETATM 731 O  O     . HOH I 5 .  ? -4.330  -0.259  1.669   1.00 33.73  ? 224 HOH B O     1 
HETATM 732 O  O     . HOH I 5 .  ? 2.492   -14.216 -10.872 1.00 38.98  ? 225 HOH B O     1 
HETATM 733 O  O     . HOH I 5 .  ? 2.500   -10.480 -11.841 1.00 31.76  ? 226 HOH B O     1 
HETATM 734 O  O     . HOH I 5 .  ? -0.072  -10.395 -10.806 1.00 34.75  ? 227 HOH B O     1 
HETATM 735 O  O     . HOH I 5 .  ? 3.260   -3.370  7.756   1.00 22.58  ? 228 HOH B O     1 
HETATM 736 O  O     . HOH I 5 .  ? 4.908   9.521   7.348   1.00 38.14  ? 229 HOH B O     1 
HETATM 737 O  O     . HOH I 5 .  ? 5.444   3.147   -13.218 0.33 40.73  ? 230 HOH B O     1 
HETATM 738 O  O     . HOH I 5 .  ? 2.119   5.057   4.988   1.00 34.36  ? 231 HOH B O     1 
HETATM 739 O  O     . HOH I 5 .  ? -8.322  -3.671  2.887   1.00 26.25  ? 232 HOH B O     1 
HETATM 740 O  O     . HOH I 5 .  ? -3.035  -3.079  -8.361  1.00 27.34  ? 233 HOH B O     1 
# 
